data_1UX2
#
_entry.id   1UX2
#
_cell.length_a   140.639
_cell.length_b   140.639
_cell.length_c   238.257
_cell.angle_alpha   90.00
_cell.angle_beta   90.00
_cell.angle_gamma   90.00
#
_symmetry.space_group_name_H-M   'P 41 21 2'
#
loop_
_entity.id
_entity.type
_entity.pdbx_description
1 polymer 'ACETYLCHOLINE BINDING PROTEIN'
2 non-polymer '4-(2-HYDROXYETHYL)-1-PIPERAZINE ETHANESULFONIC ACID'
3 non-polymer 2-acetamido-2-deoxy-beta-D-glucopyranose
4 non-polymer 'SULFATE ION'
5 non-polymer 'AMMONIUM ION'
6 water water
#
_entity_poly.entity_id   1
_entity_poly.type   'polypeptide(L)'
_entity_poly.pdbx_seq_one_letter_code
;VEFDRADILYNIRQTSRPDVIPTQRDRPVAVSVSLKFINILEVNEITNEVDVVFWQQTTWSDRTLAWNSSHSPDQVSVPI
SSLWVPDLAAYNAISKPEVLTPQLARVVSDGEVLYMPSIRQRFSCDVSGVDTESGATCRIKIGSWTHHSREISVDPTTEN
SDDSEYFSQYSRFEILDVTQKKNSVTYSCCPEAYEDVEVSLNFRKKGRSEIL
;
_entity_poly.pdbx_strand_id   A,B,C,D,E,F,G,H,I,J
#
loop_
_chem_comp.id
_chem_comp.type
_chem_comp.name
_chem_comp.formula
EPE non-polymer '4-(2-HYDROXYETHYL)-1-PIPERAZINE ETHANESULFONIC ACID' 'C8 H18 N2 O4 S'
NAG D-saccharide, beta linking 2-acetamido-2-deoxy-beta-D-glucopyranose 'C8 H15 N O6'
NH4 non-polymer 'AMMONIUM ION' 'H4 N 1'
SO4 non-polymer 'SULFATE ION' 'O4 S -2'
#
# COMPACT_ATOMS: atom_id res chain seq x y z
N VAL A 1 -4.04 8.77 32.07
CA VAL A 1 -3.56 9.49 30.82
C VAL A 1 -4.55 9.29 29.67
N GLU A 2 -5.03 10.43 29.14
CA GLU A 2 -5.92 10.51 27.99
C GLU A 2 -5.22 10.09 26.69
N PHE A 3 -4.23 10.89 26.26
CA PHE A 3 -3.35 10.52 25.16
C PHE A 3 -1.95 10.21 25.70
N ASP A 4 -1.50 8.97 25.60
CA ASP A 4 -0.10 8.70 25.89
C ASP A 4 0.79 9.11 24.71
N ARG A 5 2.09 8.99 24.89
CA ARG A 5 3.03 9.42 23.87
C ARG A 5 2.84 8.69 22.55
N ALA A 6 2.48 7.40 22.61
CA ALA A 6 2.20 6.63 21.41
C ALA A 6 1.05 7.23 20.58
N ASP A 7 -0.01 7.66 21.26
CA ASP A 7 -1.18 8.27 20.63
C ASP A 7 -0.85 9.61 20.02
N ILE A 8 -0.04 10.40 20.73
CA ILE A 8 0.38 11.71 20.26
C ILE A 8 1.21 11.58 18.97
N LEU A 9 2.19 10.68 19.01
CA LEU A 9 3.05 10.45 17.88
C LEU A 9 2.31 9.82 16.70
N TYR A 10 1.40 8.92 16.99
CA TYR A 10 0.53 8.32 15.98
C TYR A 10 -0.30 9.41 15.27
N ASN A 11 -0.94 10.27 16.06
CA ASN A 11 -1.76 11.36 15.49
C ASN A 11 -0.93 12.31 14.64
N ILE A 12 0.27 12.68 15.12
CA ILE A 12 1.16 13.54 14.35
C ILE A 12 1.60 12.86 13.07
N ARG A 13 2.05 11.61 13.18
CA ARG A 13 2.50 10.87 12.02
C ARG A 13 1.44 10.75 10.94
N GLN A 14 0.19 10.53 11.35
CA GLN A 14 -0.91 10.33 10.43
C GLN A 14 -1.45 11.59 9.75
N THR A 15 -1.28 12.75 10.39
CA THR A 15 -1.95 13.98 9.92
C THR A 15 -1.02 15.16 9.69
N SER A 16 0.22 15.05 10.15
CA SER A 16 1.19 16.09 9.86
C SER A 16 1.49 15.98 8.36
N ARG A 17 1.43 17.13 7.70
CA ARG A 17 1.70 17.25 6.27
C ARG A 17 3.02 18.01 6.14
N PRO A 18 4.14 17.27 6.06
CA PRO A 18 5.47 17.86 6.12
C PRO A 18 5.81 18.72 4.92
N ASP A 19 5.10 18.54 3.82
CA ASP A 19 5.28 19.44 2.68
C ASP A 19 4.46 20.75 2.75
N VAL A 20 3.69 20.97 3.81
CA VAL A 20 2.75 22.11 3.88
C VAL A 20 3.16 23.16 4.93
N ILE A 21 3.54 24.35 4.46
CA ILE A 21 3.90 25.46 5.34
C ILE A 21 2.69 25.81 6.25
N PRO A 22 2.91 25.92 7.56
CA PRO A 22 1.81 26.20 8.50
C PRO A 22 1.47 27.66 8.66
N THR A 23 1.14 28.31 7.54
CA THR A 23 0.57 29.65 7.59
C THR A 23 -0.81 29.60 8.26
N GLN A 24 -1.14 30.70 8.92
CA GLN A 24 -2.42 30.94 9.54
C GLN A 24 -2.82 32.33 9.05
N ARG A 25 -4.10 32.55 8.76
CA ARG A 25 -4.63 33.90 8.46
C ARG A 25 -3.83 34.65 7.37
N ASP A 26 -3.09 33.90 6.54
CA ASP A 26 -2.23 34.51 5.52
C ASP A 26 -1.14 35.44 6.08
N ARG A 27 -0.75 35.17 7.33
CA ARG A 27 0.41 35.79 7.96
C ARG A 27 1.59 34.84 7.76
N PRO A 28 2.82 35.37 7.74
CA PRO A 28 4.00 34.51 7.58
C PRO A 28 4.18 33.62 8.79
N VAL A 29 4.78 32.45 8.60
CA VAL A 29 5.27 31.67 9.72
C VAL A 29 6.49 32.39 10.29
N ALA A 30 6.41 32.72 11.56
CA ALA A 30 7.51 33.37 12.26
C ALA A 30 8.50 32.31 12.70
N VAL A 31 9.65 32.27 12.02
CA VAL A 31 10.74 31.34 12.35
C VAL A 31 11.82 32.11 13.10
N SER A 32 12.16 31.63 14.30
CA SER A 32 13.27 32.14 15.08
C SER A 32 14.51 31.32 14.82
N VAL A 33 15.63 32.01 14.54
CA VAL A 33 16.88 31.36 14.20
C VAL A 33 17.99 31.94 15.07
N SER A 34 18.74 31.06 15.72
CA SER A 34 19.86 31.50 16.55
C SER A 34 21.00 30.49 16.40
N LEU A 35 22.19 30.95 16.05
CA LEU A 35 23.35 30.06 16.01
C LEU A 35 24.09 30.11 17.35
N LYS A 36 24.38 28.93 17.89
CA LYS A 36 25.27 28.78 19.05
C LYS A 36 26.54 28.08 18.57
N PHE A 37 27.64 28.81 18.59
CA PHE A 37 28.90 28.27 18.09
C PHE A 37 29.52 27.30 19.09
N ILE A 38 29.95 26.14 18.58
CA ILE A 38 30.50 25.09 19.40
C ILE A 38 32.00 24.96 19.16
N ASN A 39 32.39 25.12 17.89
CA ASN A 39 33.78 25.00 17.51
C ASN A 39 34.10 25.73 16.22
N ILE A 40 35.34 26.21 16.14
CA ILE A 40 35.90 26.72 14.90
C ILE A 40 37.09 25.81 14.61
N LEU A 41 36.96 25.01 13.55
CA LEU A 41 37.84 23.86 13.34
C LEU A 41 39.03 24.16 12.43
N GLU A 42 38.79 24.97 11.41
CA GLU A 42 39.79 25.27 10.41
C GLU A 42 39.49 26.64 9.82
N VAL A 43 40.53 27.41 9.65
CA VAL A 43 40.44 28.78 9.17
C VAL A 43 41.54 28.98 8.12
N ASN A 44 41.23 29.67 7.05
CA ASN A 44 42.20 29.93 6.01
C ASN A 44 42.10 31.38 5.56
N GLU A 45 43.07 32.20 5.97
CA GLU A 45 43.03 33.63 5.69
C GLU A 45 43.31 33.97 4.23
N ILE A 46 43.99 33.06 3.54
CA ILE A 46 44.29 33.23 2.12
C ILE A 46 43.02 33.01 1.28
N THR A 47 42.30 31.92 1.54
CA THR A 47 41.11 31.60 0.76
C THR A 47 39.83 32.22 1.32
N ASN A 48 39.91 32.79 2.53
CA ASN A 48 38.73 33.33 3.23
C ASN A 48 37.63 32.26 3.43
N GLU A 49 38.04 31.13 3.99
CA GLU A 49 37.12 30.02 4.26
C GLU A 49 37.24 29.57 5.72
N VAL A 50 36.11 29.23 6.34
CA VAL A 50 36.08 28.71 7.72
C VAL A 50 35.26 27.44 7.79
N ASP A 51 35.67 26.55 8.69
CA ASP A 51 34.99 25.31 8.97
C ASP A 51 34.53 25.41 10.42
N VAL A 52 33.22 25.33 10.63
CA VAL A 52 32.59 25.68 11.92
C VAL A 52 31.54 24.65 12.34
N VAL A 53 31.40 24.46 13.66
CA VAL A 53 30.38 23.60 14.24
C VAL A 53 29.46 24.50 15.08
N PHE A 54 28.17 24.43 14.80
CA PHE A 54 27.20 25.27 15.48
C PHE A 54 25.86 24.56 15.67
N TRP A 55 25.16 24.91 16.75
CA TRP A 55 23.77 24.51 16.90
C TRP A 55 22.89 25.51 16.21
N GLN A 56 22.08 25.03 15.27
CA GLN A 56 21.19 25.91 14.51
C GLN A 56 19.84 25.83 15.18
N GLN A 57 19.66 26.67 16.19
CA GLN A 57 18.47 26.64 17.01
C GLN A 57 17.28 27.28 16.31
N THR A 58 16.29 26.44 15.96
CA THR A 58 15.18 26.88 15.10
C THR A 58 13.87 26.61 15.82
N THR A 59 13.06 27.67 15.98
CA THR A 59 11.71 27.51 16.54
C THR A 59 10.65 28.16 15.67
N TRP A 60 9.47 27.56 15.66
CA TRP A 60 8.33 28.07 14.92
C TRP A 60 7.09 27.41 15.50
N SER A 61 5.95 27.90 15.09
CA SER A 61 4.69 27.34 15.52
C SER A 61 3.99 26.64 14.36
N ASP A 62 3.46 25.46 14.64
CA ASP A 62 2.63 24.74 13.70
C ASP A 62 1.43 24.19 14.45
N ARG A 63 0.34 24.94 14.41
CA ARG A 63 -0.90 24.60 15.11
C ARG A 63 -1.56 23.33 14.65
N THR A 64 -1.22 22.83 13.45
CA THR A 64 -1.82 21.56 13.03
C THR A 64 -1.26 20.38 13.84
N LEU A 65 -0.22 20.65 14.63
CA LEU A 65 0.41 19.66 15.49
C LEU A 65 -0.18 19.60 16.91
N ALA A 66 -0.91 20.64 17.29
CA ALA A 66 -1.38 20.81 18.65
C ALA A 66 -2.29 19.68 19.08
N TRP A 67 -2.29 19.38 20.37
CA TRP A 67 -3.22 18.43 20.96
C TRP A 67 -3.63 18.93 22.34
N ASN A 68 -4.76 18.42 22.81
CA ASN A 68 -5.24 18.71 24.16
C ASN A 68 -4.38 17.98 25.19
N SER A 69 -3.58 18.72 25.95
CA SER A 69 -2.70 18.12 26.96
C SER A 69 -3.13 18.35 28.43
N SER A 70 -4.42 18.58 28.65
CA SER A 70 -4.90 18.79 30.02
C SER A 70 -4.64 17.56 30.90
N HIS A 71 -4.72 16.37 30.30
CA HIS A 71 -4.43 15.10 30.98
C HIS A 71 -3.45 14.21 30.20
N SER A 72 -2.52 14.83 29.46
CA SER A 72 -1.57 14.11 28.63
C SER A 72 -0.22 14.80 28.73
N PRO A 73 0.86 14.11 28.37
CA PRO A 73 2.18 14.74 28.20
C PRO A 73 2.08 15.95 27.27
N ASP A 74 2.76 17.05 27.60
CA ASP A 74 2.64 18.25 26.79
C ASP A 74 3.79 18.44 25.78
N GLN A 75 4.66 17.43 25.69
CA GLN A 75 5.83 17.47 24.81
C GLN A 75 6.22 16.07 24.33
N VAL A 76 6.64 15.97 23.08
CA VAL A 76 7.20 14.74 22.51
C VAL A 76 8.33 15.12 21.58
N SER A 77 9.21 14.16 21.30
CA SER A 77 10.22 14.27 20.25
C SER A 77 9.75 13.54 18.99
N VAL A 78 9.93 14.15 17.83
CA VAL A 78 9.30 13.72 16.58
C VAL A 78 10.36 13.74 15.49
N PRO A 79 10.50 12.69 14.69
CA PRO A 79 11.44 12.73 13.57
C PRO A 79 11.06 13.89 12.64
N ILE A 80 12.03 14.72 12.27
CA ILE A 80 11.70 15.88 11.39
C ILE A 80 11.05 15.43 10.08
N SER A 81 11.29 14.19 9.68
CA SER A 81 10.65 13.59 8.52
C SER A 81 9.12 13.53 8.62
N SER A 82 8.59 13.61 9.83
CA SER A 82 7.16 13.67 10.02
C SER A 82 6.63 15.10 10.21
N LEU A 83 7.50 16.12 10.14
CA LEU A 83 7.09 17.50 10.36
C LEU A 83 7.44 18.39 9.18
N TRP A 84 6.71 19.48 9.03
CA TRP A 84 7.16 20.52 8.10
C TRP A 84 8.29 21.20 8.82
N VAL A 85 9.38 21.47 8.10
CA VAL A 85 10.52 22.20 8.65
C VAL A 85 10.81 23.35 7.68
N PRO A 86 11.19 24.52 8.20
CA PRO A 86 11.58 25.64 7.34
C PRO A 86 12.81 25.36 6.46
N ASP A 87 12.73 25.78 5.19
CA ASP A 87 13.76 25.50 4.19
C ASP A 87 14.92 26.49 4.26
N LEU A 88 15.52 26.55 5.45
CA LEU A 88 16.60 27.48 5.74
C LEU A 88 17.91 27.05 5.09
N ALA A 89 18.63 28.03 4.54
CA ALA A 89 19.95 27.79 3.99
C ALA A 89 20.85 28.94 4.37
N ALA A 90 22.11 28.64 4.66
CA ALA A 90 23.13 29.67 4.80
C ALA A 90 23.60 30.09 3.40
N TYR A 91 23.44 31.36 3.09
CA TYR A 91 23.68 31.92 1.78
C TYR A 91 25.13 31.79 1.34
N ASN A 92 26.07 31.90 2.29
CA ASN A 92 27.47 31.83 1.95
C ASN A 92 28.15 30.52 2.33
N ALA A 93 27.36 29.47 2.56
CA ALA A 93 27.89 28.13 2.80
C ALA A 93 28.53 27.62 1.52
N ILE A 94 29.69 26.98 1.64
CA ILE A 94 30.36 26.38 0.49
C ILE A 94 30.43 24.85 0.59
N SER A 95 29.74 24.28 1.56
CA SER A 95 29.58 22.83 1.70
C SER A 95 28.15 22.55 2.15
N LYS A 96 27.62 21.35 1.86
CA LYS A 96 26.32 20.90 2.39
C LYS A 96 26.42 20.83 3.92
N PRO A 97 25.37 21.23 4.64
CA PRO A 97 25.36 21.09 6.08
C PRO A 97 25.51 19.62 6.49
N GLU A 98 26.54 19.33 7.28
CA GLU A 98 26.71 18.01 7.88
C GLU A 98 26.00 18.05 9.24
N VAL A 99 24.88 17.34 9.33
CA VAL A 99 24.13 17.29 10.56
C VAL A 99 24.70 16.20 11.46
N LEU A 100 25.17 16.61 12.63
CA LEU A 100 25.88 15.67 13.52
C LEU A 100 24.96 14.90 14.46
N THR A 101 23.74 15.40 14.64
CA THR A 101 22.86 14.89 15.70
C THR A 101 21.62 14.18 15.17
N PRO A 102 20.96 13.40 16.04
CA PRO A 102 19.70 12.76 15.64
C PRO A 102 18.68 13.79 15.11
N GLN A 103 17.95 13.39 14.06
CA GLN A 103 17.11 14.30 13.31
C GLN A 103 15.70 14.35 13.86
N LEU A 104 15.62 14.79 15.13
CA LEU A 104 14.36 14.85 15.87
C LEU A 104 14.14 16.29 16.26
N ALA A 105 12.89 16.71 16.22
CA ALA A 105 12.52 17.97 16.84
C ALA A 105 11.64 17.75 18.07
N ARG A 106 11.54 18.77 18.90
CA ARG A 106 10.70 18.72 20.06
C ARG A 106 9.42 19.50 19.76
N VAL A 107 8.28 18.88 20.02
CA VAL A 107 6.98 19.48 19.76
C VAL A 107 6.20 19.62 21.07
N VAL A 108 5.66 20.80 21.30
CA VAL A 108 4.90 21.12 22.51
C VAL A 108 3.43 21.07 22.11
N SER A 109 2.57 20.76 23.07
CA SER A 109 1.18 20.52 22.80
C SER A 109 0.45 21.73 22.22
N ASP A 110 1.03 22.93 22.29
CA ASP A 110 0.40 24.09 21.65
C ASP A 110 0.85 24.27 20.21
N GLY A 111 1.67 23.34 19.71
CA GLY A 111 2.12 23.34 18.33
C GLY A 111 3.45 24.04 18.14
N GLU A 112 4.09 24.45 19.24
CA GLU A 112 5.43 25.03 19.18
C GLU A 112 6.46 23.96 18.93
N VAL A 113 7.24 24.16 17.86
CA VAL A 113 8.33 23.25 17.47
C VAL A 113 9.70 23.86 17.73
N LEU A 114 10.60 23.05 18.28
CA LEU A 114 12.01 23.41 18.44
C LEU A 114 12.87 22.32 17.80
N TYR A 115 13.73 22.76 16.92
CA TYR A 115 14.64 21.89 16.23
C TYR A 115 16.00 22.54 16.35
N MET A 116 16.94 21.80 16.92
CA MET A 116 18.30 22.31 17.13
C MET A 116 19.39 21.32 16.70
N PRO A 117 19.58 21.11 15.39
CA PRO A 117 20.66 20.25 14.91
C PRO A 117 22.04 20.86 15.20
N SER A 118 23.01 20.00 15.51
CA SER A 118 24.40 20.43 15.49
C SER A 118 24.90 20.23 14.07
N ILE A 119 25.40 21.32 13.48
CA ILE A 119 25.85 21.30 12.10
C ILE A 119 27.33 21.64 11.97
N ARG A 120 28.04 20.85 11.16
CA ARG A 120 29.35 21.24 10.70
C ARG A 120 29.23 21.73 9.25
N GLN A 121 29.73 22.92 8.99
CA GLN A 121 29.60 23.49 7.64
C GLN A 121 30.74 24.46 7.36
N ARG A 122 31.12 24.57 6.08
CA ARG A 122 32.17 25.48 5.66
C ARG A 122 31.56 26.75 5.05
N PHE A 123 32.22 27.89 5.29
CA PHE A 123 31.70 29.17 4.86
C PHE A 123 32.75 30.01 4.17
N SER A 124 32.27 30.81 3.23
CA SER A 124 33.08 31.83 2.61
C SER A 124 32.72 33.13 3.31
N CYS A 125 33.70 33.73 3.96
CA CYS A 125 33.49 34.96 4.70
C CYS A 125 34.84 35.57 5.06
N ASP A 126 34.79 36.74 5.69
CA ASP A 126 35.99 37.55 5.96
C ASP A 126 36.81 36.98 7.11
N VAL A 127 38.00 36.48 6.78
CA VAL A 127 38.87 35.84 7.75
C VAL A 127 40.04 36.77 8.13
N SER A 128 40.17 37.89 7.42
CA SER A 128 41.24 38.86 7.64
C SER A 128 41.24 39.36 9.08
N GLY A 129 42.42 39.46 9.67
CA GLY A 129 42.57 39.91 11.05
C GLY A 129 42.44 38.81 12.10
N VAL A 130 42.22 37.56 11.66
CA VAL A 130 42.01 36.43 12.57
C VAL A 130 43.13 36.28 13.62
N ASP A 131 44.37 36.60 13.22
CA ASP A 131 45.51 36.47 14.11
C ASP A 131 45.93 37.82 14.71
N THR A 132 44.97 38.73 14.87
CA THR A 132 45.19 40.00 15.57
C THR A 132 44.31 40.05 16.81
N GLU A 133 44.52 41.04 17.66
CA GLU A 133 43.74 41.21 18.88
C GLU A 133 42.27 41.55 18.62
N SER A 134 42.03 42.31 17.55
CA SER A 134 40.68 42.67 17.12
C SER A 134 39.93 41.48 16.56
N GLY A 135 40.67 40.55 15.95
CA GLY A 135 40.12 39.33 15.42
C GLY A 135 39.47 39.51 14.07
N ALA A 136 38.97 38.41 13.51
CA ALA A 136 38.20 38.42 12.26
C ALA A 136 36.72 38.51 12.58
N THR A 137 35.95 39.04 11.63
CA THR A 137 34.51 39.04 11.72
C THR A 137 33.89 38.32 10.53
N CYS A 138 33.47 37.10 10.78
CA CYS A 138 32.84 36.25 9.79
C CYS A 138 31.31 36.32 9.90
N ARG A 139 30.69 36.72 8.80
CA ARG A 139 29.25 36.86 8.73
C ARG A 139 28.59 35.69 7.99
N ILE A 140 27.57 35.12 8.61
CA ILE A 140 26.82 34.03 8.02
C ILE A 140 25.37 34.45 7.91
N LYS A 141 24.85 34.40 6.68
CA LYS A 141 23.45 34.74 6.43
C LYS A 141 22.60 33.47 6.28
N ILE A 142 21.55 33.36 7.11
CA ILE A 142 20.60 32.25 7.01
C ILE A 142 19.19 32.73 6.72
N GLY A 143 18.58 32.21 5.65
CA GLY A 143 17.19 32.50 5.37
C GLY A 143 16.54 31.37 4.60
N SER A 144 15.24 31.53 4.33
CA SER A 144 14.48 30.58 3.56
C SER A 144 14.92 30.60 2.11
N TRP A 145 15.15 29.43 1.57
CA TRP A 145 15.57 29.34 0.18
C TRP A 145 14.45 29.73 -0.79
N THR A 146 13.21 29.33 -0.51
CA THR A 146 12.16 29.50 -1.49
C THR A 146 10.94 30.29 -0.98
N HIS A 147 10.87 30.60 0.32
CA HIS A 147 9.70 31.29 0.83
C HIS A 147 10.05 32.74 1.08
N HIS A 148 9.29 33.64 0.49
CA HIS A 148 9.49 35.07 0.70
C HIS A 148 8.85 35.55 2.01
N SER A 149 8.94 36.85 2.28
CA SER A 149 8.61 37.44 3.58
C SER A 149 7.13 37.35 4.00
N ARG A 150 6.22 37.25 3.04
CA ARG A 150 4.80 37.00 3.35
C ARG A 150 4.51 35.56 3.82
N GLU A 151 5.47 34.66 3.63
CA GLU A 151 5.28 33.27 3.95
C GLU A 151 6.17 32.80 5.09
N ILE A 152 7.43 33.26 5.09
CA ILE A 152 8.33 33.04 6.23
C ILE A 152 9.00 34.33 6.62
N SER A 153 8.86 34.70 7.89
CA SER A 153 9.66 35.76 8.47
C SER A 153 10.74 35.10 9.34
N VAL A 154 11.93 35.67 9.34
CA VAL A 154 13.03 35.06 10.08
C VAL A 154 13.55 36.09 11.08
N ASP A 155 13.63 35.71 12.35
CA ASP A 155 14.09 36.63 13.39
C ASP A 155 15.13 35.99 14.30
N PRO A 156 16.08 36.80 14.79
CA PRO A 156 17.04 36.36 15.82
C PRO A 156 16.37 36.12 17.18
N THR A 157 17.14 36.08 18.28
CA THR A 157 16.58 35.84 19.63
C THR A 157 17.24 36.72 20.69
N THR A 158 17.17 36.27 21.96
CA THR A 158 17.68 37.03 23.11
C THR A 158 18.99 36.47 23.68
N GLU A 159 19.82 37.38 24.18
CA GLU A 159 21.17 37.09 24.66
C GLU A 159 21.27 36.64 26.12
N ASN A 160 20.47 35.64 26.50
CA ASN A 160 20.45 35.17 27.89
C ASN A 160 21.80 34.63 28.34
N SER A 161 22.37 33.75 27.51
CA SER A 161 23.68 33.12 27.75
C SER A 161 24.84 33.88 27.09
N ASP A 162 26.03 33.76 27.69
CA ASP A 162 27.28 34.22 27.09
C ASP A 162 27.46 33.63 25.68
N ASP A 163 28.25 34.33 24.86
CA ASP A 163 28.48 33.93 23.47
C ASP A 163 29.27 32.62 23.32
N SER A 164 30.15 32.35 24.30
CA SER A 164 30.97 31.14 24.35
C SER A 164 30.43 30.11 25.36
N GLU A 165 29.14 30.23 25.69
CA GLU A 165 28.51 29.35 26.67
C GLU A 165 28.76 27.86 26.38
N TYR A 166 28.69 27.49 25.11
CA TYR A 166 28.85 26.10 24.69
C TYR A 166 30.06 25.91 23.78
N PHE A 167 30.79 26.99 23.54
CA PHE A 167 31.98 26.95 22.71
C PHE A 167 33.11 26.13 23.37
N SER A 168 33.77 25.29 22.57
CA SER A 168 34.87 24.45 23.04
C SER A 168 36.05 25.23 23.57
N GLN A 169 36.44 24.93 24.80
CA GLN A 169 37.65 25.49 25.40
C GLN A 169 38.92 24.95 24.73
N TYR A 170 38.78 23.93 23.89
CA TYR A 170 39.93 23.26 23.30
C TYR A 170 40.19 23.71 21.86
N SER A 171 39.29 24.53 21.33
CA SER A 171 39.50 25.16 20.04
C SER A 171 40.78 26.00 20.06
N ARG A 172 41.46 26.06 18.92
CA ARG A 172 42.59 26.95 18.70
C ARG A 172 42.16 28.42 18.73
N PHE A 173 40.87 28.66 18.56
CA PHE A 173 40.31 30.00 18.47
C PHE A 173 39.45 30.33 19.68
N GLU A 174 39.15 31.62 19.85
CA GLU A 174 38.23 32.06 20.90
C GLU A 174 37.25 33.07 20.32
N ILE A 175 36.03 33.10 20.89
CA ILE A 175 34.98 34.01 20.44
C ILE A 175 35.03 35.29 21.24
N LEU A 176 35.06 36.41 20.52
CA LEU A 176 35.10 37.72 21.15
C LEU A 176 33.68 38.29 21.30
N ASP A 177 32.87 38.10 20.27
CA ASP A 177 31.49 38.55 20.28
C ASP A 177 30.72 37.84 19.17
N VAL A 178 29.44 37.62 19.42
CA VAL A 178 28.51 37.22 18.36
C VAL A 178 27.37 38.25 18.35
N THR A 179 27.02 38.74 17.17
CA THR A 179 25.75 39.47 17.05
C THR A 179 24.88 38.86 15.96
N GLN A 180 23.59 38.75 16.25
CA GLN A 180 22.63 38.17 15.32
C GLN A 180 21.56 39.20 14.98
N LYS A 181 21.52 39.64 13.71
CA LYS A 181 20.64 40.73 13.27
C LYS A 181 19.75 40.39 12.05
N LYS A 182 18.57 40.99 12.01
CA LYS A 182 17.57 40.71 10.99
C LYS A 182 17.72 41.55 9.72
N ASN A 183 17.60 40.92 8.54
CA ASN A 183 17.66 41.63 7.25
C ASN A 183 16.45 41.30 6.38
N SER A 184 16.05 42.22 5.50
CA SER A 184 15.00 41.91 4.54
C SER A 184 15.43 42.46 3.18
N VAL A 185 15.60 41.58 2.19
CA VAL A 185 16.38 41.94 1.02
C VAL A 185 15.54 41.64 -0.19
N THR A 186 15.37 42.63 -1.04
CA THR A 186 14.77 42.40 -2.34
C THR A 186 15.92 42.32 -3.36
N TYR A 187 16.06 41.15 -4.01
CA TYR A 187 17.11 40.87 -5.00
C TYR A 187 16.55 41.13 -6.38
N SER A 188 17.40 40.99 -7.40
CA SER A 188 17.01 41.23 -8.79
C SER A 188 16.36 40.02 -9.47
N CYS A 189 16.63 38.81 -8.94
CA CYS A 189 16.06 37.57 -9.45
C CYS A 189 14.56 37.51 -9.24
N CYS A 190 14.12 38.06 -8.12
CA CYS A 190 12.80 37.82 -7.58
C CYS A 190 12.16 39.13 -7.08
N PRO A 191 10.89 39.37 -7.43
CA PRO A 191 10.20 40.63 -7.09
C PRO A 191 9.80 40.76 -5.61
N GLU A 192 9.95 39.67 -4.85
CA GLU A 192 9.58 39.62 -3.44
C GLU A 192 10.78 39.84 -2.55
N ALA A 193 10.53 40.13 -1.28
CA ALA A 193 11.61 40.24 -0.33
C ALA A 193 11.84 38.91 0.40
N TYR A 194 13.10 38.57 0.63
CA TYR A 194 13.48 37.39 1.39
C TYR A 194 14.18 37.84 2.67
N GLU A 195 13.75 37.29 3.80
CA GLU A 195 14.30 37.66 5.10
C GLU A 195 15.43 36.75 5.45
N ASP A 196 16.43 37.29 6.15
CA ASP A 196 17.52 36.48 6.65
C ASP A 196 17.96 36.99 8.01
N VAL A 197 18.62 36.12 8.76
CA VAL A 197 19.34 36.53 9.96
C VAL A 197 20.80 36.44 9.61
N GLU A 198 21.51 37.51 9.89
CA GLU A 198 22.93 37.62 9.63
C GLU A 198 23.61 37.54 10.96
N VAL A 199 24.42 36.48 11.10
CA VAL A 199 25.19 36.22 12.31
C VAL A 199 26.61 36.69 12.09
N SER A 200 27.08 37.63 12.91
CA SER A 200 28.46 38.08 12.87
C SER A 200 29.30 37.45 13.96
N LEU A 201 30.19 36.57 13.56
CA LEU A 201 31.10 35.88 14.47
C LEU A 201 32.44 36.62 14.49
N ASN A 202 32.68 37.36 15.59
CA ASN A 202 33.97 37.99 15.85
C ASN A 202 34.84 37.04 16.67
N PHE A 203 35.94 36.59 16.08
CA PHE A 203 36.77 35.54 16.67
C PHE A 203 38.24 35.76 16.33
N ARG A 204 39.12 35.12 17.10
CA ARG A 204 40.55 35.26 16.89
C ARG A 204 41.29 34.00 17.32
N LYS A 205 42.48 33.81 16.73
CA LYS A 205 43.38 32.76 17.19
C LYS A 205 43.84 33.10 18.60
N LYS A 206 43.90 32.10 19.46
CA LYS A 206 44.41 32.27 20.82
C LYS A 206 45.90 32.60 20.78
N GLY A 207 46.34 33.40 21.74
CA GLY A 207 47.75 33.74 21.89
C GLY A 207 48.47 32.81 22.86
N GLU B 2 -10.68 29.07 -1.78
CA GLU B 2 -11.05 27.88 -2.63
C GLU B 2 -10.05 26.70 -2.56
N PHE B 3 -8.77 26.97 -2.76
CA PHE B 3 -7.74 25.98 -2.45
C PHE B 3 -6.72 26.63 -1.53
N ASP B 4 -6.58 26.14 -0.31
CA ASP B 4 -5.43 26.56 0.47
C ASP B 4 -4.17 25.79 0.03
N ARG B 5 -3.02 26.17 0.59
CA ARG B 5 -1.73 25.58 0.21
C ARG B 5 -1.70 24.06 0.45
N ALA B 6 -2.38 23.60 1.48
CA ALA B 6 -2.51 22.15 1.71
C ALA B 6 -3.18 21.43 0.51
N ASP B 7 -4.26 22.00 0.00
CA ASP B 7 -4.98 21.42 -1.13
C ASP B 7 -4.15 21.44 -2.40
N ILE B 8 -3.44 22.53 -2.64
CA ILE B 8 -2.61 22.67 -3.82
C ILE B 8 -1.51 21.61 -3.85
N LEU B 9 -0.84 21.47 -2.71
CA LEU B 9 0.25 20.52 -2.56
C LEU B 9 -0.24 19.08 -2.57
N TYR B 10 -1.39 18.81 -1.97
CA TYR B 10 -2.03 17.50 -2.02
C TYR B 10 -2.32 17.15 -3.47
N ASN B 11 -2.98 18.05 -4.22
CA ASN B 11 -3.28 17.77 -5.63
C ASN B 11 -2.02 17.53 -6.48
N ILE B 12 -1.00 18.35 -6.31
CA ILE B 12 0.26 18.13 -7.00
C ILE B 12 0.87 16.77 -6.65
N ARG B 13 1.03 16.49 -5.37
CA ARG B 13 1.61 15.22 -4.93
C ARG B 13 0.82 14.00 -5.43
N GLN B 14 -0.49 14.08 -5.48
CA GLN B 14 -1.29 12.97 -5.99
C GLN B 14 -1.27 12.76 -7.52
N THR B 15 -1.01 13.80 -8.30
CA THR B 15 -1.21 13.72 -9.76
C THR B 15 -0.03 14.12 -10.60
N SER B 16 0.96 14.73 -9.97
CA SER B 16 2.17 15.09 -10.67
C SER B 16 2.87 13.76 -10.94
N ARG B 17 3.25 13.57 -12.20
CA ARG B 17 3.94 12.36 -12.66
C ARG B 17 5.38 12.74 -12.94
N PRO B 18 6.25 12.60 -11.94
CA PRO B 18 7.63 13.13 -12.00
C PRO B 18 8.51 12.47 -13.05
N ASP B 19 8.07 11.35 -13.61
CA ASP B 19 8.86 10.69 -14.61
C ASP B 19 8.42 11.06 -16.01
N VAL B 20 7.37 11.87 -16.12
CA VAL B 20 6.76 12.21 -17.39
C VAL B 20 7.10 13.62 -17.86
N ILE B 21 7.82 13.71 -18.97
CA ILE B 21 8.17 15.00 -19.57
C ILE B 21 6.89 15.74 -20.02
N PRO B 22 6.74 17.02 -19.68
CA PRO B 22 5.53 17.81 -20.04
C PRO B 22 5.57 18.40 -21.41
N THR B 23 5.65 17.53 -22.41
CA THR B 23 5.65 17.95 -23.80
C THR B 23 4.21 18.32 -24.12
N GLN B 24 4.06 19.32 -24.98
CA GLN B 24 2.76 19.83 -25.40
C GLN B 24 2.75 19.86 -26.92
N ARG B 25 1.61 19.54 -27.54
CA ARG B 25 1.48 19.54 -29.01
C ARG B 25 2.67 18.89 -29.75
N ASP B 26 3.38 18.01 -29.04
CA ASP B 26 4.62 17.42 -29.55
C ASP B 26 5.70 18.50 -29.86
N ARG B 27 5.64 19.61 -29.14
CA ARG B 27 6.68 20.63 -29.16
C ARG B 27 7.59 20.33 -27.98
N PRO B 28 8.86 20.72 -28.07
CA PRO B 28 9.80 20.47 -26.97
C PRO B 28 9.45 21.29 -25.73
N VAL B 29 9.80 20.80 -24.54
CA VAL B 29 9.69 21.60 -23.34
C VAL B 29 10.81 22.62 -23.41
N ALA B 30 10.46 23.90 -23.31
CA ALA B 30 11.45 24.97 -23.26
C ALA B 30 11.99 25.09 -21.85
N VAL B 31 13.23 24.69 -21.69
CA VAL B 31 13.92 24.81 -20.40
C VAL B 31 14.92 25.95 -20.47
N SER B 32 14.75 26.94 -19.60
CA SER B 32 15.68 28.05 -19.49
C SER B 32 16.73 27.73 -18.44
N VAL B 33 17.99 27.94 -18.82
CA VAL B 33 19.11 27.65 -17.93
C VAL B 33 19.99 28.87 -17.76
N SER B 34 20.28 29.24 -16.52
CA SER B 34 21.19 30.36 -16.27
C SER B 34 22.06 30.07 -15.06
N LEU B 35 23.38 30.19 -15.22
CA LEU B 35 24.27 29.99 -14.08
C LEU B 35 24.59 31.34 -13.48
N LYS B 36 24.39 31.45 -12.17
CA LYS B 36 24.87 32.62 -11.40
C LYS B 36 26.01 32.15 -10.51
N PHE B 37 27.22 32.62 -10.80
CA PHE B 37 28.40 32.19 -10.07
C PHE B 37 28.48 32.87 -8.70
N ILE B 38 28.73 32.06 -7.68
CA ILE B 38 28.75 32.51 -6.28
C ILE B 38 30.17 32.49 -5.75
N ASN B 39 30.91 31.46 -6.14
CA ASN B 39 32.30 31.35 -5.73
C ASN B 39 33.15 30.53 -6.68
N ILE B 40 34.43 30.83 -6.71
CA ILE B 40 35.42 30.02 -7.37
C ILE B 40 36.39 29.64 -6.27
N LEU B 41 36.43 28.35 -5.95
CA LEU B 41 37.03 27.89 -4.71
C LEU B 41 38.46 27.41 -4.90
N GLU B 42 38.71 26.72 -6.00
CA GLU B 42 39.99 26.12 -6.24
C GLU B 42 40.20 26.06 -7.73
N VAL B 43 41.41 26.40 -8.14
CA VAL B 43 41.77 26.45 -9.54
C VAL B 43 43.14 25.78 -9.64
N ASN B 44 43.34 25.01 -10.69
CA ASN B 44 44.61 24.36 -10.94
C ASN B 44 44.97 24.49 -12.42
N GLU B 45 45.96 25.32 -12.71
CA GLU B 45 46.34 25.63 -14.09
C GLU B 45 47.11 24.48 -14.77
N ILE B 46 47.73 23.63 -13.95
CA ILE B 46 48.46 22.45 -14.44
C ILE B 46 47.48 21.37 -14.91
N THR B 47 46.48 21.06 -14.09
CA THR B 47 45.51 20.02 -14.44
C THR B 47 44.31 20.51 -15.24
N ASN B 48 44.15 21.84 -15.36
CA ASN B 48 42.99 22.46 -15.98
C ASN B 48 41.66 22.04 -15.30
N GLU B 49 41.57 22.25 -13.99
CA GLU B 49 40.41 21.86 -13.21
C GLU B 49 39.96 23.03 -12.32
N VAL B 50 38.66 23.27 -12.26
CA VAL B 50 38.11 24.29 -11.37
C VAL B 50 37.04 23.74 -10.45
N ASP B 51 36.96 24.30 -9.26
CA ASP B 51 35.96 23.96 -8.24
C ASP B 51 35.15 25.24 -8.02
N VAL B 52 33.85 25.16 -8.32
CA VAL B 52 33.01 26.36 -8.44
C VAL B 52 31.63 26.22 -7.76
N VAL B 53 31.14 27.29 -7.18
CA VAL B 53 29.80 27.28 -6.60
C VAL B 53 28.90 28.18 -7.44
N PHE B 54 27.77 27.65 -7.85
CA PHE B 54 26.86 28.42 -8.71
C PHE B 54 25.39 28.08 -8.46
N TRP B 55 24.52 29.06 -8.70
CA TRP B 55 23.09 28.79 -8.73
C TRP B 55 22.71 28.32 -10.12
N GLN B 56 22.22 27.09 -10.22
CA GLN B 56 21.72 26.60 -11.49
C GLN B 56 20.25 26.98 -11.67
N GLN B 57 20.00 28.20 -12.13
CA GLN B 57 18.66 28.69 -12.29
C GLN B 57 17.96 28.03 -13.46
N THR B 58 16.92 27.27 -13.17
CA THR B 58 16.22 26.49 -14.18
C THR B 58 14.74 26.75 -14.16
N THR B 59 14.19 27.08 -15.33
CA THR B 59 12.75 27.31 -15.44
C THR B 59 12.16 26.58 -16.62
N TRP B 60 10.93 26.12 -16.44
CA TRP B 60 10.17 25.51 -17.51
C TRP B 60 8.71 25.53 -17.14
N SER B 61 7.87 25.14 -18.07
CA SER B 61 6.45 25.06 -17.85
C SER B 61 6.01 23.61 -17.76
N ASP B 62 5.15 23.32 -16.79
CA ASP B 62 4.45 22.04 -16.72
C ASP B 62 2.96 22.32 -16.45
N ARG B 63 2.13 22.34 -17.47
CA ARG B 63 0.76 22.75 -17.24
C ARG B 63 -0.11 21.71 -16.51
N THR B 64 0.40 20.48 -16.33
CA THR B 64 -0.29 19.47 -15.53
C THR B 64 -0.23 19.82 -14.03
N LEU B 65 0.56 20.83 -13.69
CA LEU B 65 0.68 21.37 -12.34
C LEU B 65 -0.27 22.54 -12.09
N ALA B 66 -0.83 23.11 -13.15
CA ALA B 66 -1.63 24.32 -13.03
C ALA B 66 -2.87 24.09 -12.17
N TRP B 67 -3.31 25.15 -11.49
CA TRP B 67 -4.56 25.16 -10.75
C TRP B 67 -5.19 26.53 -10.90
N ASN B 68 -6.50 26.59 -10.64
CA ASN B 68 -7.26 27.84 -10.67
C ASN B 68 -6.94 28.67 -9.44
N SER B 69 -6.25 29.80 -9.64
CA SER B 69 -5.85 30.62 -8.49
C SER B 69 -6.61 31.94 -8.37
N SER B 70 -7.81 32.01 -8.92
CA SER B 70 -8.61 33.24 -8.82
C SER B 70 -8.94 33.62 -7.38
N HIS B 71 -9.09 32.62 -6.52
CA HIS B 71 -9.32 32.82 -5.09
C HIS B 71 -8.42 31.95 -4.23
N SER B 72 -7.22 31.67 -4.74
CA SER B 72 -6.24 30.84 -4.04
C SER B 72 -4.83 31.42 -4.17
N PRO B 73 -3.91 31.01 -3.30
CA PRO B 73 -2.49 31.34 -3.48
C PRO B 73 -2.03 30.97 -4.88
N ASP B 74 -1.20 31.80 -5.48
CA ASP B 74 -0.81 31.51 -6.86
C ASP B 74 0.58 30.87 -6.99
N GLN B 75 1.19 30.56 -5.85
CA GLN B 75 2.53 29.98 -5.78
C GLN B 75 2.72 29.07 -4.57
N VAL B 76 3.45 27.96 -4.76
CA VAL B 76 3.84 27.12 -3.64
C VAL B 76 5.24 26.57 -3.84
N SER B 77 5.89 26.15 -2.76
CA SER B 77 7.15 25.44 -2.85
C SER B 77 6.89 23.93 -2.74
N VAL B 78 7.47 23.17 -3.64
CA VAL B 78 7.19 21.74 -3.75
C VAL B 78 8.52 20.99 -3.76
N PRO B 79 8.65 19.88 -3.02
CA PRO B 79 9.87 19.05 -3.14
C PRO B 79 10.03 18.63 -4.60
N ILE B 80 11.24 18.67 -5.14
CA ILE B 80 11.45 18.28 -6.54
C ILE B 80 11.12 16.81 -6.79
N SER B 81 11.13 16.01 -5.73
CA SER B 81 10.79 14.61 -5.77
C SER B 81 9.35 14.40 -6.19
N SER B 82 8.52 15.44 -6.06
CA SER B 82 7.13 15.37 -6.49
C SER B 82 6.91 15.97 -7.88
N LEU B 83 7.96 16.47 -8.52
CA LEU B 83 7.85 17.10 -9.82
C LEU B 83 8.73 16.42 -10.87
N TRP B 84 8.37 16.52 -12.15
CA TRP B 84 9.31 16.23 -13.22
C TRP B 84 10.30 17.38 -13.27
N VAL B 85 11.59 17.06 -13.24
CA VAL B 85 12.66 18.05 -13.45
C VAL B 85 13.50 17.61 -14.66
N PRO B 86 13.94 18.56 -15.51
CA PRO B 86 14.78 18.24 -16.66
C PRO B 86 16.10 17.54 -16.25
N ASP B 87 16.48 16.51 -17.00
CA ASP B 87 17.69 15.74 -16.77
C ASP B 87 19.00 16.43 -17.24
N LEU B 88 19.26 17.61 -16.66
CA LEU B 88 20.35 18.46 -17.13
C LEU B 88 21.66 17.93 -16.55
N ALA B 89 22.72 18.04 -17.32
CA ALA B 89 24.04 17.61 -16.87
C ALA B 89 25.06 18.55 -17.53
N ALA B 90 26.05 18.97 -16.75
CA ALA B 90 27.21 19.68 -17.28
C ALA B 90 28.09 18.63 -17.93
N TYR B 91 28.37 18.81 -19.22
CA TYR B 91 29.11 17.87 -20.04
C TYR B 91 30.58 17.69 -19.61
N ASN B 92 31.17 18.77 -19.10
CA ASN B 92 32.57 18.71 -18.67
C ASN B 92 32.77 18.64 -17.14
N ALA B 93 31.70 18.36 -16.41
CA ALA B 93 31.81 18.13 -14.95
C ALA B 93 32.62 16.88 -14.73
N ILE B 94 33.50 16.93 -13.73
CA ILE B 94 34.33 15.79 -13.30
C ILE B 94 34.01 15.36 -11.88
N SER B 95 32.96 15.94 -11.31
CA SER B 95 32.43 15.48 -10.04
C SER B 95 30.92 15.52 -10.11
N LYS B 96 30.27 14.77 -9.22
CA LYS B 96 28.82 14.82 -9.03
C LYS B 96 28.42 16.19 -8.53
N PRO B 97 27.31 16.75 -9.02
CA PRO B 97 26.85 18.04 -8.49
C PRO B 97 26.52 17.90 -7.01
N GLU B 98 27.14 18.69 -6.16
CA GLU B 98 26.84 18.70 -4.73
C GLU B 98 25.82 19.81 -4.53
N VAL B 99 24.56 19.43 -4.32
CA VAL B 99 23.49 20.42 -4.12
C VAL B 99 23.52 20.92 -2.68
N LEU B 100 23.67 22.23 -2.51
CA LEU B 100 23.93 22.79 -1.18
C LEU B 100 22.66 23.21 -0.45
N THR B 101 21.56 23.25 -1.19
CA THR B 101 20.34 23.89 -0.72
C THR B 101 19.16 22.93 -0.66
N PRO B 102 18.12 23.28 0.10
CA PRO B 102 16.90 22.44 0.14
C PRO B 102 16.35 22.19 -1.25
N GLN B 103 16.00 20.94 -1.49
CA GLN B 103 15.59 20.49 -2.81
C GLN B 103 14.10 20.75 -3.04
N LEU B 104 13.76 22.04 -3.12
CA LEU B 104 12.41 22.51 -3.35
C LEU B 104 12.38 23.38 -4.59
N ALA B 105 11.31 23.30 -5.34
CA ALA B 105 11.14 24.22 -6.46
C ALA B 105 9.94 25.09 -6.18
N ARG B 106 9.85 26.20 -6.89
CA ARG B 106 8.70 27.07 -6.81
C ARG B 106 7.77 26.85 -8.03
N VAL B 107 6.47 26.67 -7.76
CA VAL B 107 5.52 26.38 -8.80
C VAL B 107 4.43 27.44 -8.74
N VAL B 108 4.21 28.09 -9.89
CA VAL B 108 3.20 29.12 -10.04
C VAL B 108 1.94 28.48 -10.59
N SER B 109 0.78 29.04 -10.27
CA SER B 109 -0.50 28.45 -10.66
C SER B 109 -0.74 28.26 -12.16
N ASP B 110 0.08 28.87 -13.01
CA ASP B 110 -0.05 28.62 -14.44
C ASP B 110 0.85 27.47 -14.87
N GLY B 111 1.53 26.84 -13.93
CA GLY B 111 2.35 25.69 -14.29
C GLY B 111 3.83 25.97 -14.51
N GLU B 112 4.27 27.23 -14.36
CA GLU B 112 5.70 27.60 -14.39
C GLU B 112 6.44 27.07 -13.15
N VAL B 113 7.59 26.42 -13.37
CA VAL B 113 8.44 25.95 -12.29
C VAL B 113 9.77 26.70 -12.37
N LEU B 114 10.20 27.14 -11.21
CA LEU B 114 11.45 27.83 -11.06
C LEU B 114 12.23 26.99 -10.05
N TYR B 115 13.30 26.31 -10.49
CA TYR B 115 14.17 25.52 -9.59
C TYR B 115 15.58 26.09 -9.65
N MET B 116 16.10 26.53 -8.50
CA MET B 116 17.43 27.13 -8.44
C MET B 116 18.32 26.57 -7.32
N PRO B 117 18.81 25.33 -7.47
CA PRO B 117 19.76 24.78 -6.50
C PRO B 117 21.07 25.56 -6.52
N SER B 118 21.68 25.77 -5.37
CA SER B 118 23.09 26.15 -5.33
C SER B 118 23.92 24.86 -5.39
N ILE B 119 24.83 24.81 -6.37
CA ILE B 119 25.59 23.61 -6.69
C ILE B 119 27.11 23.84 -6.53
N ARG B 120 27.81 22.94 -5.82
CA ARG B 120 29.26 22.93 -5.88
C ARG B 120 29.72 21.78 -6.79
N GLN B 121 30.50 22.11 -7.82
CA GLN B 121 30.91 21.10 -8.78
C GLN B 121 32.30 21.42 -9.33
N ARG B 122 33.04 20.38 -9.72
CA ARG B 122 34.35 20.51 -10.32
C ARG B 122 34.24 20.30 -11.83
N PHE B 123 35.06 21.05 -12.58
CA PHE B 123 35.00 21.04 -14.03
C PHE B 123 36.38 20.92 -14.64
N SER B 124 36.40 20.30 -15.82
CA SER B 124 37.59 20.30 -16.63
C SER B 124 37.34 21.35 -17.69
N CYS B 125 38.17 22.40 -17.66
CA CYS B 125 38.08 23.46 -18.64
C CYS B 125 39.39 24.23 -18.65
N ASP B 126 39.48 25.21 -19.57
CA ASP B 126 40.67 26.02 -19.79
C ASP B 126 40.95 27.00 -18.65
N VAL B 127 42.00 26.71 -17.91
CA VAL B 127 42.41 27.54 -16.78
C VAL B 127 43.60 28.43 -17.12
N SER B 128 44.17 28.26 -18.32
CA SER B 128 45.36 29.01 -18.73
C SER B 128 45.08 30.51 -18.74
N GLY B 129 46.04 31.29 -18.27
CA GLY B 129 45.89 32.74 -18.19
C GLY B 129 45.17 33.25 -16.95
N VAL B 130 44.83 32.34 -16.03
CA VAL B 130 44.11 32.71 -14.80
C VAL B 130 44.80 33.81 -13.98
N ASP B 131 46.13 33.81 -14.00
CA ASP B 131 46.91 34.78 -13.24
C ASP B 131 47.43 35.93 -14.12
N THR B 132 46.71 36.23 -15.19
CA THR B 132 47.01 37.38 -16.06
C THR B 132 45.85 38.36 -16.00
N GLU B 133 46.03 39.56 -16.55
CA GLU B 133 44.98 40.57 -16.57
C GLU B 133 43.76 40.17 -17.42
N SER B 134 44.02 39.43 -18.50
CA SER B 134 43.00 38.97 -19.41
C SER B 134 42.18 37.86 -18.77
N GLY B 135 42.84 37.10 -17.90
CA GLY B 135 42.21 36.03 -17.15
C GLY B 135 42.04 34.75 -17.94
N ALA B 136 41.47 33.74 -17.30
CA ALA B 136 41.14 32.48 -17.96
C ALA B 136 39.69 32.51 -18.41
N THR B 137 39.37 31.73 -19.44
CA THR B 137 37.98 31.55 -19.84
C THR B 137 37.59 30.08 -19.74
N CYS B 138 36.85 29.76 -18.68
CA CYS B 138 36.35 28.42 -18.45
C CYS B 138 34.93 28.29 -19.02
N ARG B 139 34.75 27.32 -19.93
CA ARG B 139 33.44 27.05 -20.54
C ARG B 139 32.75 25.81 -19.95
N ILE B 140 31.50 25.99 -19.54
CA ILE B 140 30.71 24.90 -18.98
C ILE B 140 29.49 24.66 -19.85
N LYS B 141 29.34 23.44 -20.34
CA LYS B 141 28.22 23.08 -21.21
C LYS B 141 27.18 22.28 -20.44
N ILE B 142 25.95 22.80 -20.41
CA ILE B 142 24.82 22.13 -19.79
C ILE B 142 23.70 21.80 -20.78
N GLY B 143 23.37 20.51 -20.87
CA GLY B 143 22.20 20.08 -21.63
C GLY B 143 21.51 18.85 -21.01
N SER B 144 20.37 18.51 -21.57
CA SER B 144 19.66 17.30 -21.22
C SER B 144 20.52 16.09 -21.60
N TRP B 145 20.62 15.13 -20.69
CA TRP B 145 21.41 13.96 -20.91
C TRP B 145 20.74 12.99 -21.88
N THR B 146 19.40 12.92 -21.91
CA THR B 146 18.71 11.87 -22.65
C THR B 146 17.62 12.36 -23.60
N HIS B 147 17.32 13.66 -23.55
CA HIS B 147 16.25 14.22 -24.38
C HIS B 147 16.83 15.07 -25.49
N HIS B 148 16.59 14.66 -26.72
CA HIS B 148 17.03 15.46 -27.88
C HIS B 148 16.17 16.70 -28.13
N SER B 149 16.50 17.44 -29.19
CA SER B 149 15.97 18.78 -29.40
C SER B 149 14.47 18.87 -29.64
N ARG B 150 13.84 17.78 -30.06
CA ARG B 150 12.36 17.74 -30.23
C ARG B 150 11.62 17.51 -28.93
N GLU B 151 12.36 17.16 -27.87
CA GLU B 151 11.74 16.93 -26.56
C GLU B 151 12.10 17.98 -25.53
N ILE B 152 13.38 18.38 -25.49
CA ILE B 152 13.83 19.47 -24.62
C ILE B 152 14.68 20.43 -25.42
N SER B 153 14.23 21.69 -25.49
CA SER B 153 15.08 22.77 -25.97
C SER B 153 15.66 23.51 -24.75
N VAL B 154 16.93 23.84 -24.82
CA VAL B 154 17.60 24.53 -23.73
C VAL B 154 18.04 25.89 -24.20
N ASP B 155 17.64 26.92 -23.45
CA ASP B 155 17.98 28.27 -23.84
C ASP B 155 18.48 29.11 -22.68
N PRO B 156 19.42 30.02 -22.95
CA PRO B 156 19.92 30.90 -21.88
C PRO B 156 18.81 31.88 -21.51
N THR B 157 18.62 32.12 -20.22
CA THR B 157 17.62 33.09 -19.82
C THR B 157 18.14 34.52 -20.00
N THR B 158 17.22 35.41 -20.35
CA THR B 158 17.46 36.85 -20.43
C THR B 158 17.66 37.40 -19.02
N GLU B 159 18.88 37.85 -18.73
CA GLU B 159 19.24 38.27 -17.36
C GLU B 159 19.84 39.67 -17.31
N ASN B 160 19.04 40.61 -16.82
CA ASN B 160 19.45 42.01 -16.66
C ASN B 160 20.57 42.16 -15.62
N SER B 161 20.55 41.26 -14.63
CA SER B 161 21.42 41.35 -13.46
C SER B 161 22.91 41.16 -13.77
N ASP B 162 23.73 41.93 -13.08
CA ASP B 162 25.19 41.88 -13.16
C ASP B 162 25.79 40.47 -13.06
N ASP B 163 26.96 40.30 -13.67
CA ASP B 163 27.70 39.03 -13.60
C ASP B 163 28.13 38.72 -12.17
N SER B 164 28.61 39.74 -11.46
CA SER B 164 29.09 39.60 -10.09
C SER B 164 28.03 39.86 -9.00
N GLU B 165 26.79 40.11 -9.42
CA GLU B 165 25.70 40.40 -8.48
C GLU B 165 25.73 39.57 -7.18
N TYR B 166 25.93 38.26 -7.32
CA TYR B 166 25.88 37.36 -6.19
C TYR B 166 27.20 36.67 -5.90
N PHE B 167 28.25 37.06 -6.62
CA PHE B 167 29.58 36.49 -6.43
C PHE B 167 30.25 36.95 -5.13
N SER B 168 30.91 36.02 -4.45
CA SER B 168 31.56 36.35 -3.18
C SER B 168 32.68 37.36 -3.34
N GLN B 169 32.63 38.42 -2.53
CA GLN B 169 33.71 39.40 -2.50
C GLN B 169 34.95 38.83 -1.83
N TYR B 170 34.82 37.67 -1.20
CA TYR B 170 35.91 37.10 -0.41
C TYR B 170 36.69 36.03 -1.18
N SER B 171 36.23 35.71 -2.38
CA SER B 171 36.94 34.80 -3.27
C SER B 171 38.33 35.35 -3.61
N ARG B 172 39.28 34.45 -3.79
CA ARG B 172 40.61 34.79 -4.28
C ARG B 172 40.55 35.30 -5.72
N PHE B 173 39.43 35.03 -6.38
CA PHE B 173 39.25 35.32 -7.80
C PHE B 173 38.18 36.37 -8.02
N GLU B 174 38.17 36.96 -9.21
CA GLU B 174 37.12 37.90 -9.59
C GLU B 174 36.61 37.56 -10.98
N ILE B 175 35.33 37.88 -11.21
CA ILE B 175 34.71 37.63 -12.51
C ILE B 175 34.85 38.85 -13.42
N LEU B 176 35.32 38.60 -14.63
CA LEU B 176 35.46 39.67 -15.61
C LEU B 176 34.23 39.73 -16.52
N ASP B 177 33.71 38.55 -16.90
CA ASP B 177 32.59 38.39 -17.85
C ASP B 177 32.01 36.96 -17.81
N VAL B 178 30.70 36.85 -17.99
CA VAL B 178 30.01 35.57 -18.10
C VAL B 178 29.10 35.67 -19.34
N THR B 179 29.40 34.94 -20.40
CA THR B 179 28.44 34.87 -21.49
C THR B 179 27.79 33.52 -21.54
N GLN B 180 26.58 33.48 -22.08
CA GLN B 180 25.86 32.21 -22.20
C GLN B 180 25.55 32.07 -23.68
N LYS B 181 25.58 30.85 -24.18
CA LYS B 181 25.52 30.64 -25.62
C LYS B 181 24.84 29.32 -25.88
N LYS B 182 24.00 29.32 -26.92
CA LYS B 182 23.15 28.16 -27.21
C LYS B 182 23.69 27.32 -28.37
N ASN B 183 23.94 26.03 -28.11
CA ASN B 183 24.43 25.13 -29.16
C ASN B 183 23.41 24.05 -29.48
N SER B 184 23.54 23.42 -30.64
CA SER B 184 22.85 22.18 -30.92
C SER B 184 23.76 21.24 -31.74
N VAL B 185 24.00 20.05 -31.17
CA VAL B 185 25.01 19.14 -31.71
C VAL B 185 24.43 17.78 -32.08
N THR B 186 25.01 17.17 -33.11
CA THR B 186 24.80 15.77 -33.42
C THR B 186 26.11 15.03 -33.22
N TYR B 187 26.05 13.97 -32.42
CA TYR B 187 27.21 13.17 -32.10
C TYR B 187 27.13 11.93 -32.98
N SER B 188 28.21 11.15 -33.03
CA SER B 188 28.20 9.93 -33.84
C SER B 188 27.35 8.82 -33.22
N CYS B 189 27.32 8.79 -31.89
CA CYS B 189 26.58 7.79 -31.12
C CYS B 189 25.09 7.77 -31.45
N CYS B 190 24.58 8.91 -31.92
CA CYS B 190 23.16 9.22 -31.84
C CYS B 190 22.66 9.98 -33.10
N PRO B 191 21.52 9.54 -33.65
CA PRO B 191 20.92 10.18 -34.83
C PRO B 191 20.50 11.66 -34.65
N GLU B 192 19.96 12.00 -33.48
CA GLU B 192 19.31 13.29 -33.21
C GLU B 192 20.25 14.43 -32.76
N ALA B 193 19.71 15.64 -32.60
CA ALA B 193 20.47 16.78 -32.07
C ALA B 193 20.18 17.01 -30.60
N TYR B 194 21.23 17.29 -29.82
CA TYR B 194 21.08 17.64 -28.41
C TYR B 194 21.49 19.08 -28.20
N GLU B 195 20.62 19.83 -27.53
CA GLU B 195 20.86 21.25 -27.22
C GLU B 195 21.63 21.42 -25.95
N ASP B 196 22.51 22.43 -25.94
CA ASP B 196 23.10 22.83 -24.65
C ASP B 196 23.24 24.35 -24.59
N VAL B 197 23.33 24.88 -23.38
CA VAL B 197 23.85 26.20 -23.11
C VAL B 197 25.31 26.07 -22.69
N GLU B 198 26.15 26.83 -23.36
CA GLU B 198 27.55 26.96 -23.03
C GLU B 198 27.78 28.27 -22.27
N VAL B 199 28.23 28.14 -21.03
CA VAL B 199 28.52 29.28 -20.18
C VAL B 199 30.03 29.53 -20.18
N SER B 200 30.42 30.73 -20.60
CA SER B 200 31.83 31.12 -20.58
C SER B 200 32.12 32.03 -19.40
N LEU B 201 32.81 31.45 -18.43
CA LEU B 201 33.26 32.19 -17.26
C LEU B 201 34.66 32.74 -17.48
N ASN B 202 34.74 34.05 -17.72
CA ASN B 202 36.01 34.77 -17.79
C ASN B 202 36.35 35.32 -16.41
N PHE B 203 37.47 34.86 -15.84
CA PHE B 203 37.81 35.15 -14.46
C PHE B 203 39.33 35.17 -14.27
N ARG B 204 39.78 35.82 -13.20
CA ARG B 204 41.20 35.93 -12.92
C ARG B 204 41.45 35.97 -11.42
N LYS B 205 42.65 35.59 -11.03
CA LYS B 205 43.10 35.77 -9.64
C LYS B 205 43.21 37.27 -9.38
N LYS B 206 42.79 37.69 -8.20
CA LYS B 206 42.93 39.09 -7.76
C LYS B 206 44.41 39.43 -7.56
N GLY B 207 44.76 40.68 -7.87
CA GLY B 207 46.09 41.21 -7.66
C GLY B 207 46.22 41.90 -6.31
N VAL C 1 -2.52 10.29 -31.90
CA VAL C 1 -1.71 9.81 -30.73
C VAL C 1 -2.42 8.72 -29.86
N GLU C 2 -2.10 7.46 -30.13
CA GLU C 2 -2.62 6.31 -29.36
C GLU C 2 -2.17 6.34 -27.90
N PHE C 3 -0.88 6.16 -27.68
CA PHE C 3 -0.33 6.24 -26.35
C PHE C 3 0.51 7.48 -26.28
N ASP C 4 0.20 8.41 -25.40
CA ASP C 4 1.15 9.49 -25.16
C ASP C 4 2.27 9.04 -24.25
N ARG C 5 3.24 9.93 -24.01
CA ARG C 5 4.42 9.59 -23.21
C ARG C 5 4.04 9.22 -21.80
N ALA C 6 2.98 9.80 -21.27
CA ALA C 6 2.50 9.44 -19.93
C ALA C 6 2.01 7.98 -19.85
N ASP C 7 1.30 7.54 -20.89
CA ASP C 7 0.77 6.18 -20.96
C ASP C 7 1.90 5.17 -21.10
N ILE C 8 2.89 5.50 -21.93
CA ILE C 8 4.04 4.64 -22.16
C ILE C 8 4.85 4.46 -20.87
N LEU C 9 5.13 5.56 -20.20
CA LEU C 9 5.86 5.53 -18.94
C LEU C 9 5.11 4.83 -17.82
N TYR C 10 3.79 5.03 -17.80
CA TYR C 10 2.91 4.38 -16.84
C TYR C 10 2.96 2.86 -17.05
N ASN C 11 2.81 2.43 -18.30
CA ASN C 11 2.86 1.00 -18.63
C ASN C 11 4.20 0.36 -18.27
N ILE C 12 5.31 1.03 -18.59
CA ILE C 12 6.66 0.57 -18.22
C ILE C 12 6.83 0.48 -16.71
N ARG C 13 6.47 1.54 -15.98
CA ARG C 13 6.63 1.49 -14.52
C ARG C 13 5.76 0.42 -13.80
N GLN C 14 4.54 0.20 -14.32
CA GLN C 14 3.66 -0.82 -13.76
C GLN C 14 4.07 -2.27 -14.05
N THR C 15 4.77 -2.52 -15.16
CA THR C 15 5.00 -3.90 -15.63
C THR C 15 6.46 -4.26 -15.88
N SER C 16 7.34 -3.27 -15.84
CA SER C 16 8.74 -3.58 -15.95
C SER C 16 9.17 -4.23 -14.62
N ARG C 17 9.81 -5.37 -14.75
CA ARG C 17 10.32 -6.11 -13.61
C ARG C 17 11.85 -5.92 -13.62
N PRO C 18 12.34 -4.93 -12.87
CA PRO C 18 13.75 -4.51 -12.94
C PRO C 18 14.71 -5.58 -12.41
N ASP C 19 14.16 -6.55 -11.71
CA ASP C 19 14.99 -7.58 -11.17
C ASP C 19 15.04 -8.80 -12.10
N VAL C 20 14.35 -8.75 -13.23
CA VAL C 20 14.25 -9.91 -14.11
C VAL C 20 15.07 -9.71 -15.38
N ILE C 21 16.06 -10.56 -15.59
CA ILE C 21 16.86 -10.51 -16.83
C ILE C 21 15.94 -10.88 -18.02
N PRO C 22 15.95 -10.03 -19.06
CA PRO C 22 15.05 -10.20 -20.20
C PRO C 22 15.47 -11.32 -21.17
N THR C 23 15.73 -12.51 -20.66
CA THR C 23 16.17 -13.60 -21.52
C THR C 23 15.08 -14.08 -22.50
N GLN C 24 15.55 -14.53 -23.66
CA GLN C 24 14.69 -14.93 -24.78
C GLN C 24 15.10 -16.34 -25.20
N ARG C 25 14.12 -17.17 -25.57
CA ARG C 25 14.35 -18.58 -25.99
C ARG C 25 15.54 -19.24 -25.30
N ASP C 26 15.78 -18.85 -24.04
CA ASP C 26 16.97 -19.29 -23.29
C ASP C 26 18.31 -18.96 -24.00
N ARG C 27 18.29 -17.88 -24.79
CA ARG C 27 19.49 -17.30 -25.39
C ARG C 27 19.96 -16.22 -24.44
N PRO C 28 21.26 -15.90 -24.45
CA PRO C 28 21.77 -14.82 -23.59
C PRO C 28 21.26 -13.45 -24.06
N VAL C 29 21.11 -12.53 -23.12
CA VAL C 29 20.88 -11.14 -23.45
C VAL C 29 22.16 -10.58 -23.99
N ALA C 30 22.12 -10.11 -25.25
CA ALA C 30 23.28 -9.55 -25.90
C ALA C 30 23.43 -8.09 -25.46
N VAL C 31 24.40 -7.83 -24.59
CA VAL C 31 24.72 -6.48 -24.11
C VAL C 31 25.93 -5.96 -24.85
N SER C 32 25.76 -4.81 -25.51
CA SER C 32 26.86 -4.08 -26.16
C SER C 32 27.44 -3.05 -25.21
N VAL C 33 28.76 -3.01 -25.12
CA VAL C 33 29.44 -2.13 -24.18
C VAL C 33 30.53 -1.39 -24.91
N SER C 34 30.53 -0.07 -24.79
CA SER C 34 31.57 0.72 -25.41
C SER C 34 31.95 1.88 -24.52
N LEU C 35 33.23 2.02 -24.19
CA LEU C 35 33.70 3.13 -23.39
C LEU C 35 34.12 4.27 -24.30
N LYS C 36 33.64 5.46 -24.01
CA LYS C 36 34.09 6.67 -24.69
C LYS C 36 34.78 7.50 -23.62
N PHE C 37 36.09 7.65 -23.75
CA PHE C 37 36.89 8.39 -22.78
C PHE C 37 36.72 9.89 -22.92
N ILE C 38 36.51 10.55 -21.79
CA ILE C 38 36.20 11.98 -21.76
C ILE C 38 37.37 12.70 -21.11
N ASN C 39 37.93 12.09 -20.07
CA ASN C 39 39.08 12.68 -19.41
C ASN C 39 39.98 11.66 -18.72
N ILE C 40 41.25 12.00 -18.60
CA ILE C 40 42.18 11.27 -17.75
C ILE C 40 42.65 12.29 -16.75
N LEU C 41 42.30 12.10 -15.49
CA LEU C 41 42.41 13.18 -14.51
C LEU C 41 43.66 13.11 -13.66
N GLU C 42 44.08 11.89 -13.33
CA GLU C 42 45.20 11.68 -12.46
C GLU C 42 45.81 10.32 -12.78
N VAL C 43 47.12 10.29 -12.82
CA VAL C 43 47.87 9.13 -13.24
C VAL C 43 49.02 9.02 -12.25
N ASN C 44 49.34 7.80 -11.83
CA ASN C 44 50.44 7.56 -10.91
C ASN C 44 51.21 6.34 -11.37
N GLU C 45 52.42 6.58 -11.89
CA GLU C 45 53.22 5.52 -12.47
C GLU C 45 53.85 4.62 -11.41
N ILE C 46 54.01 5.15 -10.20
CA ILE C 46 54.54 4.39 -9.07
C ILE C 46 53.53 3.36 -8.59
N THR C 47 52.30 3.77 -8.35
CA THR C 47 51.26 2.89 -7.84
C THR C 47 50.49 2.14 -8.94
N ASN C 48 50.70 2.53 -10.20
CA ASN C 48 49.93 1.99 -11.33
C ASN C 48 48.40 2.19 -11.17
N GLU C 49 48.00 3.43 -10.92
CA GLU C 49 46.60 3.79 -10.73
C GLU C 49 46.21 4.96 -11.61
N VAL C 50 45.04 4.88 -12.24
CA VAL C 50 44.53 5.97 -13.06
C VAL C 50 43.12 6.37 -12.61
N ASP C 51 42.84 7.65 -12.73
CA ASP C 51 41.53 8.23 -12.44
C ASP C 51 41.01 8.77 -13.80
N VAL C 52 39.91 8.21 -14.29
CA VAL C 52 39.42 8.45 -15.65
C VAL C 52 37.92 8.75 -15.72
N VAL C 53 37.50 9.66 -16.62
CA VAL C 53 36.09 9.90 -16.86
C VAL C 53 35.68 9.30 -18.20
N PHE C 54 34.63 8.50 -18.21
CA PHE C 54 34.21 7.86 -19.45
C PHE C 54 32.69 7.70 -19.53
N TRP C 55 32.17 7.68 -20.75
CA TRP C 55 30.79 7.30 -20.98
C TRP C 55 30.75 5.81 -21.17
N GLN C 56 29.97 5.14 -20.33
CA GLN C 56 29.83 3.70 -20.42
C GLN C 56 28.58 3.43 -21.27
N GLN C 57 28.78 3.36 -22.57
CA GLN C 57 27.68 3.23 -23.49
C GLN C 57 27.19 1.78 -23.51
N THR C 58 25.96 1.57 -23.09
CA THR C 58 25.44 0.22 -22.88
C THR C 58 24.11 0.08 -23.59
N THR C 59 24.01 -0.92 -24.44
CA THR C 59 22.77 -1.23 -25.14
C THR C 59 22.38 -2.69 -25.01
N TRP C 60 21.08 -2.92 -24.96
CA TRP C 60 20.53 -4.27 -24.96
C TRP C 60 19.07 -4.19 -25.30
N SER C 61 18.49 -5.35 -25.57
CA SER C 61 17.10 -5.46 -25.91
C SER C 61 16.30 -6.07 -24.76
N ASP C 62 15.12 -5.49 -24.49
CA ASP C 62 14.21 -6.03 -23.49
C ASP C 62 12.82 -5.87 -24.11
N ARG C 63 12.38 -6.94 -24.77
CA ARG C 63 11.08 -6.95 -25.45
C ARG C 63 9.86 -6.88 -24.55
N THR C 64 10.03 -6.99 -23.22
CA THR C 64 8.90 -6.76 -22.29
C THR C 64 8.58 -5.26 -22.18
N LEU C 65 9.44 -4.42 -22.74
CA LEU C 65 9.28 -2.96 -22.71
C LEU C 65 8.58 -2.41 -23.94
N ALA C 66 8.48 -3.23 -24.98
CA ALA C 66 8.00 -2.82 -26.28
C ALA C 66 6.55 -2.39 -26.25
N TRP C 67 6.20 -1.47 -27.13
CA TRP C 67 4.84 -1.01 -27.27
C TRP C 67 4.57 -0.74 -28.76
N ASN C 68 3.29 -0.73 -29.12
CA ASN C 68 2.87 -0.42 -30.48
C ASN C 68 2.99 1.07 -30.74
N SER C 69 3.99 1.47 -31.54
CA SER C 69 4.22 2.90 -31.81
C SER C 69 3.79 3.38 -33.22
N SER C 70 2.81 2.70 -33.80
CA SER C 70 2.36 3.11 -35.14
C SER C 70 1.73 4.51 -35.11
N HIS C 71 1.08 4.87 -34.01
CA HIS C 71 0.52 6.19 -33.81
C HIS C 71 0.93 6.81 -32.46
N SER C 72 2.14 6.48 -31.99
CA SER C 72 2.64 6.94 -30.71
C SER C 72 4.13 7.29 -30.81
N PRO C 73 4.65 8.12 -29.89
CA PRO C 73 6.10 8.35 -29.77
C PRO C 73 6.84 7.03 -29.71
N ASP C 74 7.95 6.90 -30.41
CA ASP C 74 8.65 5.62 -30.46
C ASP C 74 9.83 5.49 -29.46
N GLN C 75 10.01 6.51 -28.62
CA GLN C 75 11.09 6.57 -27.65
C GLN C 75 10.69 7.37 -26.41
N VAL C 76 11.16 6.93 -25.26
CA VAL C 76 10.98 7.67 -24.01
C VAL C 76 12.23 7.51 -23.16
N SER C 77 12.43 8.45 -22.23
CA SER C 77 13.49 8.37 -21.25
C SER C 77 12.91 7.85 -19.94
N VAL C 78 13.57 6.84 -19.38
CA VAL C 78 13.03 6.08 -18.22
C VAL C 78 14.06 6.03 -17.09
N PRO C 79 13.69 6.30 -15.84
CA PRO C 79 14.64 6.10 -14.72
C PRO C 79 15.10 4.67 -14.74
N ILE C 80 16.39 4.43 -14.58
CA ILE C 80 16.90 3.06 -14.58
C ILE C 80 16.34 2.22 -13.43
N SER C 81 15.88 2.89 -12.38
CA SER C 81 15.24 2.18 -11.27
C SER C 81 13.97 1.46 -11.74
N SER C 82 13.41 1.88 -12.87
CA SER C 82 12.23 1.21 -13.41
C SER C 82 12.54 0.12 -14.40
N LEU C 83 13.82 -0.12 -14.69
CA LEU C 83 14.23 -1.03 -15.77
C LEU C 83 15.20 -2.05 -15.22
N TRP C 84 15.23 -3.24 -15.82
CA TRP C 84 16.36 -4.15 -15.60
C TRP C 84 17.55 -3.57 -16.31
N VAL C 85 18.69 -3.60 -15.63
CA VAL C 85 19.96 -3.03 -16.12
C VAL C 85 21.01 -4.11 -15.92
N PRO C 86 21.87 -4.37 -16.92
CA PRO C 86 22.92 -5.37 -16.76
C PRO C 86 23.87 -5.02 -15.59
N ASP C 87 24.17 -6.04 -14.78
CA ASP C 87 25.07 -5.93 -13.62
C ASP C 87 26.57 -5.86 -13.97
N LEU C 88 26.90 -4.94 -14.89
CA LEU C 88 28.26 -4.73 -15.33
C LEU C 88 29.17 -4.19 -14.24
N ALA C 89 30.40 -4.65 -14.23
CA ALA C 89 31.42 -4.15 -13.30
C ALA C 89 32.76 -4.18 -14.00
N ALA C 90 33.59 -3.17 -13.72
CA ALA C 90 34.95 -3.17 -14.19
C ALA C 90 35.80 -3.98 -13.23
N TYR C 91 36.42 -5.04 -13.74
CA TYR C 91 37.14 -6.01 -12.90
C TYR C 91 38.31 -5.40 -12.13
N ASN C 92 38.98 -4.42 -12.75
CA ASN C 92 40.16 -3.82 -12.13
C ASN C 92 39.90 -2.44 -11.52
N ALA C 93 38.63 -2.12 -11.28
CA ALA C 93 38.24 -0.85 -10.64
C ALA C 93 38.68 -0.91 -9.19
N ILE C 94 39.23 0.19 -8.69
CA ILE C 94 39.61 0.27 -7.27
C ILE C 94 38.80 1.34 -6.53
N SER C 95 37.77 1.87 -7.20
CA SER C 95 36.81 2.73 -6.53
C SER C 95 35.41 2.40 -7.05
N LYS C 96 34.39 2.79 -6.28
CA LYS C 96 32.99 2.69 -6.71
C LYS C 96 32.76 3.63 -7.89
N PRO C 97 32.06 3.18 -8.92
CA PRO C 97 31.78 4.06 -10.06
C PRO C 97 30.98 5.29 -9.60
N GLU C 98 31.53 6.49 -9.84
CA GLU C 98 30.82 7.72 -9.51
C GLU C 98 30.07 8.12 -10.78
N VAL C 99 28.75 7.97 -10.76
CA VAL C 99 27.91 8.31 -11.90
C VAL C 99 27.65 9.81 -11.88
N LEU C 100 28.03 10.49 -12.93
CA LEU C 100 28.00 11.96 -12.92
C LEU C 100 26.67 12.47 -13.48
N THR C 101 25.94 11.60 -14.18
CA THR C 101 24.80 12.07 -14.97
C THR C 101 23.44 11.56 -14.45
N PRO C 102 22.35 12.23 -14.82
CA PRO C 102 21.00 11.72 -14.49
C PRO C 102 20.84 10.26 -14.88
N GLN C 103 20.26 9.51 -13.95
CA GLN C 103 20.24 8.06 -14.11
C GLN C 103 19.01 7.64 -14.88
N LEU C 104 19.00 7.97 -16.17
CA LEU C 104 17.88 7.71 -17.07
C LEU C 104 18.43 6.94 -18.25
N ALA C 105 17.65 6.00 -18.74
CA ALA C 105 17.98 5.32 -20.01
C ALA C 105 16.94 5.72 -21.06
N ARG C 106 17.31 5.58 -22.32
CA ARG C 106 16.45 5.73 -23.45
C ARG C 106 15.88 4.39 -23.90
N VAL C 107 14.56 4.31 -23.99
CA VAL C 107 13.90 3.06 -24.40
C VAL C 107 13.13 3.31 -25.70
N VAL C 108 13.32 2.42 -26.68
CA VAL C 108 12.71 2.53 -28.02
C VAL C 108 11.56 1.56 -28.05
N SER C 109 10.51 1.90 -28.79
CA SER C 109 9.29 1.09 -28.83
C SER C 109 9.47 -0.38 -29.21
N ASP C 110 10.63 -0.76 -29.75
CA ASP C 110 10.88 -2.18 -30.05
C ASP C 110 11.56 -2.93 -28.89
N GLY C 111 11.81 -2.22 -27.81
CA GLY C 111 12.42 -2.83 -26.63
C GLY C 111 13.92 -2.59 -26.53
N GLU C 112 14.54 -1.93 -27.50
CA GLU C 112 15.95 -1.58 -27.32
C GLU C 112 16.13 -0.57 -26.21
N VAL C 113 17.15 -0.79 -25.39
CA VAL C 113 17.49 0.14 -24.31
C VAL C 113 18.91 0.64 -24.51
N LEU C 114 19.05 1.94 -24.45
CA LEU C 114 20.35 2.56 -24.45
C LEU C 114 20.52 3.28 -23.11
N TYR C 115 21.64 2.99 -22.46
CA TYR C 115 22.02 3.64 -21.20
C TYR C 115 23.48 4.04 -21.29
N MET C 116 23.74 5.32 -21.07
CA MET C 116 25.08 5.86 -21.23
C MET C 116 25.44 6.84 -20.11
N PRO C 117 25.69 6.34 -18.90
CA PRO C 117 26.12 7.18 -17.79
C PRO C 117 27.53 7.69 -18.05
N SER C 118 27.82 8.86 -17.50
CA SER C 118 29.20 9.32 -17.44
C SER C 118 29.68 8.93 -16.06
N ILE C 119 30.74 8.14 -16.02
CA ILE C 119 31.31 7.60 -14.81
C ILE C 119 32.72 8.16 -14.59
N ARG C 120 33.03 8.52 -13.36
CA ARG C 120 34.41 8.76 -12.97
C ARG C 120 34.78 7.61 -12.04
N GLN C 121 35.91 6.98 -12.30
CA GLN C 121 36.32 5.77 -11.61
C GLN C 121 37.84 5.61 -11.65
N ARG C 122 38.40 5.00 -10.62
CA ARG C 122 39.84 4.76 -10.53
C ARG C 122 40.13 3.31 -10.83
N PHE C 123 41.24 3.08 -11.50
CA PHE C 123 41.61 1.76 -11.99
C PHE C 123 43.02 1.40 -11.60
N SER C 124 43.23 0.11 -11.41
CA SER C 124 44.55 -0.44 -11.31
C SER C 124 44.92 -1.01 -12.68
N CYS C 125 45.97 -0.49 -13.29
CA CYS C 125 46.38 -0.93 -14.61
C CYS C 125 47.79 -0.42 -14.93
N ASP C 126 48.35 -0.89 -16.04
CA ASP C 126 49.70 -0.55 -16.43
C ASP C 126 49.85 0.90 -16.86
N VAL C 127 50.59 1.68 -16.07
CA VAL C 127 50.80 3.09 -16.33
C VAL C 127 52.22 3.36 -16.83
N SER C 128 53.07 2.33 -16.83
CA SER C 128 54.44 2.45 -17.29
C SER C 128 54.51 2.95 -18.73
N GLY C 129 55.43 3.89 -18.96
CA GLY C 129 55.63 4.48 -20.29
C GLY C 129 54.71 5.66 -20.58
N VAL C 130 53.94 6.10 -19.58
CA VAL C 130 52.98 7.20 -19.75
C VAL C 130 53.64 8.48 -20.26
N ASP C 131 54.87 8.73 -19.82
CA ASP C 131 55.61 9.92 -20.21
C ASP C 131 56.61 9.65 -21.36
N THR C 132 56.32 8.65 -22.18
CA THR C 132 57.11 8.38 -23.39
C THR C 132 56.25 8.59 -24.64
N GLU C 133 56.86 8.54 -25.82
CA GLU C 133 56.13 8.76 -27.08
C GLU C 133 55.16 7.62 -27.38
N SER C 134 55.56 6.41 -26.99
CA SER C 134 54.73 5.21 -27.16
C SER C 134 53.54 5.24 -26.24
N GLY C 135 53.71 5.84 -25.07
CA GLY C 135 52.67 5.99 -24.08
C GLY C 135 52.44 4.74 -23.26
N ALA C 136 51.49 4.83 -22.32
CA ALA C 136 51.08 3.70 -21.50
C ALA C 136 49.88 3.04 -22.16
N THR C 137 49.68 1.76 -21.87
CA THR C 137 48.45 1.07 -22.26
C THR C 137 47.73 0.49 -21.03
N CYS C 138 46.67 1.17 -20.63
CA CYS C 138 45.83 0.77 -19.51
C CYS C 138 44.64 -0.03 -20.02
N ARG C 139 44.52 -1.27 -19.52
CA ARG C 139 43.42 -2.16 -19.88
C ARG C 139 42.33 -2.21 -18.81
N ILE C 140 41.08 -1.94 -19.24
CA ILE C 140 39.93 -2.04 -18.35
C ILE C 140 39.02 -3.17 -18.83
N LYS C 141 38.72 -4.08 -17.92
CA LYS C 141 37.84 -5.21 -18.19
C LYS C 141 36.45 -5.00 -17.60
N ILE C 142 35.42 -5.04 -18.44
CA ILE C 142 34.04 -4.90 -17.98
C ILE C 142 33.21 -6.10 -18.36
N GLY C 143 32.55 -6.67 -17.36
CA GLY C 143 31.68 -7.80 -17.58
C GLY C 143 30.62 -7.93 -16.51
N SER C 144 29.63 -8.79 -16.75
CA SER C 144 28.59 -9.06 -15.74
C SER C 144 29.21 -9.66 -14.51
N TRP C 145 28.85 -9.12 -13.35
CA TRP C 145 29.31 -9.66 -12.10
C TRP C 145 28.76 -11.07 -11.78
N THR C 146 27.50 -11.35 -12.11
CA THR C 146 26.85 -12.57 -11.66
C THR C 146 26.19 -13.42 -12.77
N HIS C 147 26.20 -12.95 -14.01
CA HIS C 147 25.51 -13.69 -15.06
C HIS C 147 26.55 -14.22 -16.00
N HIS C 148 26.57 -15.55 -16.16
CA HIS C 148 27.51 -16.20 -17.04
C HIS C 148 27.09 -16.10 -18.52
N SER C 149 27.86 -16.75 -19.40
CA SER C 149 27.74 -16.50 -20.83
C SER C 149 26.40 -16.94 -21.45
N ARG C 150 25.70 -17.86 -20.82
CA ARG C 150 24.41 -18.32 -21.33
C ARG C 150 23.29 -17.34 -20.95
N GLU C 151 23.59 -16.38 -20.09
CA GLU C 151 22.60 -15.39 -19.65
C GLU C 151 22.93 -14.00 -20.15
N ILE C 152 24.22 -13.63 -20.06
CA ILE C 152 24.67 -12.37 -20.65
C ILE C 152 25.88 -12.57 -21.53
N SER C 153 25.75 -12.21 -22.81
CA SER C 153 26.94 -12.09 -23.66
C SER C 153 27.30 -10.62 -23.75
N VAL C 154 28.59 -10.31 -23.77
CA VAL C 154 29.05 -8.92 -23.79
C VAL C 154 29.89 -8.74 -25.04
N ASP C 155 29.54 -7.78 -25.89
CA ASP C 155 30.28 -7.55 -27.13
C ASP C 155 30.64 -6.07 -27.25
N PRO C 156 31.81 -5.77 -27.81
CA PRO C 156 32.15 -4.39 -28.14
C PRO C 156 31.29 -3.81 -29.27
N THR C 157 30.98 -2.53 -29.17
CA THR C 157 30.19 -1.75 -30.14
C THR C 157 30.65 -1.78 -31.60
N THR C 158 29.78 -1.22 -32.45
CA THR C 158 30.04 -1.05 -33.89
C THR C 158 30.91 0.20 -34.19
N GLU C 159 31.60 0.19 -35.33
CA GLU C 159 32.72 1.09 -35.57
C GLU C 159 32.60 2.14 -36.70
N ASN C 160 32.26 3.37 -36.32
CA ASN C 160 32.41 4.53 -37.23
C ASN C 160 33.12 5.79 -36.64
N SER C 161 33.10 5.92 -35.30
CA SER C 161 33.64 7.11 -34.61
C SER C 161 35.15 7.05 -34.23
N ASP C 162 35.80 8.21 -34.26
CA ASP C 162 37.18 8.37 -33.81
C ASP C 162 37.30 8.19 -32.28
N ASP C 163 38.50 7.81 -31.81
CA ASP C 163 38.73 7.54 -30.37
C ASP C 163 38.74 8.83 -29.49
N SER C 164 39.11 9.98 -30.10
CA SER C 164 39.29 11.29 -29.41
C SER C 164 38.14 12.32 -29.54
N GLU C 165 37.09 11.89 -30.26
CA GLU C 165 35.91 12.77 -30.52
C GLU C 165 35.33 13.43 -29.23
N TYR C 166 35.26 12.69 -28.13
CA TYR C 166 34.64 13.21 -26.90
C TYR C 166 35.65 13.67 -25.87
N PHE C 167 36.91 13.35 -26.12
CA PHE C 167 37.97 13.55 -25.14
C PHE C 167 38.30 15.01 -24.89
N SER C 168 38.46 15.38 -23.62
CA SER C 168 38.79 16.76 -23.27
C SER C 168 40.13 17.23 -23.85
N GLN C 169 40.12 18.35 -24.57
CA GLN C 169 41.33 18.97 -25.12
C GLN C 169 42.17 19.59 -24.01
N TYR C 170 41.58 19.70 -22.82
CA TYR C 170 42.23 20.39 -21.70
C TYR C 170 42.92 19.43 -20.73
N SER C 171 42.72 18.14 -20.94
CA SER C 171 43.46 17.12 -20.21
C SER C 171 44.98 17.27 -20.38
N ARG C 172 45.73 16.96 -19.34
CA ARG C 172 47.19 16.87 -19.39
C ARG C 172 47.66 15.75 -20.30
N PHE C 173 46.73 14.85 -20.63
CA PHE C 173 47.03 13.66 -21.42
C PHE C 173 46.35 13.65 -22.77
N GLU C 174 46.84 12.80 -23.66
CA GLU C 174 46.20 12.61 -24.95
C GLU C 174 46.05 11.14 -25.29
N ILE C 175 45.00 10.82 -26.04
CA ILE C 175 44.72 9.45 -26.43
C ILE C 175 45.39 9.14 -27.76
N LEU C 176 46.12 8.03 -27.78
CA LEU C 176 46.81 7.58 -28.98
C LEU C 176 45.98 6.56 -29.74
N ASP C 177 45.52 5.53 -29.04
CA ASP C 177 44.61 4.50 -29.58
C ASP C 177 43.72 3.87 -28.50
N VAL C 178 42.52 3.45 -28.90
CA VAL C 178 41.58 2.70 -28.05
C VAL C 178 41.07 1.47 -28.80
N THR C 179 41.37 0.28 -28.30
CA THR C 179 40.83 -0.95 -28.90
C THR C 179 40.00 -1.76 -27.90
N GLN C 180 38.94 -2.39 -28.41
CA GLN C 180 37.97 -3.06 -27.56
C GLN C 180 37.93 -4.57 -27.82
N LYS C 181 38.78 -5.31 -27.13
CA LYS C 181 38.87 -6.78 -27.24
C LYS C 181 37.71 -7.45 -26.48
N LYS C 182 37.38 -8.67 -26.89
CA LYS C 182 36.31 -9.46 -26.30
C LYS C 182 36.87 -10.77 -25.73
N ASN C 183 36.48 -11.07 -24.49
CA ASN C 183 36.97 -12.26 -23.80
C ASN C 183 35.82 -13.08 -23.21
N SER C 184 35.98 -14.40 -23.19
CA SER C 184 35.05 -15.29 -22.51
C SER C 184 35.92 -16.08 -21.56
N VAL C 185 35.83 -15.80 -20.26
CA VAL C 185 36.71 -16.41 -19.27
C VAL C 185 36.02 -17.35 -18.28
N THR C 186 36.58 -18.54 -18.15
CA THR C 186 36.20 -19.49 -17.12
C THR C 186 37.26 -19.45 -16.02
N TYR C 187 36.84 -19.04 -14.82
CA TYR C 187 37.75 -18.90 -13.66
C TYR C 187 37.65 -20.11 -12.74
N SER C 188 38.66 -20.29 -11.90
CA SER C 188 38.68 -21.34 -10.89
C SER C 188 37.51 -21.24 -9.87
N CYS C 189 37.09 -20.00 -9.57
CA CYS C 189 36.00 -19.73 -8.63
C CYS C 189 34.68 -20.38 -9.04
N CYS C 190 34.51 -20.62 -10.33
CA CYS C 190 33.17 -20.82 -10.89
C CYS C 190 33.23 -21.69 -12.16
N PRO C 191 32.29 -22.61 -12.33
CA PRO C 191 32.33 -23.56 -13.47
C PRO C 191 31.96 -22.95 -14.85
N GLU C 192 31.24 -21.83 -14.83
CA GLU C 192 30.71 -21.24 -16.05
C GLU C 192 31.62 -20.14 -16.58
N ALA C 193 31.45 -19.82 -17.85
CA ALA C 193 32.26 -18.80 -18.50
C ALA C 193 31.61 -17.44 -18.34
N TYR C 194 32.42 -16.44 -18.02
CA TYR C 194 31.96 -15.05 -17.91
C TYR C 194 32.61 -14.21 -19.02
N GLU C 195 31.76 -13.53 -19.77
CA GLU C 195 32.21 -12.69 -20.87
C GLU C 195 32.59 -11.31 -20.38
N ASP C 196 33.61 -10.73 -20.99
CA ASP C 196 33.96 -9.35 -20.72
C ASP C 196 34.38 -8.64 -22.01
N VAL C 197 34.37 -7.32 -21.96
CA VAL C 197 35.02 -6.51 -22.96
C VAL C 197 36.23 -5.89 -22.29
N GLU C 198 37.38 -6.12 -22.91
CA GLU C 198 38.64 -5.52 -22.50
C GLU C 198 38.96 -4.29 -23.36
N VAL C 199 38.95 -3.13 -22.72
CA VAL C 199 39.25 -1.86 -23.37
C VAL C 199 40.71 -1.51 -23.09
N SER C 200 41.50 -1.36 -24.17
CA SER C 200 42.88 -0.92 -24.07
C SER C 200 43.03 0.55 -24.41
N LEU C 201 43.31 1.34 -23.38
CA LEU C 201 43.51 2.78 -23.52
C LEU C 201 45.01 3.06 -23.64
N ASN C 202 45.45 3.35 -24.87
CA ASN C 202 46.81 3.81 -25.13
C ASN C 202 46.84 5.34 -25.07
N PHE C 203 47.59 5.86 -24.09
CA PHE C 203 47.59 7.28 -23.79
C PHE C 203 48.96 7.75 -23.31
N ARG C 204 49.19 9.05 -23.35
CA ARG C 204 50.47 9.62 -22.95
C ARG C 204 50.31 11.05 -22.45
N LYS C 205 51.27 11.47 -21.62
CA LYS C 205 51.34 12.85 -21.18
C LYS C 205 51.71 13.69 -22.39
N LYS C 206 51.05 14.85 -22.52
CA LYS C 206 51.34 15.79 -23.61
C LYS C 206 52.72 16.38 -23.40
N GLY C 207 53.41 16.65 -24.51
CA GLY C 207 54.73 17.28 -24.49
C GLY C 207 54.62 18.78 -24.61
N VAL D 1 8.79 -24.60 -19.89
CA VAL D 1 9.39 -24.19 -18.57
C VAL D 1 8.28 -24.01 -17.52
N GLU D 2 8.36 -24.72 -16.39
CA GLU D 2 7.37 -24.59 -15.33
C GLU D 2 7.41 -23.15 -14.81
N PHE D 3 8.53 -22.79 -14.18
CA PHE D 3 8.74 -21.45 -13.68
C PHE D 3 9.82 -20.79 -14.48
N ASP D 4 9.52 -19.70 -15.17
CA ASP D 4 10.58 -18.92 -15.81
C ASP D 4 11.24 -18.03 -14.77
N ARG D 5 12.27 -17.32 -15.17
CA ARG D 5 13.02 -16.47 -14.23
C ARG D 5 12.16 -15.39 -13.58
N ALA D 6 11.20 -14.86 -14.33
CA ALA D 6 10.29 -13.88 -13.74
C ALA D 6 9.50 -14.46 -12.55
N ASP D 7 9.05 -15.71 -12.69
CA ASP D 7 8.28 -16.38 -11.65
C ASP D 7 9.12 -16.65 -10.42
N ILE D 8 10.34 -17.14 -10.64
CA ILE D 8 11.27 -17.43 -9.56
C ILE D 8 11.57 -16.19 -8.71
N LEU D 9 11.93 -15.12 -9.39
CA LEU D 9 12.23 -13.85 -8.77
C LEU D 9 11.03 -13.23 -8.08
N TYR D 10 9.86 -13.34 -8.70
CA TYR D 10 8.61 -12.90 -8.09
C TYR D 10 8.37 -13.64 -6.79
N ASN D 11 8.45 -14.98 -6.82
CA ASN D 11 8.23 -15.78 -5.63
C ASN D 11 9.23 -15.46 -4.52
N ILE D 12 10.50 -15.29 -4.87
CA ILE D 12 11.52 -14.91 -3.90
C ILE D 12 11.24 -13.54 -3.26
N ARG D 13 10.87 -12.56 -4.06
CA ARG D 13 10.68 -11.22 -3.53
C ARG D 13 9.40 -11.13 -2.66
N GLN D 14 8.39 -11.91 -3.03
CA GLN D 14 7.18 -11.91 -2.25
C GLN D 14 7.31 -12.64 -0.90
N THR D 15 8.21 -13.61 -0.78
CA THR D 15 8.21 -14.51 0.38
C THR D 15 9.53 -14.62 1.11
N SER D 16 10.58 -14.08 0.54
CA SER D 16 11.87 -14.04 1.21
C SER D 16 11.71 -13.01 2.33
N ARG D 17 12.13 -13.41 3.52
CA ARG D 17 12.06 -12.55 4.67
C ARG D 17 13.52 -12.17 5.03
N PRO D 18 13.98 -11.03 4.53
CA PRO D 18 15.39 -10.66 4.64
C PRO D 18 15.86 -10.42 6.07
N ASP D 19 14.90 -10.28 7.00
CA ASP D 19 15.20 -10.01 8.39
C ASP D 19 15.41 -11.31 9.17
N VAL D 20 15.06 -12.43 8.55
CA VAL D 20 14.94 -13.71 9.24
C VAL D 20 16.09 -14.66 8.91
N ILE D 21 16.92 -14.92 9.91
CA ILE D 21 18.01 -15.89 9.79
C ILE D 21 17.41 -17.26 9.44
N PRO D 22 17.92 -17.89 8.39
CA PRO D 22 17.39 -19.19 7.95
C PRO D 22 17.93 -20.34 8.78
N THR D 23 17.73 -20.31 10.09
CA THR D 23 18.17 -21.41 10.92
C THR D 23 17.17 -22.55 10.72
N GLN D 24 17.70 -23.77 10.64
CA GLN D 24 16.86 -24.95 10.51
C GLN D 24 17.23 -25.85 11.66
N ARG D 25 16.24 -26.57 12.18
CA ARG D 25 16.47 -27.59 13.20
C ARG D 25 17.10 -27.04 14.50
N ASP D 26 17.11 -25.71 14.66
CA ASP D 26 17.88 -25.02 15.70
C ASP D 26 19.41 -25.26 15.63
N ARG D 27 19.88 -25.62 14.44
CA ARG D 27 21.30 -25.72 14.12
C ARG D 27 21.71 -24.37 13.56
N PRO D 28 22.99 -24.01 13.70
CA PRO D 28 23.47 -22.73 13.16
C PRO D 28 23.45 -22.71 11.62
N VAL D 29 23.26 -21.53 11.04
CA VAL D 29 23.49 -21.35 9.62
C VAL D 29 25.01 -21.43 9.40
N ALA D 30 25.43 -22.39 8.59
CA ALA D 30 26.83 -22.54 8.22
C ALA D 30 27.17 -21.56 7.11
N VAL D 31 27.96 -20.55 7.44
CA VAL D 31 28.37 -19.50 6.51
C VAL D 31 29.84 -19.72 6.16
N SER D 32 30.11 -19.87 4.87
CA SER D 32 31.47 -20.02 4.37
C SER D 32 31.99 -18.69 3.94
N VAL D 33 33.19 -18.34 4.41
CA VAL D 33 33.76 -17.04 4.10
C VAL D 33 35.16 -17.26 3.61
N SER D 34 35.48 -16.64 2.47
CA SER D 34 36.80 -16.73 1.87
C SER D 34 37.14 -15.40 1.24
N LEU D 35 38.30 -14.84 1.58
CA LEU D 35 38.75 -13.59 0.96
C LEU D 35 39.70 -13.92 -0.18
N LYS D 36 39.46 -13.33 -1.34
CA LYS D 36 40.38 -13.42 -2.48
C LYS D 36 40.90 -12.03 -2.70
N PHE D 37 42.19 -11.83 -2.43
CA PHE D 37 42.77 -10.50 -2.51
C PHE D 37 42.99 -10.09 -3.98
N ILE D 38 42.62 -8.84 -4.28
CA ILE D 38 42.67 -8.32 -5.64
C ILE D 38 43.76 -7.27 -5.74
N ASN D 39 43.88 -6.44 -4.71
CA ASN D 39 44.89 -5.42 -4.70
C ASN D 39 45.24 -4.99 -3.28
N ILE D 40 46.48 -4.54 -3.12
CA ILE D 40 46.92 -3.87 -1.90
C ILE D 40 47.31 -2.47 -2.33
N LEU D 41 46.51 -1.48 -1.91
CA LEU D 41 46.60 -0.15 -2.50
C LEU D 41 47.53 0.82 -1.78
N GLU D 42 47.53 0.73 -0.46
CA GLU D 42 48.28 1.67 0.37
C GLU D 42 48.61 0.99 1.67
N VAL D 43 49.85 1.17 2.10
CA VAL D 43 50.38 0.51 3.27
C VAL D 43 51.15 1.58 4.01
N ASN D 44 51.02 1.60 5.33
CA ASN D 44 51.74 2.54 6.18
C ASN D 44 52.31 1.79 7.38
N GLU D 45 53.62 1.62 7.40
CA GLU D 45 54.27 0.85 8.44
C GLU D 45 54.36 1.60 9.78
N ILE D 46 54.27 2.92 9.72
CA ILE D 46 54.28 3.75 10.93
C ILE D 46 52.94 3.63 11.67
N THR D 47 51.84 3.76 10.94
CA THR D 47 50.52 3.72 11.56
C THR D 47 49.93 2.30 11.64
N ASN D 48 50.56 1.34 10.97
CA ASN D 48 50.08 -0.04 10.89
C ASN D 48 48.67 -0.13 10.24
N GLU D 49 48.52 0.51 9.09
CA GLU D 49 47.23 0.53 8.40
C GLU D 49 47.43 0.08 6.96
N VAL D 50 46.47 -0.71 6.45
CA VAL D 50 46.48 -1.12 5.04
C VAL D 50 45.15 -0.79 4.36
N ASP D 51 45.24 -0.48 3.06
CA ASP D 51 44.06 -0.24 2.23
C ASP D 51 44.07 -1.36 1.20
N VAL D 52 43.04 -2.19 1.20
CA VAL D 52 43.06 -3.40 0.39
C VAL D 52 41.74 -3.58 -0.37
N VAL D 53 41.81 -4.27 -1.52
CA VAL D 53 40.66 -4.67 -2.30
C VAL D 53 40.55 -6.19 -2.31
N PHE D 54 39.38 -6.71 -1.94
CA PHE D 54 39.21 -8.16 -1.89
C PHE D 54 37.82 -8.59 -2.28
N TRP D 55 37.69 -9.80 -2.82
CA TRP D 55 36.39 -10.40 -2.97
C TRP D 55 36.05 -11.11 -1.68
N GLN D 56 34.93 -10.75 -1.06
CA GLN D 56 34.45 -11.40 0.15
C GLN D 56 33.45 -12.49 -0.26
N GLN D 57 33.99 -13.64 -0.63
CA GLN D 57 33.20 -14.76 -1.08
C GLN D 57 32.43 -15.39 0.08
N THR D 58 31.11 -15.29 0.04
CA THR D 58 30.24 -15.75 1.12
C THR D 58 29.18 -16.68 0.56
N THR D 59 29.11 -17.89 1.13
CA THR D 59 28.07 -18.85 0.79
C THR D 59 27.34 -19.32 2.03
N TRP D 60 26.04 -19.60 1.87
CA TRP D 60 25.23 -20.18 2.93
C TRP D 60 23.98 -20.74 2.29
N SER D 61 23.28 -21.56 3.06
CA SER D 61 22.04 -22.17 2.61
C SER D 61 20.81 -21.46 3.20
N ASP D 62 19.82 -21.19 2.37
CA ASP D 62 18.52 -20.68 2.85
C ASP D 62 17.41 -21.46 2.15
N ARG D 63 16.89 -22.48 2.82
CA ARG D 63 15.88 -23.37 2.24
C ARG D 63 14.57 -22.71 1.86
N THR D 64 14.30 -21.53 2.41
CA THR D 64 13.04 -20.84 2.12
C THR D 64 13.07 -20.24 0.74
N LEU D 65 14.26 -20.31 0.12
CA LEU D 65 14.47 -19.78 -1.23
C LEU D 65 14.28 -20.83 -2.33
N ALA D 66 14.32 -22.11 -1.92
CA ALA D 66 14.32 -23.22 -2.83
C ALA D 66 13.05 -23.28 -3.67
N TRP D 67 13.21 -23.75 -4.90
CA TRP D 67 12.09 -24.00 -5.79
C TRP D 67 12.37 -25.28 -6.55
N ASN D 68 11.30 -25.87 -7.10
CA ASN D 68 11.36 -27.05 -7.96
C ASN D 68 11.91 -26.66 -9.33
N SER D 69 13.13 -27.11 -9.64
CA SER D 69 13.75 -26.79 -10.91
C SER D 69 13.88 -27.98 -11.88
N SER D 70 13.04 -29.00 -11.71
CA SER D 70 13.04 -30.12 -12.65
C SER D 70 12.80 -29.67 -14.10
N HIS D 71 11.94 -28.66 -14.28
CA HIS D 71 11.69 -28.09 -15.61
C HIS D 71 11.82 -26.57 -15.63
N SER D 72 12.73 -26.03 -14.81
CA SER D 72 12.93 -24.59 -14.67
C SER D 72 14.41 -24.26 -14.51
N PRO D 73 14.83 -23.02 -14.79
CA PRO D 73 16.20 -22.59 -14.53
C PRO D 73 16.56 -22.93 -13.08
N ASP D 74 17.79 -23.34 -12.84
CA ASP D 74 18.15 -23.74 -11.48
C ASP D 74 18.95 -22.68 -10.74
N GLN D 75 19.13 -21.52 -11.34
CA GLN D 75 19.86 -20.40 -10.74
C GLN D 75 19.29 -19.06 -11.20
N VAL D 76 19.32 -18.09 -10.30
CA VAL D 76 18.95 -16.70 -10.63
C VAL D 76 19.86 -15.76 -9.81
N SER D 77 20.02 -14.55 -10.31
CA SER D 77 20.68 -13.46 -9.59
C SER D 77 19.62 -12.58 -8.94
N VAL D 78 19.80 -12.28 -7.65
CA VAL D 78 18.77 -11.66 -6.81
C VAL D 78 19.40 -10.46 -6.05
N PRO D 79 18.74 -9.30 -6.02
CA PRO D 79 19.27 -8.18 -5.23
C PRO D 79 19.39 -8.62 -3.76
N ILE D 80 20.50 -8.33 -3.08
CA ILE D 80 20.64 -8.79 -1.68
C ILE D 80 19.56 -8.16 -0.76
N SER D 81 18.99 -7.05 -1.21
CA SER D 81 17.92 -6.38 -0.50
C SER D 81 16.69 -7.25 -0.44
N SER D 82 16.55 -8.20 -1.37
CA SER D 82 15.48 -9.20 -1.23
C SER D 82 15.86 -10.48 -0.49
N LEU D 83 17.06 -10.58 0.06
CA LEU D 83 17.48 -11.81 0.73
C LEU D 83 17.97 -11.51 2.14
N TRP D 84 17.88 -12.48 3.03
CA TRP D 84 18.66 -12.43 4.27
C TRP D 84 20.11 -12.65 3.88
N VAL D 85 20.97 -11.79 4.42
CA VAL D 85 22.40 -11.94 4.27
C VAL D 85 23.05 -11.93 5.68
N PRO D 86 24.09 -12.74 5.89
CA PRO D 86 24.79 -12.74 7.19
C PRO D 86 25.40 -11.39 7.52
N ASP D 87 25.27 -11.02 8.80
CA ASP D 87 25.73 -9.72 9.28
C ASP D 87 27.26 -9.70 9.60
N LEU D 88 28.05 -10.07 8.60
CA LEU D 88 29.49 -10.23 8.76
C LEU D 88 30.16 -8.86 8.83
N ALA D 89 31.14 -8.74 9.71
CA ALA D 89 31.95 -7.52 9.83
C ALA D 89 33.38 -7.92 10.10
N ALA D 90 34.32 -7.21 9.47
CA ALA D 90 35.74 -7.33 9.83
C ALA D 90 36.00 -6.59 11.14
N TYR D 91 36.52 -7.33 12.11
CA TYR D 91 36.72 -6.82 13.48
C TYR D 91 37.75 -5.69 13.57
N ASN D 92 38.77 -5.74 12.71
CA ASN D 92 39.84 -4.74 12.72
C ASN D 92 39.75 -3.78 11.54
N ALA D 93 38.57 -3.67 10.93
CA ALA D 93 38.35 -2.65 9.91
C ALA D 93 38.32 -1.27 10.55
N ILE D 94 38.89 -0.28 9.86
CA ILE D 94 38.88 1.09 10.33
C ILE D 94 38.18 2.04 9.33
N SER D 95 37.54 1.44 8.33
CA SER D 95 36.65 2.16 7.44
C SER D 95 35.45 1.27 7.12
N LYS D 96 34.34 1.90 6.74
CA LYS D 96 33.16 1.23 6.20
C LYS D 96 33.56 0.45 4.94
N PRO D 97 33.08 -0.78 4.78
CA PRO D 97 33.35 -1.50 3.53
C PRO D 97 32.76 -0.72 2.33
N GLU D 98 33.62 -0.42 1.36
CA GLU D 98 33.19 0.20 0.13
C GLU D 98 32.93 -0.92 -0.88
N VAL D 99 31.66 -1.22 -1.13
CA VAL D 99 31.27 -2.26 -2.09
C VAL D 99 31.41 -1.69 -3.53
N LEU D 100 32.24 -2.34 -4.33
CA LEU D 100 32.58 -1.84 -5.64
C LEU D 100 31.66 -2.43 -6.72
N THR D 101 30.97 -3.51 -6.38
CA THR D 101 30.24 -4.25 -7.39
C THR D 101 28.72 -4.18 -7.19
N PRO D 102 27.95 -4.52 -8.24
CA PRO D 102 26.49 -4.67 -8.11
C PRO D 102 26.13 -5.60 -6.97
N GLN D 103 25.15 -5.15 -6.20
CA GLN D 103 24.76 -5.83 -4.98
C GLN D 103 23.74 -6.94 -5.26
N LEU D 104 24.17 -7.97 -5.98
CA LEU D 104 23.34 -9.10 -6.36
C LEU D 104 24.01 -10.36 -5.86
N ALA D 105 23.23 -11.34 -5.45
CA ALA D 105 23.75 -12.64 -5.10
C ALA D 105 23.15 -13.63 -6.06
N ARG D 106 23.79 -14.78 -6.16
CA ARG D 106 23.34 -15.83 -7.00
C ARG D 106 22.69 -16.90 -6.10
N VAL D 107 21.44 -17.26 -6.42
CA VAL D 107 20.68 -18.23 -5.68
C VAL D 107 20.43 -19.47 -6.56
N VAL D 108 20.73 -20.65 -6.01
CA VAL D 108 20.51 -21.93 -6.67
C VAL D 108 19.19 -22.49 -6.21
N SER D 109 18.53 -23.30 -7.03
CA SER D 109 17.20 -23.81 -6.71
C SER D 109 17.13 -24.65 -5.44
N ASP D 110 18.26 -25.11 -4.92
CA ASP D 110 18.25 -25.86 -3.64
C ASP D 110 18.41 -24.94 -2.43
N GLY D 111 18.44 -23.64 -2.68
CA GLY D 111 18.51 -22.68 -1.60
C GLY D 111 19.90 -22.17 -1.27
N GLU D 112 20.92 -22.67 -1.95
CA GLU D 112 22.29 -22.21 -1.74
C GLU D 112 22.46 -20.81 -2.29
N VAL D 113 23.18 -19.99 -1.50
CA VAL D 113 23.42 -18.60 -1.86
C VAL D 113 24.89 -18.25 -2.01
N LEU D 114 25.20 -17.52 -3.07
CA LEU D 114 26.56 -17.17 -3.35
C LEU D 114 26.58 -15.66 -3.49
N TYR D 115 27.22 -15.01 -2.52
CA TYR D 115 27.39 -13.56 -2.56
C TYR D 115 28.85 -13.21 -2.51
N MET D 116 29.36 -12.58 -3.57
CA MET D 116 30.77 -12.22 -3.63
C MET D 116 31.03 -10.76 -4.03
N PRO D 117 30.81 -9.83 -3.11
CA PRO D 117 31.10 -8.43 -3.38
C PRO D 117 32.59 -8.17 -3.46
N SER D 118 32.99 -7.24 -4.33
CA SER D 118 34.35 -6.74 -4.25
C SER D 118 34.33 -5.53 -3.35
N ILE D 119 35.13 -5.62 -2.29
CA ILE D 119 35.17 -4.59 -1.24
C ILE D 119 36.54 -3.91 -1.17
N ARG D 120 36.51 -2.60 -1.04
CA ARG D 120 37.69 -1.86 -0.64
C ARG D 120 37.51 -1.44 0.80
N GLN D 121 38.52 -1.69 1.60
CA GLN D 121 38.42 -1.42 3.02
C GLN D 121 39.81 -1.20 3.59
N ARG D 122 39.88 -0.38 4.64
CA ARG D 122 41.13 -0.17 5.39
C ARG D 122 41.12 -0.92 6.73
N PHE D 123 42.29 -1.44 7.11
CA PHE D 123 42.45 -2.31 8.25
C PHE D 123 43.60 -1.87 9.13
N SER D 124 43.41 -2.06 10.43
CA SER D 124 44.49 -1.91 11.36
C SER D 124 45.08 -3.28 11.59
N CYS D 125 46.32 -3.49 11.18
CA CYS D 125 47.01 -4.76 11.36
C CYS D 125 48.52 -4.60 11.30
N ASP D 126 49.25 -5.68 11.55
CA ASP D 126 50.72 -5.67 11.54
C ASP D 126 51.33 -5.48 10.14
N VAL D 127 51.93 -4.31 9.93
CA VAL D 127 52.55 -3.98 8.67
C VAL D 127 54.08 -4.10 8.75
N SER D 128 54.61 -4.38 9.96
CA SER D 128 56.05 -4.48 10.14
C SER D 128 56.68 -5.57 9.26
N GLY D 129 57.82 -5.24 8.66
CA GLY D 129 58.53 -6.16 7.79
C GLY D 129 58.04 -6.17 6.35
N VAL D 130 57.10 -5.28 6.01
CA VAL D 130 56.55 -5.20 4.65
C VAL D 130 57.60 -5.03 3.55
N ASP D 131 58.68 -4.34 3.87
CA ASP D 131 59.77 -4.10 2.91
C ASP D 131 60.96 -5.03 3.16
N THR D 132 60.68 -6.23 3.67
CA THR D 132 61.71 -7.26 3.82
C THR D 132 61.32 -8.47 2.97
N GLU D 133 62.22 -9.43 2.82
CA GLU D 133 61.96 -10.65 2.05
C GLU D 133 60.87 -11.53 2.68
N SER D 134 60.83 -11.55 4.01
CA SER D 134 59.84 -12.31 4.75
C SER D 134 58.45 -11.67 4.63
N GLY D 135 58.44 -10.35 4.51
CA GLY D 135 57.21 -9.61 4.33
C GLY D 135 56.47 -9.36 5.62
N ALA D 136 55.31 -8.70 5.51
CA ALA D 136 54.45 -8.43 6.64
C ALA D 136 53.36 -9.49 6.64
N THR D 137 52.79 -9.75 7.83
CA THR D 137 51.62 -10.63 7.94
C THR D 137 50.46 -9.87 8.56
N CYS D 138 49.52 -9.47 7.72
CA CYS D 138 48.34 -8.74 8.13
C CYS D 138 47.18 -9.71 8.35
N ARG D 139 46.64 -9.70 9.57
CA ARG D 139 45.50 -10.54 9.91
C ARG D 139 44.16 -9.79 9.92
N ILE D 140 43.19 -10.33 9.20
CA ILE D 140 41.84 -9.79 9.17
C ILE D 140 40.86 -10.80 9.75
N LYS D 141 40.08 -10.38 10.75
CA LYS D 141 39.10 -11.25 11.38
C LYS D 141 37.69 -10.85 10.92
N ILE D 142 36.96 -11.80 10.35
CA ILE D 142 35.57 -11.60 9.92
C ILE D 142 34.62 -12.56 10.63
N GLY D 143 33.61 -12.00 11.29
CA GLY D 143 32.58 -12.79 11.89
C GLY D 143 31.26 -12.04 11.95
N SER D 144 30.21 -12.75 12.33
CA SER D 144 28.90 -12.16 12.53
C SER D 144 28.92 -11.17 13.69
N TRP D 145 28.33 -10.00 13.48
CA TRP D 145 28.33 -8.96 14.51
C TRP D 145 27.41 -9.25 15.66
N THR D 146 26.27 -9.88 15.39
CA THR D 146 25.26 -10.10 16.42
C THR D 146 24.82 -11.56 16.60
N HIS D 147 25.25 -12.48 15.72
CA HIS D 147 24.78 -13.85 15.91
C HIS D 147 25.89 -14.72 16.50
N HIS D 148 25.63 -15.32 17.65
CA HIS D 148 26.60 -16.21 18.27
C HIS D 148 26.67 -17.60 17.59
N SER D 149 27.48 -18.50 18.18
CA SER D 149 27.86 -19.74 17.49
C SER D 149 26.72 -20.73 17.28
N ARG D 150 25.64 -20.60 18.05
CA ARG D 150 24.46 -21.47 17.88
C ARG D 150 23.55 -21.01 16.72
N GLU D 151 23.80 -19.80 16.23
CA GLU D 151 22.99 -19.21 15.15
C GLU D 151 23.76 -19.09 13.85
N ILE D 152 25.02 -18.66 13.94
CA ILE D 152 25.88 -18.63 12.79
C ILE D 152 27.23 -19.27 13.10
N SER D 153 27.58 -20.27 12.30
CA SER D 153 28.95 -20.74 12.30
C SER D 153 29.66 -20.22 11.08
N VAL D 154 30.94 -19.91 11.24
CA VAL D 154 31.69 -19.31 10.16
C VAL D 154 32.88 -20.17 9.86
N ASP D 155 33.07 -20.50 8.57
CA ASP D 155 34.12 -21.44 8.17
C ASP D 155 34.84 -21.01 6.90
N PRO D 156 36.15 -21.22 6.87
CA PRO D 156 36.96 -20.99 5.67
C PRO D 156 36.66 -22.03 4.58
N THR D 157 36.42 -21.61 3.32
CA THR D 157 36.20 -22.55 2.21
C THR D 157 37.37 -23.50 2.08
N THR D 158 37.17 -24.67 1.46
CA THR D 158 38.31 -25.50 1.08
C THR D 158 39.08 -24.77 -0.01
N GLU D 159 40.41 -24.72 0.14
CA GLU D 159 41.26 -23.81 -0.64
C GLU D 159 41.89 -24.49 -1.86
N ASN D 160 41.37 -24.16 -3.04
CA ASN D 160 41.84 -24.81 -4.28
C ASN D 160 42.77 -23.99 -5.18
N SER D 161 42.47 -22.70 -5.37
CA SER D 161 43.30 -21.81 -6.18
C SER D 161 44.47 -21.16 -5.42
N ASP D 162 45.52 -20.81 -6.17
CA ASP D 162 46.65 -20.03 -5.66
C ASP D 162 46.13 -18.70 -5.13
N ASP D 163 46.80 -18.22 -4.09
CA ASP D 163 46.44 -16.99 -3.40
C ASP D 163 46.47 -15.72 -4.28
N SER D 164 47.10 -15.84 -5.44
CA SER D 164 47.24 -14.70 -6.34
C SER D 164 46.44 -14.86 -7.63
N GLU D 165 45.60 -15.89 -7.71
CA GLU D 165 44.85 -16.15 -8.95
C GLU D 165 44.18 -14.89 -9.52
N TYR D 166 43.68 -14.04 -8.61
CA TYR D 166 42.99 -12.82 -8.98
C TYR D 166 43.71 -11.54 -8.52
N PHE D 167 44.96 -11.65 -8.04
CA PHE D 167 45.69 -10.49 -7.54
C PHE D 167 46.27 -9.68 -8.68
N SER D 168 46.12 -8.35 -8.60
CA SER D 168 46.70 -7.45 -9.63
C SER D 168 48.21 -7.59 -9.74
N GLN D 169 48.67 -7.81 -10.98
CA GLN D 169 50.09 -7.84 -11.30
C GLN D 169 50.68 -6.43 -11.23
N TYR D 170 49.81 -5.42 -11.14
CA TYR D 170 50.28 -4.04 -11.22
C TYR D 170 50.44 -3.39 -9.85
N SER D 171 50.03 -4.11 -8.82
CA SER D 171 50.24 -3.69 -7.44
C SER D 171 51.72 -3.47 -7.15
N ARG D 172 52.00 -2.50 -6.29
CA ARG D 172 53.35 -2.28 -5.78
C ARG D 172 53.78 -3.48 -4.91
N PHE D 173 52.79 -4.26 -4.48
CA PHE D 173 53.02 -5.37 -3.56
C PHE D 173 52.79 -6.73 -4.21
N GLU D 174 53.29 -7.77 -3.55
CA GLU D 174 53.04 -9.14 -3.97
C GLU D 174 52.64 -10.03 -2.79
N ILE D 175 51.83 -11.03 -3.07
CA ILE D 175 51.35 -11.94 -2.04
C ILE D 175 52.25 -13.14 -1.94
N LEU D 176 52.68 -13.44 -0.73
CA LEU D 176 53.56 -14.57 -0.48
C LEU D 176 52.73 -15.77 -0.05
N ASP D 177 51.77 -15.52 0.83
CA ASP D 177 50.87 -16.56 1.30
C ASP D 177 49.60 -15.98 1.93
N VAL D 178 48.50 -16.69 1.74
CA VAL D 178 47.29 -16.36 2.46
C VAL D 178 46.79 -17.63 3.14
N THR D 179 46.53 -17.55 4.44
CA THR D 179 45.94 -18.68 5.15
C THR D 179 44.61 -18.32 5.84
N GLN D 180 43.68 -19.27 5.91
CA GLN D 180 42.40 -19.02 6.58
C GLN D 180 42.16 -20.09 7.71
N LYS D 181 41.72 -19.63 8.87
CA LYS D 181 41.42 -20.51 10.02
C LYS D 181 40.23 -19.94 10.77
N LYS D 182 39.47 -20.77 11.46
CA LYS D 182 38.28 -20.28 12.14
C LYS D 182 38.58 -20.14 13.64
N ASN D 183 37.87 -19.25 14.33
CA ASN D 183 37.91 -19.19 15.81
C ASN D 183 36.52 -19.16 16.41
N SER D 184 36.40 -19.60 17.66
CA SER D 184 35.21 -19.40 18.48
C SER D 184 35.70 -18.67 19.71
N VAL D 185 35.27 -17.42 19.87
CA VAL D 185 35.72 -16.60 20.98
C VAL D 185 34.58 -16.19 21.88
N THR D 186 34.75 -16.46 23.17
CA THR D 186 34.00 -15.76 24.20
C THR D 186 34.70 -14.42 24.43
N TYR D 187 33.90 -13.36 24.38
CA TYR D 187 34.35 -12.05 24.81
C TYR D 187 33.79 -11.75 26.20
N SER D 188 34.27 -10.68 26.82
CA SER D 188 33.79 -10.30 28.15
C SER D 188 32.46 -9.55 28.08
N CYS D 189 32.19 -8.96 26.92
CA CYS D 189 30.96 -8.22 26.64
C CYS D 189 29.69 -9.05 26.86
N CYS D 190 29.74 -10.28 26.38
CA CYS D 190 28.55 -11.11 26.15
C CYS D 190 28.88 -12.57 26.58
N PRO D 191 27.89 -13.36 27.02
CA PRO D 191 28.19 -14.71 27.56
C PRO D 191 28.43 -15.85 26.53
N GLU D 192 27.97 -15.69 25.28
CA GLU D 192 28.10 -16.76 24.28
C GLU D 192 29.45 -16.72 23.57
N ALA D 193 29.62 -17.59 22.57
CA ALA D 193 30.82 -17.61 21.73
C ALA D 193 30.50 -17.09 20.32
N TYR D 194 31.39 -16.26 19.80
CA TYR D 194 31.25 -15.73 18.44
C TYR D 194 32.34 -16.30 17.55
N GLU D 195 31.94 -16.80 16.39
CA GLU D 195 32.88 -17.42 15.47
C GLU D 195 33.42 -16.41 14.49
N ASP D 196 34.69 -16.57 14.15
CA ASP D 196 35.27 -15.77 13.07
C ASP D 196 36.22 -16.56 12.20
N VAL D 197 36.41 -16.09 10.98
CA VAL D 197 37.52 -16.57 10.17
C VAL D 197 38.62 -15.52 10.24
N GLU D 198 39.81 -15.97 10.60
CA GLU D 198 41.00 -15.14 10.59
C GLU D 198 41.81 -15.38 9.32
N VAL D 199 41.90 -14.35 8.47
CA VAL D 199 42.68 -14.42 7.23
C VAL D 199 44.05 -13.76 7.45
N SER D 200 45.11 -14.53 7.26
CA SER D 200 46.48 -14.03 7.36
C SER D 200 47.07 -13.77 5.99
N LEU D 201 47.22 -12.48 5.67
CA LEU D 201 47.79 -12.03 4.40
C LEU D 201 49.27 -11.77 4.64
N ASN D 202 50.13 -12.68 4.15
CA ASN D 202 51.56 -12.47 4.09
C ASN D 202 51.91 -11.82 2.75
N PHE D 203 52.42 -10.60 2.80
CA PHE D 203 52.71 -9.83 1.60
C PHE D 203 53.96 -8.99 1.79
N ARG D 204 54.55 -8.54 0.69
CA ARG D 204 55.73 -7.67 0.71
C ARG D 204 55.75 -6.70 -0.46
N LYS D 205 56.48 -5.60 -0.28
CA LYS D 205 56.76 -4.67 -1.37
C LYS D 205 57.64 -5.40 -2.39
N LYS D 206 57.33 -5.23 -3.67
CA LYS D 206 58.16 -5.78 -4.74
C LYS D 206 59.53 -5.13 -4.75
N GLY D 207 60.55 -5.92 -5.08
CA GLY D 207 61.91 -5.42 -5.23
C GLY D 207 62.22 -4.97 -6.64
N GLU E 2 6.08 -22.91 19.83
CA GLU E 2 5.14 -21.75 19.92
C GLU E 2 5.45 -20.70 18.83
N PHE E 3 6.51 -19.90 18.99
CA PHE E 3 6.89 -18.88 17.99
C PHE E 3 8.29 -19.18 17.48
N ASP E 4 8.45 -19.43 16.19
CA ASP E 4 9.80 -19.45 15.61
C ASP E 4 10.31 -18.01 15.36
N ARG E 5 11.56 -17.89 14.94
CA ARG E 5 12.18 -16.59 14.71
C ARG E 5 11.41 -15.75 13.69
N ALA E 6 10.85 -16.39 12.67
CA ALA E 6 10.09 -15.65 11.69
C ALA E 6 8.87 -14.97 12.32
N ASP E 7 8.18 -15.67 13.23
CA ASP E 7 7.02 -15.14 13.93
C ASP E 7 7.40 -13.98 14.85
N ILE E 8 8.50 -14.12 15.59
CA ILE E 8 9.00 -13.07 16.49
C ILE E 8 9.37 -11.82 15.74
N LEU E 9 10.08 -11.99 14.64
CA LEU E 9 10.50 -10.87 13.86
C LEU E 9 9.31 -10.20 13.16
N TYR E 10 8.36 -11.01 12.68
CA TYR E 10 7.11 -10.50 12.10
C TYR E 10 6.34 -9.68 13.14
N ASN E 11 6.15 -10.21 14.34
CA ASN E 11 5.41 -9.49 15.39
C ASN E 11 6.08 -8.16 15.74
N ILE E 12 7.39 -8.17 15.90
CA ILE E 12 8.15 -6.95 16.19
C ILE E 12 8.03 -5.93 15.07
N ARG E 13 8.22 -6.39 13.85
CA ARG E 13 8.19 -5.50 12.70
C ARG E 13 6.76 -4.88 12.52
N GLN E 14 5.71 -5.62 12.83
CA GLN E 14 4.33 -5.13 12.68
C GLN E 14 3.87 -4.21 13.82
N THR E 15 4.48 -4.30 15.00
CA THR E 15 3.96 -3.60 16.18
C THR E 15 4.95 -2.73 16.92
N SER E 16 6.23 -2.87 16.61
CA SER E 16 7.21 -1.99 17.18
C SER E 16 6.97 -0.62 16.55
N ARG E 17 6.92 0.39 17.41
CA ARG E 17 6.73 1.76 17.02
C ARG E 17 8.06 2.47 17.23
N PRO E 18 8.87 2.59 16.18
CA PRO E 18 10.24 3.11 16.31
C PRO E 18 10.31 4.58 16.73
N ASP E 19 9.23 5.34 16.56
CA ASP E 19 9.25 6.76 16.92
C ASP E 19 8.81 7.00 18.37
N VAL E 20 8.43 5.93 19.08
CA VAL E 20 7.80 6.02 20.39
C VAL E 20 8.73 5.53 21.51
N ILE E 21 9.14 6.48 22.35
CA ILE E 21 10.02 6.17 23.48
C ILE E 21 9.24 5.23 24.39
N PRO E 22 9.82 4.10 24.80
CA PRO E 22 9.09 3.16 25.66
C PRO E 22 9.13 3.54 27.13
N THR E 23 8.73 4.77 27.47
CA THR E 23 8.58 5.14 28.89
C THR E 23 7.44 4.36 29.54
N GLN E 24 7.65 3.97 30.79
CA GLN E 24 6.68 3.17 31.52
C GLN E 24 6.48 3.75 32.93
N ARG E 25 5.20 3.88 33.31
CA ARG E 25 4.75 4.53 34.57
C ARG E 25 5.17 6.01 34.69
N ASP E 26 5.60 6.60 33.57
CA ASP E 26 6.16 7.96 33.56
C ASP E 26 7.54 8.07 34.22
N ARG E 27 8.26 6.95 34.27
CA ARG E 27 9.66 6.88 34.67
C ARG E 27 10.52 7.01 33.42
N PRO E 28 11.75 7.53 33.56
CA PRO E 28 12.64 7.61 32.40
C PRO E 28 13.02 6.22 31.89
N VAL E 29 13.27 6.11 30.58
CA VAL E 29 13.91 4.93 30.07
C VAL E 29 15.36 4.98 30.53
N ALA E 30 15.81 3.92 31.18
CA ALA E 30 17.19 3.81 31.62
C ALA E 30 18.05 3.28 30.50
N VAL E 31 18.87 4.14 29.94
CA VAL E 31 19.80 3.76 28.86
C VAL E 31 21.22 3.62 29.43
N SER E 32 21.81 2.43 29.28
CA SER E 32 23.19 2.20 29.65
C SER E 32 24.13 2.45 28.46
N VAL E 33 25.16 3.24 28.67
CA VAL E 33 26.12 3.58 27.64
C VAL E 33 27.52 3.27 28.12
N SER E 34 28.26 2.55 27.28
CA SER E 34 29.66 2.22 27.57
C SER E 34 30.46 2.25 26.28
N LEU E 35 31.56 2.99 26.26
CA LEU E 35 32.44 3.01 25.09
C LEU E 35 33.58 2.04 25.30
N LYS E 36 33.80 1.18 24.31
CA LYS E 36 34.94 0.27 24.30
C LYS E 36 35.80 0.73 23.14
N PHE E 37 36.99 1.22 23.46
CA PHE E 37 37.87 1.79 22.44
C PHE E 37 38.60 0.71 21.68
N ILE E 38 38.61 0.85 20.35
CA ILE E 38 39.17 -0.19 19.50
C ILE E 38 40.45 0.35 18.88
N ASN E 39 40.43 1.63 18.52
CA ASN E 39 41.56 2.26 17.90
C ASN E 39 41.56 3.76 18.04
N ILE E 40 42.76 4.31 18.07
CA ILE E 40 42.99 5.75 18.01
C ILE E 40 43.83 5.97 16.75
N LEU E 41 43.21 6.60 15.76
CA LEU E 41 43.75 6.58 14.40
C LEU E 41 44.60 7.80 14.08
N GLU E 42 44.20 8.94 14.60
CA GLU E 42 44.87 10.19 14.27
C GLU E 42 44.65 11.13 15.43
N VAL E 43 45.68 11.87 15.75
CA VAL E 43 45.71 12.75 16.89
C VAL E 43 46.44 13.99 16.40
N ASN E 44 45.95 15.16 16.82
CA ASN E 44 46.56 16.42 16.46
C ASN E 44 46.59 17.33 17.68
N GLU E 45 47.78 17.47 18.28
CA GLU E 45 47.93 18.26 19.50
C GLU E 45 47.77 19.77 19.29
N ILE E 46 47.99 20.22 18.05
CA ILE E 46 47.84 21.64 17.70
C ILE E 46 46.35 22.02 17.62
N THR E 47 45.57 21.22 16.91
CA THR E 47 44.13 21.49 16.74
C THR E 47 43.25 20.89 17.84
N ASN E 48 43.82 20.02 18.68
CA ASN E 48 43.08 19.34 19.74
C ASN E 48 41.93 18.47 19.18
N GLU E 49 42.26 17.59 18.26
CA GLU E 49 41.28 16.78 17.57
C GLU E 49 41.75 15.33 17.56
N VAL E 50 40.85 14.41 17.82
CA VAL E 50 41.17 12.98 17.71
C VAL E 50 40.21 12.25 16.77
N ASP E 51 40.73 11.21 16.12
CA ASP E 51 39.95 10.34 15.24
C ASP E 51 40.03 8.95 15.88
N VAL E 52 38.87 8.35 16.15
CA VAL E 52 38.83 7.19 17.04
C VAL E 52 37.83 6.18 16.54
N VAL E 53 38.07 4.91 16.89
CA VAL E 53 37.12 3.83 16.61
C VAL E 53 36.70 3.23 17.94
N PHE E 54 35.39 3.18 18.19
CA PHE E 54 34.88 2.62 19.44
C PHE E 54 33.58 1.82 19.28
N TRP E 55 33.35 0.87 20.18
CA TRP E 55 32.04 0.25 20.25
C TRP E 55 31.18 1.05 21.19
N GLN E 56 30.03 1.55 20.70
CA GLN E 56 29.12 2.32 21.54
C GLN E 56 28.08 1.33 22.04
N GLN E 57 28.43 0.65 23.10
CA GLN E 57 27.58 -0.34 23.72
C GLN E 57 26.40 0.35 24.40
N THR E 58 25.20 0.16 23.85
CA THR E 58 23.95 0.75 24.35
C THR E 58 22.91 -0.31 24.71
N THR E 59 22.40 -0.27 25.95
CA THR E 59 21.31 -1.15 26.34
C THR E 59 20.17 -0.36 26.96
N TRP E 60 18.96 -0.88 26.76
CA TRP E 60 17.76 -0.36 27.39
C TRP E 60 16.67 -1.40 27.32
N SER E 61 15.56 -1.12 27.98
CA SER E 61 14.43 -2.00 27.99
C SER E 61 13.28 -1.41 27.20
N ASP E 62 12.62 -2.26 26.42
CA ASP E 62 11.43 -1.86 25.68
C ASP E 62 10.44 -3.03 25.79
N ARG E 63 9.49 -2.88 26.70
CA ARG E 63 8.60 -3.98 27.07
C ARG E 63 7.61 -4.28 25.97
N THR E 64 7.44 -3.36 25.03
CA THR E 64 6.49 -3.57 23.94
C THR E 64 7.06 -4.57 22.95
N LEU E 65 8.34 -4.90 23.11
CA LEU E 65 9.03 -5.90 22.29
C LEU E 65 8.89 -7.34 22.85
N ALA E 66 8.57 -7.45 24.13
CA ALA E 66 8.59 -8.73 24.84
C ALA E 66 7.66 -9.79 24.23
N TRP E 67 8.09 -11.04 24.33
CA TRP E 67 7.25 -12.16 23.92
C TRP E 67 7.43 -13.31 24.90
N ASN E 68 6.47 -14.23 24.87
CA ASN E 68 6.50 -15.43 25.69
C ASN E 68 7.48 -16.44 25.10
N SER E 69 8.60 -16.63 25.77
CA SER E 69 9.62 -17.52 25.25
C SER E 69 9.76 -18.84 26.00
N SER E 70 8.68 -19.27 26.67
CA SER E 70 8.73 -20.53 27.40
C SER E 70 9.03 -21.73 26.47
N HIS E 71 8.57 -21.65 25.22
CA HIS E 71 8.81 -22.69 24.21
C HIS E 71 9.27 -22.08 22.88
N SER E 72 9.97 -20.94 22.95
CA SER E 72 10.43 -20.21 21.78
C SER E 72 11.86 -19.69 22.03
N PRO E 73 12.59 -19.37 20.96
CA PRO E 73 13.88 -18.67 21.06
C PRO E 73 13.73 -17.44 21.95
N ASP E 74 14.73 -17.12 22.74
CA ASP E 74 14.55 -16.02 23.67
C ASP E 74 15.28 -14.77 23.22
N GLN E 75 15.88 -14.82 22.03
CA GLN E 75 16.65 -13.69 21.46
C GLN E 75 16.59 -13.70 19.93
N VAL E 76 16.55 -12.51 19.35
CA VAL E 76 16.64 -12.36 17.91
C VAL E 76 17.41 -11.07 17.62
N SER E 77 17.98 -10.99 16.41
CA SER E 77 18.64 -9.81 15.90
C SER E 77 17.64 -9.07 14.99
N VAL E 78 17.54 -7.76 15.18
CA VAL E 78 16.49 -6.95 14.56
C VAL E 78 17.13 -5.72 13.95
N PRO E 79 16.78 -5.34 12.70
CA PRO E 79 17.29 -4.10 12.14
C PRO E 79 16.83 -2.94 13.04
N ILE E 80 17.75 -2.02 13.39
CA ILE E 80 17.40 -0.89 14.26
C ILE E 80 16.27 -0.01 13.68
N SER E 81 16.12 -0.05 12.36
CA SER E 81 15.04 0.65 11.68
C SER E 81 13.67 0.15 12.13
N SER E 82 13.59 -1.07 12.68
CA SER E 82 12.33 -1.58 13.21
C SER E 82 12.14 -1.36 14.71
N LEU E 83 13.05 -0.61 15.35
CA LEU E 83 13.07 -0.49 16.79
C LEU E 83 13.19 0.97 17.15
N TRP E 84 12.65 1.38 18.29
CA TRP E 84 13.01 2.67 18.86
C TRP E 84 14.43 2.51 19.36
N VAL E 85 15.23 3.56 19.18
CA VAL E 85 16.62 3.55 19.60
C VAL E 85 16.81 4.91 20.23
N PRO E 86 17.55 5.02 21.33
CA PRO E 86 17.79 6.32 21.98
C PRO E 86 18.55 7.30 21.07
N ASP E 87 18.11 8.58 21.03
CA ASP E 87 18.74 9.63 20.28
C ASP E 87 20.03 10.18 20.89
N LEU E 88 21.01 9.30 21.10
CA LEU E 88 22.27 9.67 21.74
C LEU E 88 23.17 10.40 20.76
N ALA E 89 23.89 11.39 21.28
CA ALA E 89 24.84 12.13 20.44
C ALA E 89 26.02 12.46 21.33
N ALA E 90 27.24 12.37 20.78
CA ALA E 90 28.43 12.85 21.49
C ALA E 90 28.50 14.38 21.32
N TYR E 91 28.47 15.08 22.45
CA TYR E 91 28.43 16.55 22.49
C TYR E 91 29.59 17.27 21.83
N ASN E 92 30.78 16.66 21.91
CA ASN E 92 32.00 17.23 21.35
C ASN E 92 32.48 16.54 20.06
N ALA E 93 31.60 15.79 19.40
CA ALA E 93 31.90 15.21 18.10
C ALA E 93 31.97 16.34 17.07
N ILE E 94 32.92 16.24 16.15
CA ILE E 94 33.09 17.20 15.07
C ILE E 94 32.95 16.52 13.72
N SER E 95 32.52 15.26 13.74
CA SER E 95 32.10 14.57 12.53
C SER E 95 30.88 13.72 12.82
N LYS E 96 30.12 13.39 11.78
CA LYS E 96 29.01 12.45 11.90
C LYS E 96 29.59 11.10 12.33
N PRO E 97 28.88 10.37 13.16
CA PRO E 97 29.31 9.00 13.49
C PRO E 97 29.29 8.11 12.23
N GLU E 98 30.45 7.55 11.88
CA GLU E 98 30.54 6.59 10.78
C GLU E 98 30.35 5.21 11.40
N VAL E 99 29.18 4.61 11.17
CA VAL E 99 28.88 3.29 11.71
C VAL E 99 29.53 2.25 10.77
N LEU E 100 30.41 1.43 11.32
CA LEU E 100 31.17 0.48 10.54
C LEU E 100 30.47 -0.90 10.41
N THR E 101 29.50 -1.16 11.25
CA THR E 101 28.96 -2.50 11.38
C THR E 101 27.51 -2.58 10.95
N PRO E 102 27.01 -3.78 10.69
CA PRO E 102 25.59 -3.97 10.37
C PRO E 102 24.68 -3.34 11.44
N GLN E 103 23.67 -2.60 10.99
CA GLN E 103 22.73 -1.89 11.89
C GLN E 103 21.70 -2.82 12.52
N LEU E 104 22.16 -3.81 13.29
CA LEU E 104 21.21 -4.73 13.90
C LEU E 104 21.35 -4.61 15.42
N ALA E 105 20.26 -4.78 16.14
CA ALA E 105 20.32 -4.85 17.60
C ALA E 105 19.90 -6.25 18.00
N ARG E 106 20.25 -6.62 19.22
CA ARG E 106 19.86 -7.88 19.78
C ARG E 106 18.71 -7.63 20.78
N VAL E 107 17.60 -8.32 20.58
CA VAL E 107 16.43 -8.18 21.45
C VAL E 107 16.16 -9.48 22.19
N VAL E 108 16.01 -9.38 23.52
CA VAL E 108 15.76 -10.53 24.37
C VAL E 108 14.26 -10.57 24.65
N SER E 109 13.72 -11.74 24.88
CA SER E 109 12.29 -11.95 25.04
C SER E 109 11.66 -11.18 26.20
N ASP E 110 12.46 -10.62 27.09
CA ASP E 110 11.89 -9.77 28.15
C ASP E 110 11.87 -8.29 27.75
N GLY E 111 12.23 -8.00 26.51
CA GLY E 111 12.25 -6.64 25.99
C GLY E 111 13.56 -5.88 26.16
N GLU E 112 14.64 -6.53 26.58
CA GLU E 112 15.91 -5.85 26.70
C GLU E 112 16.58 -5.81 25.35
N VAL E 113 16.97 -4.60 24.95
CA VAL E 113 17.63 -4.35 23.67
C VAL E 113 19.13 -4.09 23.95
N LEU E 114 20.00 -4.73 23.16
CA LEU E 114 21.44 -4.48 23.14
C LEU E 114 21.85 -3.99 21.75
N TYR E 115 22.38 -2.79 21.67
CA TYR E 115 22.85 -2.27 20.39
C TYR E 115 24.29 -1.83 20.54
N MET E 116 25.18 -2.40 19.73
CA MET E 116 26.59 -2.09 19.86
C MET E 116 27.28 -1.84 18.52
N PRO E 117 27.02 -0.69 17.91
CA PRO E 117 27.67 -0.33 16.65
C PRO E 117 29.16 -0.05 16.89
N SER E 118 30.00 -0.44 15.93
CA SER E 118 31.35 0.11 15.90
C SER E 118 31.30 1.41 15.11
N ILE E 119 31.87 2.46 15.67
CA ILE E 119 31.74 3.81 15.17
C ILE E 119 33.12 4.42 15.02
N ARG E 120 33.38 5.04 13.87
CA ARG E 120 34.52 5.91 13.72
C ARG E 120 34.04 7.35 13.73
N GLN E 121 34.66 8.15 14.60
CA GLN E 121 34.20 9.51 14.81
C GLN E 121 35.36 10.39 15.27
N ARG E 122 35.35 11.66 14.85
CA ARG E 122 36.33 12.64 15.27
C ARG E 122 35.79 13.49 16.42
N PHE E 123 36.68 13.88 17.31
CA PHE E 123 36.30 14.64 18.49
C PHE E 123 37.20 15.81 18.73
N SER E 124 36.62 16.85 19.32
CA SER E 124 37.37 17.98 19.85
C SER E 124 37.53 17.77 21.34
N CYS E 125 38.78 17.62 21.78
CA CYS E 125 39.05 17.38 23.18
C CYS E 125 40.53 17.64 23.45
N ASP E 126 40.90 17.55 24.73
CA ASP E 126 42.26 17.84 25.18
C ASP E 126 43.25 16.78 24.74
N VAL E 127 44.14 17.15 23.81
CA VAL E 127 45.17 16.24 23.31
C VAL E 127 46.55 16.55 23.91
N SER E 128 46.64 17.63 24.69
CA SER E 128 47.91 18.04 25.30
C SER E 128 48.48 16.93 26.17
N GLY E 129 49.80 16.73 26.08
CA GLY E 129 50.48 15.70 26.85
C GLY E 129 50.43 14.32 26.22
N VAL E 130 49.90 14.22 25.00
CA VAL E 130 49.78 12.92 24.33
C VAL E 130 51.13 12.18 24.17
N ASP E 131 52.19 12.95 23.98
CA ASP E 131 53.54 12.39 23.80
C ASP E 131 54.36 12.45 25.09
N THR E 132 53.68 12.40 26.24
CA THR E 132 54.36 12.31 27.54
C THR E 132 54.00 11.00 28.24
N GLU E 133 54.67 10.69 29.35
CA GLU E 133 54.38 9.46 30.08
C GLU E 133 52.98 9.47 30.70
N SER E 134 52.55 10.65 31.13
CA SER E 134 51.25 10.83 31.76
C SER E 134 50.13 10.68 30.73
N GLY E 135 50.42 11.08 29.49
CA GLY E 135 49.49 10.96 28.40
C GLY E 135 48.51 12.11 28.36
N ALA E 136 47.63 12.07 27.37
CA ALA E 136 46.54 13.03 27.23
C ALA E 136 45.27 12.45 27.81
N THR E 137 44.37 13.30 28.27
CA THR E 137 43.05 12.84 28.71
C THR E 137 41.96 13.48 27.85
N CYS E 138 41.39 12.70 26.95
CA CYS E 138 40.34 13.15 26.05
C CYS E 138 39.00 12.72 26.63
N ARG E 139 38.11 13.69 26.87
CA ARG E 139 36.79 13.45 27.41
C ARG E 139 35.70 13.54 26.33
N ILE E 140 34.88 12.51 26.27
CA ILE E 140 33.78 12.45 25.33
C ILE E 140 32.44 12.38 26.09
N LYS E 141 31.56 13.34 25.85
CA LYS E 141 30.26 13.38 26.53
C LYS E 141 29.16 12.90 25.61
N ILE E 142 28.42 11.88 26.07
CA ILE E 142 27.31 11.32 25.31
C ILE E 142 26.00 11.44 26.07
N GLY E 143 24.99 12.02 25.40
CA GLY E 143 23.67 12.12 25.98
C GLY E 143 22.57 12.18 24.95
N SER E 144 21.33 12.04 25.40
CA SER E 144 20.16 12.20 24.55
C SER E 144 20.07 13.63 24.02
N TRP E 145 19.91 13.77 22.70
CA TRP E 145 19.85 15.08 22.09
C TRP E 145 18.58 15.83 22.45
N THR E 146 17.45 15.13 22.56
CA THR E 146 16.16 15.83 22.73
C THR E 146 15.34 15.38 23.93
N HIS E 147 15.75 14.33 24.63
CA HIS E 147 14.97 13.85 25.77
C HIS E 147 15.66 14.25 27.07
N HIS E 148 14.93 14.94 27.94
CA HIS E 148 15.48 15.33 29.24
C HIS E 148 15.42 14.19 30.26
N SER E 149 15.93 14.45 31.47
CA SER E 149 16.15 13.42 32.49
C SER E 149 14.90 12.65 32.99
N ARG E 150 13.71 13.23 32.84
CA ARG E 150 12.47 12.51 33.15
C ARG E 150 12.05 11.52 32.07
N GLU E 151 12.69 11.60 30.91
CA GLU E 151 12.35 10.70 29.80
C GLU E 151 13.46 9.70 29.48
N ILE E 152 14.71 10.16 29.54
CA ILE E 152 15.86 9.28 29.37
C ILE E 152 16.85 9.58 30.48
N SER E 153 17.20 8.55 31.25
CA SER E 153 18.35 8.62 32.13
C SER E 153 19.47 7.86 31.47
N VAL E 154 20.69 8.39 31.56
CA VAL E 154 21.83 7.79 30.89
C VAL E 154 22.81 7.42 31.96
N ASP E 155 23.15 6.14 31.97
CA ASP E 155 23.96 5.59 33.03
C ASP E 155 25.12 4.93 32.34
N PRO E 156 26.31 5.04 32.93
CA PRO E 156 27.45 4.23 32.52
C PRO E 156 27.22 2.79 32.96
N THR E 157 27.55 1.84 32.09
CA THR E 157 27.38 0.42 32.41
C THR E 157 28.35 0.02 33.53
N THR E 158 28.28 -1.23 33.96
CA THR E 158 29.31 -1.80 34.81
C THR E 158 30.61 -1.90 34.03
N GLU E 159 31.67 -1.36 34.61
CA GLU E 159 33.01 -1.58 34.11
C GLU E 159 33.43 -2.89 34.74
N ASN E 160 33.64 -3.93 33.92
CA ASN E 160 34.07 -5.24 34.44
C ASN E 160 35.46 -5.73 33.96
N SER E 161 35.82 -5.37 32.73
CA SER E 161 37.03 -5.91 32.10
C SER E 161 38.25 -4.99 32.05
N ASP E 162 39.20 -5.38 31.21
CA ASP E 162 40.35 -4.57 30.83
C ASP E 162 39.85 -3.48 29.87
N ASP E 163 40.47 -2.30 29.99
CA ASP E 163 40.12 -1.15 29.16
C ASP E 163 40.77 -1.21 27.78
N SER E 164 41.82 -2.02 27.68
CA SER E 164 42.46 -2.30 26.41
C SER E 164 42.09 -3.71 25.94
N GLU E 165 41.00 -4.26 26.47
CA GLU E 165 40.64 -5.62 26.12
C GLU E 165 40.43 -5.75 24.60
N TYR E 166 39.77 -4.78 24.00
CA TYR E 166 39.48 -4.87 22.59
C TYR E 166 40.27 -3.87 21.76
N PHE E 167 41.24 -3.21 22.40
CA PHE E 167 42.02 -2.16 21.74
C PHE E 167 43.08 -2.77 20.86
N SER E 168 43.23 -2.22 19.65
CA SER E 168 44.26 -2.67 18.72
C SER E 168 45.67 -2.57 19.28
N GLN E 169 46.39 -3.68 19.20
CA GLN E 169 47.80 -3.73 19.56
C GLN E 169 48.68 -3.02 18.53
N TYR E 170 48.08 -2.67 17.38
CA TYR E 170 48.84 -2.13 16.26
C TYR E 170 48.71 -0.62 16.18
N SER E 171 47.86 -0.05 17.03
CA SER E 171 47.75 1.39 17.14
C SER E 171 49.10 2.01 17.50
N ARG E 172 49.33 3.23 17.02
CA ARG E 172 50.49 4.02 17.41
C ARG E 172 50.39 4.42 18.89
N PHE E 173 49.17 4.34 19.44
CA PHE E 173 48.86 4.80 20.77
C PHE E 173 48.55 3.64 21.70
N GLU E 174 48.55 3.92 22.99
CA GLU E 174 48.13 2.95 23.99
C GLU E 174 47.21 3.60 25.02
N ILE E 175 46.29 2.81 25.57
CA ILE E 175 45.35 3.28 26.57
C ILE E 175 45.93 3.08 27.95
N LEU E 176 45.92 4.16 28.73
CA LEU E 176 46.38 4.08 30.12
C LEU E 176 45.20 3.81 31.05
N ASP E 177 44.07 4.49 30.82
CA ASP E 177 42.85 4.28 31.63
C ASP E 177 41.60 4.78 30.92
N VAL E 178 40.50 4.06 31.09
CA VAL E 178 39.20 4.52 30.59
C VAL E 178 38.23 4.58 31.78
N THR E 179 37.73 5.77 32.07
CA THR E 179 36.74 5.91 33.15
C THR E 179 35.45 6.49 32.61
N GLN E 180 34.33 6.03 33.16
CA GLN E 180 33.01 6.43 32.68
C GLN E 180 32.22 6.96 33.84
N LYS E 181 31.72 8.17 33.66
CA LYS E 181 30.98 8.85 34.71
C LYS E 181 29.70 9.46 34.22
N LYS E 182 28.82 9.72 35.17
CA LYS E 182 27.48 10.24 34.95
C LYS E 182 27.39 11.64 35.55
N ASN E 183 27.31 12.67 34.70
CA ASN E 183 27.03 14.03 35.14
C ASN E 183 25.52 14.33 35.03
N SER E 184 25.04 15.31 35.78
CA SER E 184 23.64 15.71 35.70
C SER E 184 23.49 17.24 35.57
N VAL E 185 23.41 17.73 34.34
CA VAL E 185 23.55 19.19 34.07
C VAL E 185 22.27 19.93 33.64
N THR E 186 22.14 21.17 34.13
CA THR E 186 21.12 22.12 33.69
C THR E 186 21.76 23.32 32.96
N TYR E 187 21.42 23.47 31.68
CA TYR E 187 21.98 24.50 30.80
C TYR E 187 21.04 25.72 30.59
N SER E 188 21.58 26.76 29.97
CA SER E 188 20.88 28.04 29.77
C SER E 188 19.77 28.01 28.70
N CYS E 189 19.77 26.95 27.88
CA CYS E 189 18.77 26.76 26.83
C CYS E 189 17.38 26.43 27.39
N CYS E 190 17.36 25.55 28.38
CA CYS E 190 16.17 24.80 28.77
C CYS E 190 16.09 24.60 30.30
N PRO E 191 14.95 24.93 30.92
CA PRO E 191 14.80 24.88 32.39
C PRO E 191 14.90 23.47 32.98
N GLU E 192 15.12 22.47 32.12
CA GLU E 192 15.24 21.07 32.57
C GLU E 192 16.65 20.49 32.40
N ALA E 193 16.82 19.27 32.86
CA ALA E 193 18.14 18.65 32.96
C ALA E 193 18.34 17.56 31.92
N TYR E 194 19.50 17.59 31.28
CA TYR E 194 19.90 16.55 30.34
C TYR E 194 21.05 15.74 30.97
N GLU E 195 20.92 14.41 30.92
CA GLU E 195 21.95 13.53 31.46
C GLU E 195 22.95 13.17 30.41
N ASP E 196 24.20 13.05 30.82
CA ASP E 196 25.22 12.49 29.94
C ASP E 196 26.19 11.59 30.66
N VAL E 197 26.79 10.65 29.93
CA VAL E 197 27.95 9.92 30.40
C VAL E 197 29.16 10.59 29.80
N GLU E 198 30.13 10.89 30.66
CA GLU E 198 31.40 11.46 30.24
C GLU E 198 32.43 10.36 30.31
N VAL E 199 32.99 10.04 29.14
CA VAL E 199 34.07 9.05 29.07
C VAL E 199 35.41 9.77 29.00
N SER E 200 36.31 9.49 29.93
CA SER E 200 37.66 10.03 29.93
C SER E 200 38.65 8.97 29.45
N LEU E 201 39.20 9.22 28.28
CA LEU E 201 40.18 8.35 27.65
C LEU E 201 41.55 8.93 27.92
N ASN E 202 42.29 8.29 28.82
CA ASN E 202 43.68 8.62 29.09
C ASN E 202 44.55 7.73 28.21
N PHE E 203 45.27 8.35 27.28
CA PHE E 203 46.07 7.64 26.29
C PHE E 203 47.37 8.36 26.01
N ARG E 204 48.31 7.65 25.42
CA ARG E 204 49.60 8.23 25.03
C ARG E 204 50.18 7.58 23.78
N LYS E 205 51.05 8.31 23.09
CA LYS E 205 51.86 7.74 22.02
C LYS E 205 52.80 6.70 22.61
N LYS E 206 52.93 5.55 21.94
CA LYS E 206 53.89 4.51 22.36
C LYS E 206 55.31 5.00 22.19
N GLY E 207 56.18 4.58 23.10
CA GLY E 207 57.60 4.91 23.03
C GLY E 207 58.37 3.86 22.27
N VAL F 1 7.61 -19.90 -25.64
CA VAL F 1 6.55 -18.89 -25.23
C VAL F 1 7.25 -17.59 -24.83
N GLU F 2 6.97 -16.48 -25.50
CA GLU F 2 7.52 -15.19 -25.07
C GLU F 2 6.85 -14.71 -23.78
N PHE F 3 5.58 -14.34 -23.86
CA PHE F 3 4.78 -14.04 -22.68
C PHE F 3 3.90 -15.23 -22.38
N ASP F 4 4.04 -15.84 -21.21
CA ASP F 4 3.05 -16.84 -20.84
C ASP F 4 1.78 -16.18 -20.27
N ARG F 5 0.76 -16.99 -20.01
CA ARG F 5 -0.50 -16.46 -19.52
C ARG F 5 -0.36 -15.62 -18.23
N ALA F 6 0.54 -16.03 -17.34
CA ALA F 6 0.80 -15.23 -16.13
C ALA F 6 1.30 -13.81 -16.45
N ASP F 7 2.17 -13.66 -17.44
CA ASP F 7 2.73 -12.38 -17.84
C ASP F 7 1.65 -11.50 -18.48
N ILE F 8 0.80 -12.11 -19.30
CA ILE F 8 -0.24 -11.39 -20.01
C ILE F 8 -1.24 -10.83 -19.02
N LEU F 9 -1.66 -11.69 -18.09
CA LEU F 9 -2.58 -11.31 -17.04
C LEU F 9 -2.02 -10.31 -16.06
N TYR F 10 -0.74 -10.45 -15.72
CA TYR F 10 -0.05 -9.47 -14.91
C TYR F 10 -0.05 -8.12 -15.60
N ASN F 11 0.31 -8.07 -16.89
CA ASN F 11 0.40 -6.79 -17.60
C ASN F 11 -0.96 -6.12 -17.71
N ILE F 12 -1.99 -6.91 -18.03
CA ILE F 12 -3.35 -6.38 -18.03
C ILE F 12 -3.78 -5.86 -16.65
N ARG F 13 -3.59 -6.66 -15.62
CA ARG F 13 -3.94 -6.25 -14.27
C ARG F 13 -3.23 -4.98 -13.83
N GLN F 14 -1.95 -4.82 -14.17
CA GLN F 14 -1.17 -3.66 -13.76
C GLN F 14 -1.48 -2.37 -14.51
N THR F 15 -2.00 -2.45 -15.74
CA THR F 15 -2.09 -1.27 -16.61
C THR F 15 -3.47 -1.04 -17.23
N SER F 16 -4.37 -2.00 -17.06
CA SER F 16 -5.72 -1.78 -17.53
C SER F 16 -6.35 -0.78 -16.56
N ARG F 17 -7.01 0.21 -17.13
CA ARG F 17 -7.65 1.25 -16.36
C ARG F 17 -9.17 1.05 -16.55
N PRO F 18 -9.78 0.31 -15.63
CA PRO F 18 -11.17 -0.11 -15.78
C PRO F 18 -12.18 1.05 -15.76
N ASP F 19 -11.76 2.21 -15.28
CA ASP F 19 -12.57 3.43 -15.24
C ASP F 19 -12.53 4.19 -16.56
N VAL F 20 -11.62 3.80 -17.46
CA VAL F 20 -11.34 4.58 -18.67
C VAL F 20 -11.90 3.97 -19.95
N ILE F 21 -12.88 4.64 -20.55
CA ILE F 21 -13.44 4.22 -21.85
C ILE F 21 -12.29 4.24 -22.89
N PRO F 22 -12.08 3.13 -23.62
CA PRO F 22 -10.96 3.06 -24.56
C PRO F 22 -11.28 3.72 -25.90
N THR F 23 -11.50 5.02 -25.86
CA THR F 23 -11.76 5.81 -27.07
C THR F 23 -10.50 5.87 -27.93
N GLN F 24 -10.69 5.73 -29.24
CA GLN F 24 -9.65 5.92 -30.26
C GLN F 24 -9.94 7.20 -31.06
N ARG F 25 -8.90 8.02 -31.28
CA ARG F 25 -8.99 9.29 -32.05
C ARG F 25 -10.36 10.00 -32.03
N ASP F 26 -10.97 9.97 -30.85
CA ASP F 26 -12.27 10.63 -30.60
C ASP F 26 -13.48 10.05 -31.38
N ARG F 27 -13.35 8.80 -31.80
CA ARG F 27 -14.44 8.01 -32.35
C ARG F 27 -15.09 7.25 -31.18
N PRO F 28 -16.37 6.90 -31.31
CA PRO F 28 -17.02 6.12 -30.27
C PRO F 28 -16.45 4.70 -30.18
N VAL F 29 -16.50 4.10 -29.00
CA VAL F 29 -16.25 2.67 -28.89
C VAL F 29 -17.44 1.95 -29.47
N ALA F 30 -17.20 1.11 -30.46
CA ALA F 30 -18.26 0.33 -31.07
C ALA F 30 -18.50 -0.89 -30.22
N VAL F 31 -19.63 -0.90 -29.50
CA VAL F 31 -20.04 -2.06 -28.70
C VAL F 31 -21.12 -2.87 -29.45
N SER F 32 -20.85 -4.14 -29.68
CA SER F 32 -21.84 -5.03 -30.24
C SER F 32 -22.59 -5.71 -29.13
N VAL F 33 -23.92 -5.74 -29.26
CA VAL F 33 -24.79 -6.34 -28.26
C VAL F 33 -25.74 -7.34 -28.92
N SER F 34 -25.82 -8.54 -28.36
CA SER F 34 -26.73 -9.54 -28.87
C SER F 34 -27.25 -10.35 -27.71
N LEU F 35 -28.56 -10.49 -27.62
CA LEU F 35 -29.19 -11.33 -26.61
C LEU F 35 -29.50 -12.70 -27.19
N LYS F 36 -29.14 -13.74 -26.44
CA LYS F 36 -29.41 -15.12 -26.82
C LYS F 36 -30.30 -15.64 -25.69
N PHE F 37 -31.57 -15.88 -26.00
CA PHE F 37 -32.54 -16.27 -24.98
C PHE F 37 -32.38 -17.73 -24.59
N ILE F 38 -32.36 -17.99 -23.29
CA ILE F 38 -32.11 -19.33 -22.77
C ILE F 38 -33.39 -19.85 -22.16
N ASN F 39 -34.12 -18.95 -21.50
CA ASN F 39 -35.36 -19.35 -20.84
C ASN F 39 -36.32 -18.20 -20.64
N ILE F 40 -37.60 -18.53 -20.65
CA ILE F 40 -38.67 -17.61 -20.25
C ILE F 40 -39.35 -18.28 -19.07
N LEU F 41 -39.21 -17.69 -17.90
CA LEU F 41 -39.48 -18.40 -16.66
C LEU F 41 -40.86 -18.13 -16.11
N GLU F 42 -41.31 -16.89 -16.27
CA GLU F 42 -42.55 -16.45 -15.69
C GLU F 42 -43.06 -15.27 -16.49
N VAL F 43 -44.35 -15.33 -16.79
CA VAL F 43 -44.99 -14.37 -17.64
C VAL F 43 -46.29 -14.00 -16.93
N ASN F 44 -46.64 -12.72 -16.97
CA ASN F 44 -47.87 -12.26 -16.36
C ASN F 44 -48.55 -11.29 -17.31
N GLU F 45 -49.64 -11.75 -17.94
CA GLU F 45 -50.33 -10.95 -18.94
C GLU F 45 -51.13 -9.78 -18.35
N ILE F 46 -51.45 -9.90 -17.05
CA ILE F 46 -52.18 -8.83 -16.33
C ILE F 46 -51.24 -7.66 -16.00
N THR F 47 -50.06 -7.99 -15.46
CA THR F 47 -49.11 -6.95 -15.06
C THR F 47 -48.14 -6.56 -16.18
N ASN F 48 -48.16 -7.31 -17.28
CA ASN F 48 -47.22 -7.10 -18.39
C ASN F 48 -45.75 -7.19 -17.95
N GLU F 49 -45.41 -8.28 -17.28
CA GLU F 49 -44.08 -8.49 -16.74
C GLU F 49 -43.57 -9.87 -17.15
N VAL F 50 -42.30 -9.95 -17.54
CA VAL F 50 -41.65 -11.22 -17.86
C VAL F 50 -40.35 -11.41 -17.07
N ASP F 51 -40.05 -12.66 -16.79
CA ASP F 51 -38.86 -13.09 -16.10
C ASP F 51 -38.12 -13.98 -17.11
N VAL F 52 -36.96 -13.52 -17.58
CA VAL F 52 -36.25 -14.18 -18.70
C VAL F 52 -34.77 -14.40 -18.37
N VAL F 53 -34.20 -15.50 -18.86
CA VAL F 53 -32.76 -15.80 -18.76
C VAL F 53 -32.13 -15.66 -20.15
N PHE F 54 -31.11 -14.82 -20.26
CA PHE F 54 -30.46 -14.58 -21.54
C PHE F 54 -28.94 -14.40 -21.41
N TRP F 55 -28.23 -14.81 -22.47
CA TRP F 55 -26.83 -14.45 -22.57
C TRP F 55 -26.74 -13.06 -23.17
N GLN F 56 -26.02 -12.19 -22.48
CA GLN F 56 -25.88 -10.81 -22.97
C GLN F 56 -24.52 -10.70 -23.62
N GLN F 57 -24.45 -11.19 -24.85
CA GLN F 57 -23.21 -11.24 -25.61
C GLN F 57 -22.74 -9.84 -26.00
N THR F 58 -21.59 -9.46 -25.46
CA THR F 58 -21.08 -8.09 -25.60
C THR F 58 -19.65 -8.15 -26.11
N THR F 59 -19.39 -7.48 -27.22
CA THR F 59 -18.02 -7.34 -27.72
C THR F 59 -17.63 -5.90 -28.00
N TRP F 60 -16.36 -5.62 -27.87
CA TRP F 60 -15.82 -4.30 -28.14
C TRP F 60 -14.31 -4.43 -28.22
N SER F 61 -13.67 -3.39 -28.74
CA SER F 61 -12.23 -3.34 -28.80
C SER F 61 -11.64 -2.41 -27.76
N ASP F 62 -10.58 -2.87 -27.10
CA ASP F 62 -9.79 -2.02 -26.21
C ASP F 62 -8.32 -2.29 -26.53
N ARG F 63 -7.72 -1.45 -27.38
CA ARG F 63 -6.33 -1.63 -27.78
C ARG F 63 -5.28 -1.34 -26.72
N THR F 64 -5.68 -0.85 -25.54
CA THR F 64 -4.72 -0.75 -24.45
C THR F 64 -4.44 -2.13 -23.85
N LEU F 65 -5.24 -3.11 -24.22
CA LEU F 65 -5.11 -4.47 -23.70
C LEU F 65 -4.23 -5.34 -24.56
N ALA F 66 -3.95 -4.87 -25.78
CA ALA F 66 -3.24 -5.67 -26.78
C ALA F 66 -1.82 -6.03 -26.36
N TRP F 67 -1.38 -7.20 -26.82
CA TRP F 67 -0.02 -7.63 -26.62
C TRP F 67 0.49 -8.32 -27.89
N ASN F 68 1.80 -8.41 -28.00
CA ASN F 68 2.44 -9.11 -29.09
C ASN F 68 2.33 -10.62 -28.90
N SER F 69 1.48 -11.27 -29.71
CA SER F 69 1.29 -12.71 -29.59
C SER F 69 1.95 -13.57 -30.68
N SER F 70 3.01 -13.05 -31.30
CA SER F 70 3.68 -13.82 -32.32
C SER F 70 4.25 -15.14 -31.76
N HIS F 71 4.68 -15.11 -30.50
CA HIS F 71 5.19 -16.29 -29.80
C HIS F 71 4.55 -16.49 -28.43
N SER F 72 3.29 -16.09 -28.30
CA SER F 72 2.58 -16.15 -27.03
C SER F 72 1.13 -16.57 -27.28
N PRO F 73 0.44 -17.07 -26.24
CA PRO F 73 -1.02 -17.32 -26.34
C PRO F 73 -1.71 -16.04 -26.83
N ASP F 74 -2.74 -16.18 -27.65
CA ASP F 74 -3.35 -15.01 -28.24
C ASP F 74 -4.69 -14.67 -27.58
N GLN F 75 -5.03 -15.36 -26.49
CA GLN F 75 -6.28 -15.14 -25.75
C GLN F 75 -6.13 -15.53 -24.29
N VAL F 76 -6.77 -14.77 -23.42
CA VAL F 76 -6.86 -15.10 -21.99
C VAL F 76 -8.23 -14.73 -21.43
N SER F 77 -8.61 -15.35 -20.32
CA SER F 77 -9.80 -14.98 -19.58
C SER F 77 -9.39 -14.06 -18.45
N VAL F 78 -10.13 -12.96 -18.29
CA VAL F 78 -9.76 -11.87 -17.36
C VAL F 78 -10.98 -11.44 -16.52
N PRO F 79 -10.83 -11.30 -15.19
CA PRO F 79 -11.95 -10.84 -14.37
C PRO F 79 -12.40 -9.50 -14.90
N ILE F 80 -13.71 -9.28 -15.05
CA ILE F 80 -14.17 -7.98 -15.55
C ILE F 80 -13.76 -6.82 -14.62
N SER F 81 -13.46 -7.16 -13.37
CA SER F 81 -13.01 -6.13 -12.42
C SER F 81 -11.68 -5.55 -12.87
N SER F 82 -10.97 -6.24 -13.75
CA SER F 82 -9.70 -5.73 -14.23
C SER F 82 -9.81 -5.04 -15.57
N LEU F 83 -11.01 -4.94 -16.15
CA LEU F 83 -11.22 -4.37 -17.48
C LEU F 83 -12.27 -3.27 -17.45
N TRP F 84 -12.18 -2.33 -18.38
CA TRP F 84 -13.26 -1.41 -18.61
C TRP F 84 -14.30 -2.26 -19.30
N VAL F 85 -15.53 -2.11 -18.82
CA VAL F 85 -16.70 -2.73 -19.43
C VAL F 85 -17.74 -1.63 -19.75
N PRO F 86 -18.46 -1.73 -20.87
CA PRO F 86 -19.52 -0.77 -21.15
C PRO F 86 -20.63 -0.76 -20.10
N ASP F 87 -21.18 0.44 -19.79
CA ASP F 87 -22.18 0.62 -18.76
C ASP F 87 -23.61 0.39 -19.29
N LEU F 88 -23.80 -0.80 -19.83
CA LEU F 88 -25.06 -1.15 -20.51
C LEU F 88 -26.16 -1.39 -19.48
N ALA F 89 -27.36 -0.95 -19.80
CA ALA F 89 -28.52 -1.18 -18.94
C ALA F 89 -29.67 -1.44 -19.85
N ALA F 90 -30.53 -2.36 -19.45
CA ALA F 90 -31.81 -2.55 -20.09
C ALA F 90 -32.78 -1.52 -19.57
N TYR F 91 -33.33 -0.70 -20.47
CA TYR F 91 -34.14 0.46 -20.11
C TYR F 91 -35.45 0.11 -19.40
N ASN F 92 -36.04 -1.03 -19.76
CA ASN F 92 -37.33 -1.44 -19.23
C ASN F 92 -37.20 -2.59 -18.24
N ALA F 93 -36.00 -2.78 -17.71
CA ALA F 93 -35.79 -3.77 -16.64
C ALA F 93 -36.47 -3.26 -15.36
N ILE F 94 -37.06 -4.18 -14.61
CA ILE F 94 -37.69 -3.85 -13.35
C ILE F 94 -37.04 -4.59 -12.18
N SER F 95 -35.96 -5.30 -12.47
CA SER F 95 -35.14 -5.89 -11.42
C SER F 95 -33.69 -5.66 -11.80
N LYS F 96 -32.81 -5.68 -10.80
CA LYS F 96 -31.36 -5.64 -10.99
C LYS F 96 -30.95 -6.91 -11.75
N PRO F 97 -30.02 -6.82 -12.71
CA PRO F 97 -29.59 -8.03 -13.45
C PRO F 97 -28.91 -9.06 -12.51
N GLU F 98 -29.43 -10.29 -12.48
CA GLU F 98 -28.84 -11.35 -11.69
C GLU F 98 -27.88 -12.08 -12.64
N VAL F 99 -26.59 -11.91 -12.40
CA VAL F 99 -25.59 -12.54 -13.24
C VAL F 99 -25.36 -13.94 -12.71
N LEU F 100 -25.60 -14.93 -13.57
CA LEU F 100 -25.58 -16.32 -13.18
C LEU F 100 -24.22 -16.96 -13.32
N THR F 101 -23.33 -16.32 -14.07
CA THR F 101 -22.07 -16.97 -14.49
C THR F 101 -20.86 -16.27 -13.90
N PRO F 102 -19.70 -16.95 -13.87
CA PRO F 102 -18.44 -16.32 -13.46
C PRO F 102 -18.17 -15.04 -14.24
N GLN F 103 -17.67 -14.03 -13.53
CA GLN F 103 -17.58 -12.67 -14.06
C GLN F 103 -16.24 -12.47 -14.79
N LEU F 104 -16.03 -13.24 -15.87
CA LEU F 104 -14.77 -13.22 -16.62
C LEU F 104 -15.10 -12.84 -18.04
N ALA F 105 -14.19 -12.12 -18.68
CA ALA F 105 -14.30 -11.83 -20.10
C ALA F 105 -13.14 -12.48 -20.82
N ARG F 106 -13.30 -12.67 -22.12
CA ARG F 106 -12.24 -13.23 -22.95
C ARG F 106 -11.59 -12.11 -23.76
N VAL F 107 -10.28 -11.97 -23.62
CA VAL F 107 -9.54 -10.90 -24.28
C VAL F 107 -8.58 -11.53 -25.27
N VAL F 108 -8.61 -11.03 -26.51
CA VAL F 108 -7.75 -11.51 -27.62
C VAL F 108 -6.57 -10.54 -27.73
N SER F 109 -5.42 -11.05 -28.15
CA SER F 109 -4.19 -10.25 -28.19
C SER F 109 -4.27 -8.95 -29.00
N ASP F 110 -5.29 -8.78 -29.84
CA ASP F 110 -5.44 -7.53 -30.59
C ASP F 110 -6.29 -6.49 -29.85
N GLY F 111 -6.74 -6.83 -28.63
CA GLY F 111 -7.50 -5.90 -27.85
C GLY F 111 -8.99 -6.17 -27.94
N GLU F 112 -9.40 -7.08 -28.83
CA GLU F 112 -10.79 -7.53 -28.84
C GLU F 112 -11.22 -8.18 -27.51
N VAL F 113 -12.40 -7.79 -27.01
CA VAL F 113 -12.96 -8.31 -25.77
C VAL F 113 -14.32 -8.91 -26.07
N LEU F 114 -14.64 -10.05 -25.46
CA LEU F 114 -15.97 -10.61 -25.48
C LEU F 114 -16.44 -10.96 -24.08
N TYR F 115 -17.57 -10.40 -23.71
CA TYR F 115 -18.09 -10.66 -22.40
C TYR F 115 -19.52 -11.17 -22.61
N MET F 116 -19.80 -12.35 -22.08
CA MET F 116 -21.09 -12.96 -22.28
C MET F 116 -21.69 -13.55 -21.00
N PRO F 117 -22.13 -12.70 -20.07
CA PRO F 117 -22.78 -13.17 -18.85
C PRO F 117 -24.13 -13.78 -19.14
N SER F 118 -24.53 -14.77 -18.35
CA SER F 118 -25.89 -15.24 -18.38
C SER F 118 -26.59 -14.49 -17.26
N ILE F 119 -27.67 -13.80 -17.64
CA ILE F 119 -28.41 -12.88 -16.79
C ILE F 119 -29.85 -13.35 -16.66
N ARG F 120 -30.34 -13.40 -15.43
CA ARG F 120 -31.75 -13.52 -15.21
C ARG F 120 -32.30 -12.15 -14.81
N GLN F 121 -33.33 -11.69 -15.50
CA GLN F 121 -33.86 -10.35 -15.26
C GLN F 121 -35.35 -10.24 -15.59
N ARG F 122 -36.05 -9.37 -14.86
CA ARG F 122 -37.46 -9.13 -15.11
C ARG F 122 -37.67 -7.85 -15.90
N PHE F 123 -38.65 -7.89 -16.80
CA PHE F 123 -38.91 -6.80 -17.71
C PHE F 123 -40.35 -6.37 -17.73
N SER F 124 -40.55 -5.08 -17.92
CA SER F 124 -41.87 -4.56 -18.23
C SER F 124 -41.98 -4.42 -19.75
N CYS F 125 -42.89 -5.19 -20.34
CA CYS F 125 -43.10 -5.17 -21.78
C CYS F 125 -44.44 -5.81 -22.16
N ASP F 126 -44.78 -5.74 -23.44
CA ASP F 126 -46.05 -6.23 -23.93
C ASP F 126 -46.17 -7.76 -23.90
N VAL F 127 -47.04 -8.26 -23.03
CA VAL F 127 -47.24 -9.68 -22.87
C VAL F 127 -48.56 -10.14 -23.53
N SER F 128 -49.35 -9.19 -24.01
CA SER F 128 -50.63 -9.49 -24.65
C SER F 128 -50.46 -10.44 -25.83
N GLY F 129 -51.36 -11.42 -25.92
CA GLY F 129 -51.33 -12.38 -27.00
C GLY F 129 -50.44 -13.58 -26.75
N VAL F 130 -49.83 -13.66 -25.56
CA VAL F 130 -48.89 -14.75 -25.22
C VAL F 130 -49.50 -16.14 -25.41
N ASP F 131 -50.79 -16.26 -25.15
CA ASP F 131 -51.46 -17.54 -25.25
C ASP F 131 -52.25 -17.69 -26.57
N THR F 132 -51.80 -16.98 -27.61
CA THR F 132 -52.36 -17.11 -28.94
C THR F 132 -51.29 -17.66 -29.88
N GLU F 133 -51.70 -18.03 -31.10
CA GLU F 133 -50.77 -18.55 -32.10
C GLU F 133 -49.74 -17.53 -32.58
N SER F 134 -50.16 -16.28 -32.68
CA SER F 134 -49.29 -15.15 -33.05
C SER F 134 -48.28 -14.87 -31.96
N GLY F 135 -48.67 -15.13 -30.71
CA GLY F 135 -47.81 -14.91 -29.56
C GLY F 135 -47.68 -13.47 -29.15
N ALA F 136 -46.90 -13.23 -28.09
CA ALA F 136 -46.62 -11.90 -27.58
C ALA F 136 -45.31 -11.40 -28.17
N THR F 137 -45.14 -10.07 -28.24
CA THR F 137 -43.87 -9.49 -28.67
C THR F 137 -43.33 -8.57 -27.59
N CYS F 138 -42.35 -9.06 -26.86
CA CYS F 138 -41.71 -8.33 -25.77
C CYS F 138 -40.43 -7.66 -26.28
N ARG F 139 -40.38 -6.34 -26.16
CA ARG F 139 -39.22 -5.56 -26.58
C ARG F 139 -38.36 -5.12 -25.40
N ILE F 140 -37.08 -5.44 -25.48
CA ILE F 140 -36.08 -5.07 -24.47
C ILE F 140 -35.05 -4.13 -25.11
N LYS F 141 -34.92 -2.94 -24.53
CA LYS F 141 -33.96 -1.94 -24.98
C LYS F 141 -32.71 -1.93 -24.08
N ILE F 142 -31.55 -2.15 -24.69
CA ILE F 142 -30.26 -2.06 -24.01
C ILE F 142 -29.34 -0.98 -24.56
N GLY F 143 -28.87 -0.09 -23.68
CA GLY F 143 -27.95 0.95 -24.11
C GLY F 143 -27.06 1.36 -22.99
N SER F 144 -26.02 2.13 -23.34
CA SER F 144 -25.17 2.78 -22.32
C SER F 144 -25.98 3.71 -21.46
N TRP F 145 -25.81 3.58 -20.15
CA TRP F 145 -26.49 4.45 -19.23
C TRP F 145 -25.99 5.90 -19.24
N THR F 146 -24.68 6.09 -19.37
CA THR F 146 -24.12 7.43 -19.23
C THR F 146 -23.26 7.93 -20.38
N HIS F 147 -23.05 7.11 -21.42
CA HIS F 147 -22.19 7.50 -22.56
C HIS F 147 -23.06 7.70 -23.77
N HIS F 148 -23.05 8.90 -24.34
CA HIS F 148 -23.81 9.21 -25.53
C HIS F 148 -23.12 8.67 -26.80
N SER F 149 -23.72 8.95 -27.96
CA SER F 149 -23.35 8.31 -29.24
C SER F 149 -21.95 8.63 -29.75
N ARG F 150 -21.36 9.74 -29.30
CA ARG F 150 -19.98 10.07 -29.67
C ARG F 150 -18.95 9.28 -28.87
N GLU F 151 -19.40 8.63 -27.79
CA GLU F 151 -18.51 7.87 -26.92
C GLU F 151 -18.75 6.37 -26.99
N ILE F 152 -20.03 5.96 -27.04
CA ILE F 152 -20.39 4.57 -27.27
C ILE F 152 -21.45 4.47 -28.38
N SER F 153 -21.14 3.71 -29.42
CA SER F 153 -22.17 3.30 -30.36
C SER F 153 -22.53 1.85 -30.04
N VAL F 154 -23.81 1.52 -30.21
CA VAL F 154 -24.30 0.18 -29.88
C VAL F 154 -24.93 -0.43 -31.13
N ASP F 155 -24.44 -1.58 -31.56
CA ASP F 155 -24.94 -2.20 -32.78
C ASP F 155 -25.27 -3.65 -32.55
N PRO F 156 -26.35 -4.15 -33.15
CA PRO F 156 -26.70 -5.57 -33.08
C PRO F 156 -25.73 -6.38 -33.94
N THR F 157 -25.40 -7.61 -33.53
CA THR F 157 -24.30 -8.34 -34.17
C THR F 157 -24.73 -9.21 -35.34
N THR F 158 -23.74 -9.91 -35.92
CA THR F 158 -23.91 -10.81 -37.07
C THR F 158 -25.25 -11.52 -37.15
N GLU F 159 -25.75 -12.04 -36.02
CA GLU F 159 -27.06 -12.69 -35.93
C GLU F 159 -27.21 -13.86 -36.91
N ASN F 160 -26.19 -14.73 -36.93
CA ASN F 160 -26.13 -15.86 -37.87
C ASN F 160 -26.83 -17.12 -37.35
N SER F 161 -26.74 -17.35 -36.04
CA SER F 161 -27.38 -18.50 -35.40
C SER F 161 -28.91 -18.36 -35.41
N ASP F 162 -29.61 -19.48 -35.28
CA ASP F 162 -31.07 -19.49 -35.14
C ASP F 162 -31.49 -18.96 -33.75
N ASP F 163 -32.67 -18.36 -33.71
CA ASP F 163 -33.24 -17.78 -32.49
C ASP F 163 -33.39 -18.73 -31.30
N SER F 164 -33.65 -20.00 -31.58
CA SER F 164 -33.84 -21.02 -30.53
C SER F 164 -32.59 -21.90 -30.26
N GLU F 165 -31.40 -21.45 -30.67
CA GLU F 165 -30.18 -22.29 -30.57
C GLU F 165 -29.96 -22.83 -29.17
N TYR F 166 -30.05 -21.93 -28.20
CA TYR F 166 -29.71 -22.22 -26.81
C TYR F 166 -30.92 -22.15 -25.90
N PHE F 167 -32.10 -21.97 -26.49
CA PHE F 167 -33.32 -21.88 -25.71
C PHE F 167 -33.75 -23.22 -25.14
N SER F 168 -34.16 -23.21 -23.88
CA SER F 168 -34.57 -24.43 -23.19
C SER F 168 -35.78 -25.12 -23.84
N GLN F 169 -35.62 -26.40 -24.18
CA GLN F 169 -36.73 -27.21 -24.66
C GLN F 169 -37.76 -27.46 -23.55
N TYR F 170 -37.36 -27.16 -22.31
CA TYR F 170 -38.21 -27.48 -21.16
C TYR F 170 -39.02 -26.30 -20.64
N SER F 171 -38.81 -25.14 -21.24
CA SER F 171 -39.62 -23.97 -20.96
C SER F 171 -41.09 -24.20 -21.33
N ARG F 172 -41.99 -23.56 -20.59
CA ARG F 172 -43.41 -23.60 -20.89
C ARG F 172 -43.69 -22.88 -22.21
N PHE F 173 -42.72 -22.06 -22.62
CA PHE F 173 -42.87 -21.16 -23.76
C PHE F 173 -41.99 -21.58 -24.94
N GLU F 174 -42.31 -21.08 -26.12
CA GLU F 174 -41.45 -21.25 -27.28
C GLU F 174 -41.18 -19.92 -27.99
N ILE F 175 -40.01 -19.79 -28.59
CA ILE F 175 -39.64 -18.60 -29.35
C ILE F 175 -40.07 -18.72 -30.81
N LEU F 176 -40.76 -17.71 -31.29
CA LEU F 176 -41.21 -17.69 -32.68
C LEU F 176 -40.24 -16.89 -33.54
N ASP F 177 -39.81 -15.75 -33.02
CA ASP F 177 -38.89 -14.85 -33.72
C ASP F 177 -38.13 -14.02 -32.69
N VAL F 178 -36.93 -13.60 -33.08
CA VAL F 178 -36.18 -12.60 -32.31
C VAL F 178 -35.55 -11.72 -33.36
N THR F 179 -35.84 -10.43 -33.31
CA THR F 179 -35.20 -9.46 -34.20
C THR F 179 -34.56 -8.36 -33.35
N GLN F 180 -33.47 -7.77 -33.85
CA GLN F 180 -32.70 -6.78 -33.07
C GLN F 180 -32.36 -5.60 -33.95
N LYS F 181 -32.90 -4.43 -33.59
CA LYS F 181 -32.65 -3.19 -34.31
C LYS F 181 -31.90 -2.18 -33.43
N LYS F 182 -31.15 -1.30 -34.10
CA LYS F 182 -30.43 -0.24 -33.45
C LYS F 182 -31.35 1.00 -33.40
N ASN F 183 -31.26 1.73 -32.29
CA ASN F 183 -31.97 3.00 -32.13
C ASN F 183 -31.02 4.09 -31.62
N SER F 184 -31.33 5.34 -31.94
CA SER F 184 -30.59 6.45 -31.37
C SER F 184 -31.61 7.47 -30.88
N VAL F 185 -31.52 7.81 -29.60
CA VAL F 185 -32.60 8.56 -28.97
C VAL F 185 -32.07 9.78 -28.24
N THR F 186 -32.66 10.94 -28.51
CA THR F 186 -32.39 12.12 -27.70
C THR F 186 -33.54 12.32 -26.72
N TYR F 187 -33.21 12.26 -25.44
CA TYR F 187 -34.16 12.38 -24.33
C TYR F 187 -34.20 13.83 -23.95
N SER F 188 -35.26 14.22 -23.26
CA SER F 188 -35.48 15.61 -22.84
C SER F 188 -34.48 16.06 -21.76
N CYS F 189 -34.06 15.10 -20.92
CA CYS F 189 -33.10 15.27 -19.82
C CYS F 189 -31.70 15.76 -20.23
N CYS F 190 -31.38 15.60 -21.50
CA CYS F 190 -29.99 15.52 -21.94
C CYS F 190 -29.83 15.96 -23.41
N PRO F 191 -28.77 16.72 -23.73
CA PRO F 191 -28.58 17.29 -25.08
C PRO F 191 -28.17 16.30 -26.18
N GLU F 192 -27.53 15.20 -25.80
CA GLU F 192 -26.92 14.28 -26.75
C GLU F 192 -27.84 13.12 -27.10
N ALA F 193 -27.46 12.35 -28.13
CA ALA F 193 -28.19 11.13 -28.50
C ALA F 193 -27.59 9.88 -27.81
N TYR F 194 -28.45 9.01 -27.31
CA TYR F 194 -28.04 7.75 -26.71
C TYR F 194 -28.51 6.58 -27.57
N GLU F 195 -27.57 5.70 -27.89
CA GLU F 195 -27.83 4.56 -28.75
C GLU F 195 -28.30 3.37 -27.96
N ASP F 196 -29.21 2.61 -28.53
CA ASP F 196 -29.62 1.35 -27.91
C ASP F 196 -29.86 0.30 -28.96
N VAL F 197 -29.85 -0.96 -28.52
CA VAL F 197 -30.35 -2.03 -29.37
C VAL F 197 -31.67 -2.44 -28.78
N GLU F 198 -32.67 -2.54 -29.64
CA GLU F 198 -33.99 -3.01 -29.25
C GLU F 198 -34.15 -4.47 -29.71
N VAL F 199 -34.31 -5.35 -28.73
CA VAL F 199 -34.54 -6.75 -29.01
C VAL F 199 -36.03 -7.04 -28.91
N SER F 200 -36.62 -7.50 -30.02
CA SER F 200 -38.02 -7.93 -30.02
C SER F 200 -38.12 -9.45 -29.91
N LEU F 201 -38.62 -9.92 -28.76
CA LEU F 201 -38.80 -11.34 -28.50
C LEU F 201 -40.26 -11.69 -28.78
N ASN F 202 -40.49 -12.38 -29.90
CA ASN F 202 -41.82 -12.91 -30.22
C ASN F 202 -41.88 -14.33 -29.69
N PHE F 203 -42.79 -14.57 -28.74
CA PHE F 203 -42.87 -15.87 -28.05
C PHE F 203 -44.32 -16.21 -27.72
N ARG F 204 -44.58 -17.48 -27.43
CA ARG F 204 -45.92 -17.94 -27.06
C ARG F 204 -45.88 -19.13 -26.13
N LYS F 205 -46.95 -19.31 -25.35
CA LYS F 205 -47.13 -20.49 -24.53
C LYS F 205 -47.31 -21.70 -25.46
N LYS F 206 -46.67 -22.80 -25.10
CA LYS F 206 -46.80 -24.03 -25.86
C LYS F 206 -48.20 -24.60 -25.74
N GLY F 207 -48.68 -25.22 -26.82
CA GLY F 207 -49.99 -25.83 -26.84
C GLY F 207 -49.93 -27.31 -26.47
N GLU G 2 -4.83 18.10 -24.68
CA GLU G 2 -4.14 18.51 -23.41
C GLU G 2 -4.26 17.46 -22.29
N PHE G 3 -5.47 17.21 -21.80
CA PHE G 3 -5.74 16.08 -20.92
C PHE G 3 -6.67 15.15 -21.71
N ASP G 4 -6.28 13.90 -21.91
CA ASP G 4 -7.25 12.94 -22.40
C ASP G 4 -8.12 12.42 -21.23
N ARG G 5 -9.09 11.58 -21.56
CA ARG G 5 -10.00 11.03 -20.60
C ARG G 5 -9.32 10.23 -19.50
N ALA G 6 -8.23 9.53 -19.82
CA ALA G 6 -7.46 8.82 -18.82
C ALA G 6 -6.88 9.76 -17.78
N ASP G 7 -6.38 10.92 -18.22
CA ASP G 7 -5.76 11.91 -17.34
C ASP G 7 -6.81 12.56 -16.44
N ILE G 8 -7.97 12.83 -16.98
CA ILE G 8 -9.04 13.46 -16.20
C ILE G 8 -9.54 12.51 -15.13
N LEU G 9 -9.74 11.26 -15.51
CA LEU G 9 -10.17 10.23 -14.57
C LEU G 9 -9.13 9.92 -13.51
N TYR G 10 -7.87 9.95 -13.91
CA TYR G 10 -6.75 9.77 -12.99
C TYR G 10 -6.71 10.89 -11.98
N ASN G 11 -6.80 12.13 -12.44
CA ASN G 11 -6.79 13.28 -11.52
C ASN G 11 -7.96 13.24 -10.53
N ILE G 12 -9.17 13.00 -11.04
CA ILE G 12 -10.34 12.85 -10.19
C ILE G 12 -10.17 11.74 -9.15
N ARG G 13 -9.72 10.58 -9.57
CA ARG G 13 -9.58 9.46 -8.66
C ARG G 13 -8.52 9.70 -7.56
N GLN G 14 -7.42 10.36 -7.92
CA GLN G 14 -6.37 10.67 -6.97
C GLN G 14 -6.68 11.78 -5.96
N THR G 15 -7.61 12.68 -6.27
CA THR G 15 -7.80 13.90 -5.46
C THR G 15 -9.24 14.18 -5.02
N SER G 16 -10.18 13.46 -5.62
CA SER G 16 -11.55 13.59 -5.20
C SER G 16 -11.62 12.95 -3.80
N ARG G 17 -12.23 13.68 -2.88
CA ARG G 17 -12.39 13.24 -1.50
C ARG G 17 -13.87 12.91 -1.28
N PRO G 18 -14.26 11.65 -1.46
CA PRO G 18 -15.67 11.26 -1.47
C PRO G 18 -16.40 11.45 -0.15
N ASP G 19 -15.68 11.58 0.95
CA ASP G 19 -16.29 11.86 2.24
C ASP G 19 -16.41 13.34 2.57
N VAL G 20 -16.01 14.20 1.65
CA VAL G 20 -16.00 15.64 1.91
C VAL G 20 -17.06 16.39 1.10
N ILE G 21 -18.05 16.90 1.82
CA ILE G 21 -19.08 17.75 1.20
C ILE G 21 -18.36 18.95 0.58
N PRO G 22 -18.58 19.20 -0.70
CA PRO G 22 -17.95 20.33 -1.36
C PRO G 22 -18.60 21.68 -1.07
N THR G 23 -18.67 22.06 0.21
CA THR G 23 -19.12 23.39 0.58
C THR G 23 -18.08 24.41 0.14
N GLN G 24 -18.58 25.53 -0.37
CA GLN G 24 -17.80 26.64 -0.87
C GLN G 24 -18.32 27.90 -0.19
N ARG G 25 -17.41 28.68 0.40
CA ARG G 25 -17.72 29.92 1.14
C ARG G 25 -18.73 29.79 2.29
N ASP G 26 -18.89 28.57 2.79
CA ASP G 26 -19.86 28.27 3.84
C ASP G 26 -21.34 28.44 3.41
N ARG G 27 -21.58 28.34 2.11
CA ARG G 27 -22.92 28.27 1.56
C ARG G 27 -23.29 26.79 1.43
N PRO G 28 -24.58 26.45 1.47
CA PRO G 28 -24.97 25.06 1.25
C PRO G 28 -24.64 24.59 -0.16
N VAL G 29 -24.38 23.30 -0.33
CA VAL G 29 -24.37 22.71 -1.64
C VAL G 29 -25.81 22.62 -2.11
N ALA G 30 -26.05 23.14 -3.29
CA ALA G 30 -27.36 23.16 -3.89
C ALA G 30 -27.52 21.88 -4.66
N VAL G 31 -28.30 20.95 -4.12
CA VAL G 31 -28.61 19.70 -4.76
C VAL G 31 -30.01 19.80 -5.42
N SER G 32 -30.08 19.59 -6.73
CA SER G 32 -31.33 19.45 -7.45
C SER G 32 -31.77 18.00 -7.50
N VAL G 33 -33.05 17.75 -7.21
CA VAL G 33 -33.61 16.40 -7.18
C VAL G 33 -34.89 16.38 -8.02
N SER G 34 -34.99 15.39 -8.89
CA SER G 34 -36.19 15.24 -9.71
C SER G 34 -36.45 13.77 -9.94
N LEU G 35 -37.67 13.32 -9.63
CA LEU G 35 -38.04 11.94 -9.86
C LEU G 35 -38.77 11.81 -11.18
N LYS G 36 -38.29 10.90 -12.02
CA LYS G 36 -38.97 10.53 -13.27
C LYS G 36 -39.50 9.12 -13.13
N PHE G 37 -40.81 8.98 -13.01
CA PHE G 37 -41.41 7.66 -12.78
C PHE G 37 -41.40 6.79 -14.03
N ILE G 38 -40.95 5.55 -13.87
CA ILE G 38 -40.78 4.63 -15.00
C ILE G 38 -41.85 3.56 -14.92
N ASN G 39 -42.15 3.13 -13.71
CA ASN G 39 -43.13 2.08 -13.51
C ASN G 39 -43.74 2.08 -12.11
N ILE G 40 -44.99 1.66 -12.04
CA ILE G 40 -45.65 1.41 -10.78
C ILE G 40 -45.99 -0.06 -10.82
N LEU G 41 -45.36 -0.82 -9.95
CA LEU G 41 -45.30 -2.27 -10.11
C LEU G 41 -46.32 -3.01 -9.26
N GLU G 42 -46.55 -2.51 -8.05
CA GLU G 42 -47.42 -3.16 -7.11
C GLU G 42 -47.97 -2.12 -6.18
N VAL G 43 -49.27 -2.22 -5.93
CA VAL G 43 -50.00 -1.26 -5.14
C VAL G 43 -50.90 -2.07 -4.23
N ASN G 44 -51.01 -1.65 -2.98
CA ASN G 44 -51.85 -2.32 -2.01
C ASN G 44 -52.63 -1.26 -1.23
N GLU G 45 -53.93 -1.15 -1.51
CA GLU G 45 -54.78 -0.14 -0.91
C GLU G 45 -55.09 -0.42 0.57
N ILE G 46 -55.04 -1.69 0.96
CA ILE G 46 -55.24 -2.10 2.35
C ILE G 46 -54.07 -1.67 3.25
N THR G 47 -52.85 -1.98 2.81
CA THR G 47 -51.64 -1.68 3.61
C THR G 47 -51.07 -0.30 3.33
N ASN G 48 -51.57 0.38 2.30
CA ASN G 48 -51.04 1.66 1.87
C ASN G 48 -49.55 1.63 1.48
N GLU G 49 -49.19 0.70 0.59
CA GLU G 49 -47.81 0.52 0.16
C GLU G 49 -47.72 0.47 -1.36
N VAL G 50 -46.69 1.08 -1.92
CA VAL G 50 -46.45 1.04 -3.36
C VAL G 50 -45.03 0.60 -3.67
N ASP G 51 -44.89 -0.13 -4.77
CA ASP G 51 -43.60 -0.58 -5.27
C ASP G 51 -43.42 0.09 -6.62
N VAL G 52 -42.36 0.90 -6.73
CA VAL G 52 -42.20 1.83 -7.84
C VAL G 52 -40.77 1.77 -8.44
N VAL G 53 -40.64 2.19 -9.70
CA VAL G 53 -39.35 2.31 -10.37
C VAL G 53 -39.29 3.73 -10.90
N PHE G 54 -38.24 4.44 -10.55
CA PHE G 54 -38.07 5.83 -10.92
C PHE G 54 -36.59 6.17 -11.14
N TRP G 55 -36.33 7.11 -12.05
CA TRP G 55 -35.02 7.73 -12.12
C TRP G 55 -34.90 8.84 -11.08
N GLN G 56 -33.91 8.72 -10.19
CA GLN G 56 -33.66 9.76 -9.19
C GLN G 56 -32.57 10.68 -9.74
N GLN G 57 -33.02 11.65 -10.52
CA GLN G 57 -32.15 12.58 -11.19
C GLN G 57 -31.61 13.62 -10.21
N THR G 58 -30.31 13.56 -9.96
CA THR G 58 -29.64 14.34 -8.94
C THR G 58 -28.50 15.12 -9.55
N THR G 59 -28.51 16.43 -9.38
CA THR G 59 -27.38 17.24 -9.82
C THR G 59 -26.89 18.14 -8.72
N TRP G 60 -25.59 18.41 -8.74
CA TRP G 60 -24.94 19.35 -7.83
C TRP G 60 -23.60 19.76 -8.41
N SER G 61 -22.99 20.73 -7.78
CA SER G 61 -21.71 21.21 -8.21
C SER G 61 -20.64 20.84 -7.20
N ASP G 62 -19.49 20.42 -7.73
CA ASP G 62 -18.34 20.10 -6.89
C ASP G 62 -17.12 20.66 -7.61
N ARG G 63 -16.67 21.86 -7.22
CA ARG G 63 -15.60 22.52 -7.95
C ARG G 63 -14.21 21.88 -7.82
N THR G 64 -14.04 21.02 -6.83
CA THR G 64 -12.75 20.33 -6.69
C THR G 64 -12.58 19.31 -7.83
N LEU G 65 -13.67 19.07 -8.56
CA LEU G 65 -13.63 18.17 -9.70
C LEU G 65 -13.23 18.87 -10.97
N ALA G 66 -13.35 20.20 -11.02
CA ALA G 66 -13.17 20.95 -12.25
C ALA G 66 -11.76 20.78 -12.87
N TRP G 67 -11.71 20.81 -14.20
CA TRP G 67 -10.45 20.83 -14.94
C TRP G 67 -10.56 21.81 -16.08
N ASN G 68 -9.41 22.26 -16.57
CA ASN G 68 -9.29 23.07 -17.76
C ASN G 68 -9.62 22.29 -19.05
N SER G 69 -10.77 22.58 -19.66
CA SER G 69 -11.17 21.82 -20.85
C SER G 69 -11.11 22.61 -22.16
N SER G 70 -10.26 23.64 -22.21
CA SER G 70 -10.11 24.43 -23.43
C SER G 70 -9.61 23.59 -24.61
N HIS G 71 -8.74 22.61 -24.31
CA HIS G 71 -8.27 21.64 -25.29
C HIS G 71 -8.41 20.16 -24.85
N SER G 72 -9.45 19.87 -24.06
CA SER G 72 -9.68 18.54 -23.50
C SER G 72 -11.16 18.24 -23.49
N PRO G 73 -11.55 16.96 -23.42
CA PRO G 73 -12.96 16.58 -23.27
C PRO G 73 -13.59 17.35 -22.09
N ASP G 74 -14.85 17.73 -22.21
CA ASP G 74 -15.44 18.52 -21.14
C ASP G 74 -16.34 17.72 -20.22
N GLN G 75 -16.46 16.41 -20.48
CA GLN G 75 -17.26 15.50 -19.70
C GLN G 75 -16.65 14.11 -19.62
N VAL G 76 -16.80 13.47 -18.47
CA VAL G 76 -16.46 12.05 -18.29
C VAL G 76 -17.47 11.36 -17.38
N SER G 77 -17.54 10.05 -17.50
CA SER G 77 -18.31 9.22 -16.59
C SER G 77 -17.40 8.66 -15.50
N VAL G 78 -17.83 8.80 -14.25
CA VAL G 78 -16.97 8.50 -13.08
C VAL G 78 -17.75 7.56 -12.13
N PRO G 79 -17.14 6.48 -11.63
CA PRO G 79 -17.82 5.67 -10.60
C PRO G 79 -18.15 6.60 -9.40
N ILE G 80 -19.37 6.52 -8.87
CA ILE G 80 -19.77 7.33 -7.71
C ILE G 80 -18.91 7.00 -6.46
N SER G 81 -18.27 5.83 -6.43
CA SER G 81 -17.30 5.52 -5.38
C SER G 81 -16.08 6.47 -5.41
N SER G 82 -15.84 7.15 -6.53
CA SER G 82 -14.76 8.13 -6.55
C SER G 82 -15.24 9.54 -6.25
N LEU G 83 -16.53 9.75 -6.00
CA LEU G 83 -17.07 11.10 -5.85
C LEU G 83 -17.79 11.24 -4.53
N TRP G 84 -17.85 12.45 -4.02
CA TRP G 84 -18.82 12.76 -3.01
C TRP G 84 -20.19 12.78 -3.65
N VAL G 85 -21.13 12.21 -2.93
CA VAL G 85 -22.50 12.10 -3.39
C VAL G 85 -23.37 12.51 -2.22
N PRO G 86 -24.42 13.30 -2.47
CA PRO G 86 -25.33 13.72 -1.41
C PRO G 86 -26.02 12.54 -0.74
N ASP G 87 -26.08 12.57 0.60
CA ASP G 87 -26.74 11.53 1.40
C ASP G 87 -28.28 11.56 1.40
N LEU G 88 -28.86 11.54 0.21
CA LEU G 88 -30.31 11.58 0.07
C LEU G 88 -30.99 10.28 0.50
N ALA G 89 -32.11 10.40 1.20
CA ALA G 89 -32.93 9.25 1.55
C ALA G 89 -34.37 9.69 1.39
N ALA G 90 -35.22 8.79 0.90
CA ALA G 90 -36.67 8.97 0.95
C ALA G 90 -37.12 8.66 2.37
N TYR G 91 -37.77 9.63 2.99
CA TYR G 91 -38.24 9.54 4.36
C TYR G 91 -39.29 8.50 4.61
N ASN G 92 -40.15 8.20 3.63
CA ASN G 92 -41.21 7.21 3.80
C ASN G 92 -40.92 5.88 3.06
N ALA G 93 -39.65 5.64 2.71
CA ALA G 93 -39.27 4.35 2.11
C ALA G 93 -39.41 3.27 3.15
N ILE G 94 -39.90 2.13 2.73
CA ILE G 94 -39.96 0.95 3.61
C ILE G 94 -39.07 -0.19 3.09
N SER G 95 -38.28 0.11 2.08
CA SER G 95 -37.27 -0.82 1.58
C SER G 95 -36.05 0.00 1.21
N LYS G 96 -34.91 -0.65 1.17
CA LYS G 96 -33.66 -0.09 0.69
C LYS G 96 -33.82 0.21 -0.78
N PRO G 97 -33.23 1.28 -1.25
CA PRO G 97 -33.25 1.56 -2.69
C PRO G 97 -32.48 0.49 -3.47
N GLU G 98 -33.13 -0.13 -4.44
CA GLU G 98 -32.49 -1.13 -5.29
C GLU G 98 -32.10 -0.36 -6.53
N VAL G 99 -30.79 -0.12 -6.67
CA VAL G 99 -30.27 0.59 -7.82
C VAL G 99 -30.14 -0.37 -8.99
N LEU G 100 -30.83 -0.08 -10.08
CA LEU G 100 -30.92 -0.99 -11.21
C LEU G 100 -29.83 -0.80 -12.24
N THR G 101 -29.15 0.34 -12.17
CA THR G 101 -28.25 0.78 -13.24
C THR G 101 -26.80 0.88 -12.78
N PRO G 102 -25.85 0.89 -13.74
CA PRO G 102 -24.45 1.14 -13.41
C PRO G 102 -24.29 2.40 -12.58
N GLN G 103 -23.48 2.32 -11.52
CA GLN G 103 -23.33 3.37 -10.54
C GLN G 103 -22.25 4.33 -11.03
N LEU G 104 -22.58 5.09 -12.07
CA LEU G 104 -21.63 6.03 -12.64
C LEU G 104 -22.31 7.33 -12.68
N ALA G 105 -21.56 8.39 -12.43
CA ALA G 105 -22.11 9.73 -12.60
C ALA G 105 -21.39 10.41 -13.75
N ARG G 106 -21.99 11.48 -14.25
CA ARG G 106 -21.42 12.28 -15.32
C ARG G 106 -20.87 13.56 -14.70
N VAL G 107 -19.60 13.87 -14.96
CA VAL G 107 -18.95 15.06 -14.42
C VAL G 107 -18.52 15.96 -15.56
N VAL G 108 -18.91 17.23 -15.48
CA VAL G 108 -18.61 18.23 -16.49
C VAL G 108 -17.38 18.94 -16.01
N SER G 109 -16.56 19.42 -16.95
CA SER G 109 -15.31 20.11 -16.61
C SER G 109 -15.44 21.34 -15.67
N ASP G 110 -16.63 21.89 -15.50
CA ASP G 110 -16.83 22.99 -14.52
C ASP G 110 -17.15 22.50 -13.13
N GLY G 111 -17.21 21.18 -12.95
CA GLY G 111 -17.51 20.63 -11.66
C GLY G 111 -18.93 20.21 -11.43
N GLU G 112 -19.82 20.40 -12.40
CA GLU G 112 -21.19 19.92 -12.23
C GLU G 112 -21.20 18.38 -12.33
N VAL G 113 -21.93 17.76 -11.39
CA VAL G 113 -22.11 16.30 -11.42
C VAL G 113 -23.59 15.96 -11.66
N LEU G 114 -23.83 14.96 -12.50
CA LEU G 114 -25.20 14.56 -12.83
C LEU G 114 -25.26 13.07 -12.60
N TYR G 115 -26.03 12.69 -11.57
CA TYR G 115 -26.19 11.28 -11.20
C TYR G 115 -27.65 10.92 -11.29
N MET G 116 -27.97 9.96 -12.16
CA MET G 116 -29.34 9.53 -12.35
C MET G 116 -29.52 8.00 -12.31
N PRO G 117 -29.47 7.40 -11.12
CA PRO G 117 -29.72 5.97 -10.99
C PRO G 117 -31.19 5.64 -11.26
N SER G 118 -31.44 4.46 -11.86
CA SER G 118 -32.80 3.95 -11.85
C SER G 118 -32.98 3.10 -10.60
N ILE G 119 -34.01 3.45 -9.83
CA ILE G 119 -34.22 2.87 -8.50
C ILE G 119 -35.60 2.20 -8.40
N ARG G 120 -35.61 0.94 -7.93
CA ARG G 120 -36.83 0.31 -7.46
C ARG G 120 -36.91 0.38 -5.93
N GLN G 121 -38.03 0.86 -5.43
CA GLN G 121 -38.19 1.09 -4.00
C GLN G 121 -39.67 1.08 -3.57
N ARG G 122 -39.90 0.64 -2.34
CA ARG G 122 -41.25 0.52 -1.82
C ARG G 122 -41.50 1.66 -0.85
N PHE G 123 -42.72 2.16 -0.85
CA PHE G 123 -43.06 3.35 -0.08
C PHE G 123 -44.35 3.18 0.67
N SER G 124 -44.39 3.81 1.83
CA SER G 124 -45.59 3.90 2.59
C SER G 124 -46.21 5.26 2.26
N CYS G 125 -47.38 5.24 1.62
CA CYS G 125 -48.07 6.47 1.26
C CYS G 125 -49.55 6.22 1.02
N ASP G 126 -50.30 7.28 0.76
CA ASP G 126 -51.73 7.20 0.55
C ASP G 126 -52.13 6.56 -0.79
N VAL G 127 -52.70 5.36 -0.72
CA VAL G 127 -53.09 4.60 -1.91
C VAL G 127 -54.60 4.68 -2.16
N SER G 128 -55.34 5.26 -1.20
CA SER G 128 -56.78 5.36 -1.30
C SER G 128 -57.21 6.09 -2.57
N GLY G 129 -58.24 5.56 -3.21
CA GLY G 129 -58.74 6.13 -4.44
C GLY G 129 -58.02 5.71 -5.69
N VAL G 130 -57.06 4.80 -5.58
CA VAL G 130 -56.28 4.31 -6.73
C VAL G 130 -57.15 3.75 -7.87
N ASP G 131 -58.28 3.14 -7.52
CA ASP G 131 -59.17 2.58 -8.52
C ASP G 131 -60.37 3.50 -8.82
N THR G 132 -60.20 4.80 -8.64
CA THR G 132 -61.20 5.79 -9.04
C THR G 132 -60.62 6.67 -10.14
N GLU G 133 -61.46 7.51 -10.73
CA GLU G 133 -61.05 8.41 -11.81
C GLU G 133 -60.07 9.49 -11.33
N SER G 134 -60.29 9.96 -10.09
CA SER G 134 -59.42 10.95 -9.46
C SER G 134 -58.05 10.36 -9.16
N GLY G 135 -58.03 9.05 -8.90
CA GLY G 135 -56.81 8.33 -8.58
C GLY G 135 -56.32 8.53 -7.15
N ALA G 136 -55.20 7.88 -6.83
CA ALA G 136 -54.53 8.05 -5.54
C ALA G 136 -53.45 9.11 -5.70
N THR G 137 -53.04 9.71 -4.59
CA THR G 137 -51.91 10.63 -4.59
C THR G 137 -50.91 10.17 -3.55
N CYS G 138 -49.82 9.62 -4.04
CA CYS G 138 -48.73 9.10 -3.22
C CYS G 138 -47.60 10.12 -3.16
N ARG G 139 -47.29 10.58 -1.95
CA ARG G 139 -46.22 11.58 -1.68
C ARG G 139 -44.95 10.93 -1.16
N ILE G 140 -43.84 11.22 -1.84
CA ILE G 140 -42.52 10.71 -1.50
C ILE G 140 -41.66 11.91 -1.12
N LYS G 141 -41.12 11.89 0.09
CA LYS G 141 -40.25 12.96 0.57
C LYS G 141 -38.81 12.51 0.53
N ILE G 142 -37.97 13.20 -0.25
CA ILE G 142 -36.54 12.95 -0.30
C ILE G 142 -35.71 14.13 0.23
N GLY G 143 -34.81 13.83 1.16
CA GLY G 143 -33.89 14.88 1.64
C GLY G 143 -32.58 14.26 2.10
N SER G 144 -31.62 15.11 2.47
CA SER G 144 -30.38 14.67 3.12
C SER G 144 -30.66 14.04 4.47
N TRP G 145 -30.07 12.87 4.68
CA TRP G 145 -30.21 12.20 5.96
C TRP G 145 -29.54 12.93 7.10
N THR G 146 -28.37 13.55 6.89
CA THR G 146 -27.56 14.04 8.02
C THR G 146 -27.09 15.49 7.89
N HIS G 147 -27.35 16.10 6.75
CA HIS G 147 -26.86 17.44 6.47
C HIS G 147 -28.06 18.36 6.51
N HIS G 148 -28.02 19.33 7.41
CA HIS G 148 -29.07 20.32 7.52
C HIS G 148 -28.97 21.40 6.42
N SER G 149 -29.89 22.38 6.48
CA SER G 149 -30.07 23.42 5.44
C SER G 149 -28.93 24.41 5.20
N ARG G 150 -28.02 24.59 6.16
CA ARG G 150 -26.78 25.31 5.90
C ARG G 150 -25.71 24.54 5.15
N GLU G 151 -25.87 23.22 5.06
CA GLU G 151 -24.89 22.40 4.35
C GLU G 151 -25.42 21.84 3.05
N ILE G 152 -26.68 21.41 3.04
CA ILE G 152 -27.32 20.94 1.79
C ILE G 152 -28.68 21.60 1.64
N SER G 153 -28.88 22.31 0.55
CA SER G 153 -30.21 22.72 0.17
C SER G 153 -30.68 21.74 -0.91
N VAL G 154 -31.98 21.46 -0.93
CA VAL G 154 -32.55 20.51 -1.87
C VAL G 154 -33.68 21.18 -2.64
N ASP G 155 -33.63 21.16 -3.96
CA ASP G 155 -34.65 21.85 -4.76
C ASP G 155 -35.12 21.00 -5.94
N PRO G 156 -36.39 21.14 -6.32
CA PRO G 156 -36.92 20.49 -7.52
C PRO G 156 -36.31 21.12 -8.78
N THR G 157 -36.23 20.36 -9.86
CA THR G 157 -35.65 20.85 -11.11
C THR G 157 -36.70 21.68 -11.77
N THR G 158 -36.32 22.47 -12.77
CA THR G 158 -37.27 23.29 -13.51
C THR G 158 -38.24 22.42 -14.35
N GLU G 159 -39.54 22.77 -14.28
CA GLU G 159 -40.64 22.02 -14.91
C GLU G 159 -40.55 21.99 -16.45
N ASN G 160 -39.59 21.24 -16.98
CA ASN G 160 -39.36 21.18 -18.42
C ASN G 160 -39.66 19.83 -19.12
N SER G 161 -40.39 18.93 -18.45
CA SER G 161 -40.72 17.62 -19.03
C SER G 161 -42.12 17.08 -18.64
N ASP G 162 -42.78 16.43 -19.61
CA ASP G 162 -44.06 15.75 -19.39
C ASP G 162 -43.92 14.62 -18.36
N ASP G 163 -44.97 14.41 -17.57
CA ASP G 163 -44.94 13.51 -16.41
C ASP G 163 -44.78 12.07 -16.87
N SER G 164 -45.55 11.68 -17.88
CA SER G 164 -45.53 10.30 -18.36
C SER G 164 -44.50 10.05 -19.46
N GLU G 165 -43.62 11.02 -19.71
CA GLU G 165 -42.59 10.91 -20.75
C GLU G 165 -41.86 9.56 -20.81
N TYR G 166 -41.39 9.09 -19.66
CA TYR G 166 -40.56 7.90 -19.57
C TYR G 166 -41.30 6.72 -18.96
N PHE G 167 -42.55 6.95 -18.57
CA PHE G 167 -43.37 5.96 -17.91
C PHE G 167 -43.80 4.81 -18.82
N SER G 168 -43.73 3.59 -18.31
CA SER G 168 -44.10 2.40 -19.10
C SER G 168 -45.55 2.40 -19.55
N GLN G 169 -45.76 2.25 -20.85
CA GLN G 169 -47.09 2.08 -21.39
C GLN G 169 -47.73 0.73 -21.02
N TYR G 170 -46.93 -0.17 -20.45
CA TYR G 170 -47.36 -1.52 -20.15
C TYR G 170 -47.74 -1.71 -18.68
N SER G 171 -47.46 -0.69 -17.86
CA SER G 171 -47.94 -0.66 -16.49
C SER G 171 -49.46 -0.86 -16.40
N ARG G 172 -49.90 -1.51 -15.33
CA ARG G 172 -51.33 -1.58 -14.99
C ARG G 172 -51.90 -0.22 -14.60
N PHE G 173 -51.01 0.72 -14.28
CA PHE G 173 -51.39 2.05 -13.82
C PHE G 173 -51.01 3.13 -14.82
N GLU G 174 -51.66 4.28 -14.69
CA GLU G 174 -51.28 5.48 -15.46
C GLU G 174 -51.04 6.67 -14.54
N ILE G 175 -50.13 7.55 -14.96
CA ILE G 175 -49.86 8.78 -14.23
C ILE G 175 -50.79 9.90 -14.70
N LEU G 176 -51.46 10.52 -13.73
CA LEU G 176 -52.33 11.65 -14.01
C LEU G 176 -51.57 12.96 -13.89
N ASP G 177 -50.70 13.00 -12.89
CA ASP G 177 -49.92 14.19 -12.59
C ASP G 177 -48.87 13.88 -11.57
N VAL G 178 -47.71 14.52 -11.74
CA VAL G 178 -46.62 14.44 -10.78
C VAL G 178 -46.32 15.87 -10.37
N THR G 179 -46.30 16.16 -9.07
CA THR G 179 -45.82 17.47 -8.67
C THR G 179 -44.75 17.31 -7.64
N GLN G 180 -43.74 18.16 -7.76
CA GLN G 180 -42.54 18.10 -6.92
C GLN G 180 -42.39 19.51 -6.36
N LYS G 181 -42.37 19.61 -5.04
CA LYS G 181 -42.47 20.90 -4.35
C LYS G 181 -41.42 20.83 -3.28
N LYS G 182 -40.93 22.00 -2.91
CA LYS G 182 -39.91 22.08 -1.87
C LYS G 182 -40.64 22.23 -0.56
N ASN G 183 -40.18 21.50 0.44
CA ASN G 183 -40.68 21.67 1.78
C ASN G 183 -39.49 21.54 2.70
N SER G 184 -39.76 21.34 3.98
CA SER G 184 -38.73 20.96 4.94
C SER G 184 -39.38 20.13 6.07
N VAL G 185 -38.55 19.39 6.81
CA VAL G 185 -39.00 18.71 8.04
C VAL G 185 -38.19 19.19 9.27
N THR G 186 -38.83 19.19 10.44
CA THR G 186 -38.23 19.57 11.71
C THR G 186 -38.92 18.80 12.86
N TYR G 187 -38.21 18.71 14.00
CA TYR G 187 -38.68 17.93 15.15
C TYR G 187 -38.40 18.71 16.43
N SER G 188 -39.24 18.51 17.45
CA SER G 188 -39.21 19.33 18.67
C SER G 188 -37.89 19.27 19.44
N CYS G 189 -37.11 18.21 19.19
CA CYS G 189 -35.84 17.98 19.89
C CYS G 189 -34.80 19.04 19.58
N CYS G 190 -34.79 19.47 18.33
CA CYS G 190 -33.61 20.12 17.74
C CYS G 190 -34.03 21.25 16.82
N PRO G 191 -33.23 22.32 16.80
CA PRO G 191 -33.52 23.47 15.93
C PRO G 191 -33.33 23.13 14.45
N GLU G 192 -32.20 22.50 14.12
CA GLU G 192 -31.77 22.33 12.74
C GLU G 192 -32.84 21.94 11.71
N ALA G 193 -32.85 22.70 10.60
CA ALA G 193 -33.84 22.48 9.55
C ALA G 193 -33.24 21.58 8.49
N TYR G 194 -34.06 20.63 8.05
CA TYR G 194 -33.68 19.70 7.01
C TYR G 194 -34.59 19.87 5.79
N GLU G 195 -33.98 20.14 4.65
CA GLU G 195 -34.72 20.39 3.43
C GLU G 195 -35.11 19.11 2.75
N ASP G 196 -36.29 19.11 2.15
CA ASP G 196 -36.68 17.97 1.33
C ASP G 196 -37.44 18.43 0.09
N VAL G 197 -37.49 17.58 -0.91
CA VAL G 197 -38.41 17.75 -2.02
C VAL G 197 -39.51 16.71 -1.80
N GLU G 198 -40.74 17.18 -1.89
CA GLU G 198 -41.90 16.32 -1.77
C GLU G 198 -42.49 16.02 -3.14
N VAL G 199 -42.51 14.76 -3.53
CA VAL G 199 -42.99 14.41 -4.87
C VAL G 199 -44.39 13.81 -4.74
N SER G 200 -45.37 14.46 -5.35
CA SER G 200 -46.73 13.94 -5.32
C SER G 200 -47.06 13.22 -6.61
N LEU G 201 -47.18 11.91 -6.49
CA LEU G 201 -47.51 11.06 -7.62
C LEU G 201 -49.02 10.79 -7.64
N ASN G 202 -49.73 11.47 -8.54
CA ASN G 202 -51.16 11.23 -8.75
C ASN G 202 -51.30 10.17 -9.85
N PHE G 203 -51.83 9.00 -9.47
CA PHE G 203 -51.94 7.89 -10.39
C PHE G 203 -53.21 7.08 -10.17
N ARG G 204 -53.58 6.28 -11.17
CA ARG G 204 -54.74 5.42 -11.06
C ARG G 204 -54.56 4.12 -11.82
N LYS G 205 -55.32 3.11 -11.42
CA LYS G 205 -55.44 1.88 -12.20
C LYS G 205 -56.15 2.14 -13.54
N LYS G 206 -55.61 1.59 -14.62
CA LYS G 206 -56.22 1.75 -15.94
C LYS G 206 -57.58 1.07 -16.00
N GLY G 207 -58.52 1.68 -16.72
CA GLY G 207 -59.83 1.12 -16.93
C GLY G 207 -59.85 0.27 -18.18
N VAL H 1 -10.70 30.70 8.89
CA VAL H 1 -11.09 29.26 9.04
C VAL H 1 -9.83 28.39 9.24
N GLU H 2 -9.66 27.81 10.43
CA GLU H 2 -8.46 27.02 10.75
C GLU H 2 -8.47 25.63 10.14
N PHE H 3 -9.43 24.81 10.55
CA PHE H 3 -9.63 23.53 9.92
C PHE H 3 -10.91 23.60 9.10
N ASP H 4 -10.81 23.42 7.80
CA ASP H 4 -12.05 23.24 7.03
C ASP H 4 -12.55 21.80 7.15
N ARG H 5 -13.73 21.55 6.62
CA ARG H 5 -14.33 20.22 6.72
C ARG H 5 -13.45 19.12 6.13
N ALA H 6 -12.75 19.42 5.05
CA ALA H 6 -11.77 18.48 4.49
C ALA H 6 -10.71 18.06 5.52
N ASP H 7 -10.18 19.03 6.28
CA ASP H 7 -9.13 18.78 7.27
C ASP H 7 -9.67 17.99 8.44
N ILE H 8 -10.88 18.32 8.88
CA ILE H 8 -11.54 17.59 10.00
C ILE H 8 -11.79 16.14 9.64
N LEU H 9 -12.31 15.93 8.43
CA LEU H 9 -12.56 14.60 7.92
C LEU H 9 -11.30 13.79 7.68
N TYR H 10 -10.29 14.42 7.12
CA TYR H 10 -8.98 13.81 6.97
C TYR H 10 -8.40 13.36 8.31
N ASN H 11 -8.38 14.28 9.29
CA ASN H 11 -7.87 13.92 10.62
C ASN H 11 -8.64 12.76 11.24
N ILE H 12 -9.96 12.80 11.12
CA ILE H 12 -10.80 11.72 11.67
C ILE H 12 -10.46 10.38 11.01
N ARG H 13 -10.35 10.37 9.69
CA ARG H 13 -10.13 9.14 8.94
C ARG H 13 -8.75 8.54 9.19
N GLN H 14 -7.77 9.41 9.36
CA GLN H 14 -6.41 8.98 9.62
C GLN H 14 -6.17 8.47 11.04
N THR H 15 -7.00 8.87 12.01
CA THR H 15 -6.70 8.56 13.43
C THR H 15 -7.83 7.90 14.22
N SER H 16 -9.03 7.90 13.67
CA SER H 16 -10.12 7.22 14.33
C SER H 16 -9.81 5.71 14.22
N ARG H 17 -9.95 5.02 15.34
CA ARG H 17 -9.69 3.60 15.40
C ARG H 17 -11.04 2.93 15.62
N PRO H 18 -11.70 2.53 14.53
CA PRO H 18 -13.10 2.09 14.58
C PRO H 18 -13.30 0.80 15.33
N ASP H 19 -12.22 0.08 15.60
CA ASP H 19 -12.34 -1.16 16.34
C ASP H 19 -12.06 -0.95 17.83
N VAL H 20 -11.88 0.31 18.25
CA VAL H 20 -11.49 0.64 19.64
C VAL H 20 -12.59 1.36 20.42
N ILE H 21 -13.14 0.70 21.44
CA ILE H 21 -14.15 1.31 22.30
C ILE H 21 -13.51 2.55 23.00
N PRO H 22 -14.14 3.74 22.88
CA PRO H 22 -13.54 4.96 23.44
C PRO H 22 -13.80 5.09 24.92
N THR H 23 -13.42 4.07 25.69
CA THR H 23 -13.43 4.20 27.13
C THR H 23 -12.45 5.25 27.63
N GLN H 24 -12.82 5.80 28.79
CA GLN H 24 -12.22 6.98 29.40
C GLN H 24 -12.19 6.65 30.89
N ARG H 25 -11.06 6.86 31.55
CA ARG H 25 -10.96 6.60 33.00
C ARG H 25 -11.55 5.25 33.46
N ASP H 26 -11.47 4.22 32.61
CA ASP H 26 -12.07 2.90 32.90
C ASP H 26 -13.57 2.94 33.32
N ARG H 27 -14.25 4.02 32.92
CA ARG H 27 -15.70 4.15 33.04
C ARG H 27 -16.33 3.61 31.77
N PRO H 28 -17.58 3.15 31.81
CA PRO H 28 -18.24 2.67 30.60
C PRO H 28 -18.54 3.80 29.62
N VAL H 29 -18.57 3.49 28.34
CA VAL H 29 -19.11 4.44 27.38
C VAL H 29 -20.61 4.47 27.55
N ALA H 30 -21.12 5.67 27.81
CA ALA H 30 -22.54 5.89 28.01
C ALA H 30 -23.18 6.03 26.64
N VAL H 31 -23.91 4.98 26.23
CA VAL H 31 -24.63 4.98 24.98
C VAL H 31 -26.11 5.28 25.25
N SER H 32 -26.65 6.32 24.60
CA SER H 32 -28.08 6.59 24.66
C SER H 32 -28.76 5.97 23.46
N VAL H 33 -29.88 5.32 23.70
CA VAL H 33 -30.60 4.60 22.64
C VAL H 33 -32.07 5.00 22.74
N SER H 34 -32.65 5.41 21.62
CA SER H 34 -34.06 5.74 21.57
C SER H 34 -34.66 5.30 20.25
N LEU H 35 -35.69 4.47 20.29
CA LEU H 35 -36.42 4.12 19.06
C LEU H 35 -37.57 5.09 18.75
N LYS H 36 -37.57 5.60 17.52
CA LYS H 36 -38.66 6.41 17.01
C LYS H 36 -39.31 5.57 15.93
N PHE H 37 -40.54 5.13 16.20
CA PHE H 37 -41.26 4.26 15.29
C PHE H 37 -41.85 5.07 14.15
N ILE H 38 -41.67 4.56 12.94
CA ILE H 38 -42.07 5.25 11.72
C ILE H 38 -43.21 4.50 11.08
N ASN H 39 -43.16 3.17 11.12
CA ASN H 39 -44.21 2.36 10.55
C ASN H 39 -44.26 0.97 11.15
N ILE H 40 -45.47 0.42 11.18
CA ILE H 40 -45.69 -0.97 11.53
C ILE H 40 -46.28 -1.60 10.28
N LEU H 41 -45.55 -2.53 9.68
CA LEU H 41 -45.82 -2.93 8.31
C LEU H 41 -46.64 -4.21 8.20
N GLU H 42 -46.36 -5.13 9.10
CA GLU H 42 -46.99 -6.44 9.05
C GLU H 42 -47.00 -6.99 10.46
N VAL H 43 -48.13 -7.59 10.81
CA VAL H 43 -48.34 -8.10 12.14
C VAL H 43 -49.02 -9.45 11.96
N ASN H 44 -48.63 -10.40 12.79
CA ASN H 44 -49.19 -11.74 12.74
C ASN H 44 -49.44 -12.22 14.17
N GLU H 45 -50.71 -12.26 14.54
CA GLU H 45 -51.10 -12.61 15.91
C GLU H 45 -50.94 -14.10 16.22
N ILE H 46 -50.99 -14.93 15.18
CA ILE H 46 -50.79 -16.38 15.31
C ILE H 46 -49.32 -16.70 15.60
N THR H 47 -48.40 -16.12 14.83
CA THR H 47 -46.98 -16.40 14.97
C THR H 47 -46.28 -15.48 15.98
N ASN H 48 -46.97 -14.41 16.41
CA ASN H 48 -46.40 -13.40 17.32
C ASN H 48 -45.15 -12.74 16.72
N GLU H 49 -45.29 -12.23 15.50
CA GLU H 49 -44.20 -11.61 14.77
C GLU H 49 -44.65 -10.24 14.23
N VAL H 50 -43.76 -9.25 14.29
CA VAL H 50 -44.05 -7.91 13.75
C VAL H 50 -42.92 -7.47 12.84
N ASP H 51 -43.27 -6.72 11.81
CA ASP H 51 -42.33 -6.15 10.87
C ASP H 51 -42.49 -4.64 11.04
N VAL H 52 -41.43 -3.97 11.50
CA VAL H 52 -41.51 -2.54 11.83
C VAL H 52 -40.34 -1.75 11.24
N VAL H 53 -40.57 -0.45 11.04
CA VAL H 53 -39.57 0.53 10.62
C VAL H 53 -39.43 1.56 11.74
N PHE H 54 -38.19 1.76 12.17
CA PHE H 54 -37.89 2.69 13.25
C PHE H 54 -36.55 3.40 13.02
N TRP H 55 -36.43 4.60 13.58
CA TRP H 55 -35.13 5.28 13.66
C TRP H 55 -34.49 4.87 14.94
N GLN H 56 -33.29 4.32 14.85
CA GLN H 56 -32.53 3.88 16.03
C GLN H 56 -31.61 5.03 16.39
N GLN H 57 -32.15 5.97 17.13
CA GLN H 57 -31.36 7.12 17.58
C GLN H 57 -30.33 6.72 18.63
N THR H 58 -29.04 6.80 18.26
CA THR H 58 -27.92 6.36 19.09
C THR H 58 -26.93 7.51 19.29
N THR H 59 -26.63 7.84 20.55
CA THR H 59 -25.60 8.84 20.84
C THR H 59 -24.60 8.28 21.85
N TRP H 60 -23.37 8.77 21.76
CA TRP H 60 -22.33 8.47 22.72
C TRP H 60 -21.24 9.49 22.47
N SER H 61 -20.25 9.48 23.33
CA SER H 61 -19.12 10.37 23.22
C SER H 61 -17.85 9.59 22.86
N ASP H 62 -17.07 10.14 21.95
CA ASP H 62 -15.74 9.60 21.66
C ASP H 62 -14.75 10.76 21.61
N ARG H 63 -14.09 11.05 22.74
CA ARG H 63 -13.16 12.20 22.78
C ARG H 63 -11.95 12.12 21.83
N THR H 64 -11.63 10.93 21.29
CA THR H 64 -10.53 10.84 20.32
C THR H 64 -10.90 11.51 18.98
N LEU H 65 -12.19 11.86 18.82
CA LEU H 65 -12.71 12.51 17.63
C LEU H 65 -12.69 14.04 17.73
N ALA H 66 -12.55 14.55 18.96
CA ALA H 66 -12.62 15.98 19.22
C ALA H 66 -11.57 16.78 18.47
N TRP H 67 -11.94 18.00 18.12
CA TRP H 67 -11.04 18.95 17.49
C TRP H 67 -11.36 20.34 18.03
N ASN H 68 -10.40 21.24 17.87
CA ASN H 68 -10.53 22.61 18.30
C ASN H 68 -11.37 23.35 17.26
N SER H 69 -12.59 23.74 17.64
CA SER H 69 -13.50 24.41 16.70
C SER H 69 -13.73 25.89 17.00
N SER H 70 -12.75 26.54 17.64
CA SER H 70 -12.88 27.96 17.93
C SER H 70 -12.98 28.80 16.65
N HIS H 71 -12.30 28.33 15.60
CA HIS H 71 -12.35 29.00 14.29
C HIS H 71 -12.60 27.99 13.15
N SER H 72 -13.37 26.97 13.44
CA SER H 72 -13.65 25.89 12.48
C SER H 72 -15.10 25.41 12.65
N PRO H 73 -15.67 24.76 11.62
CA PRO H 73 -16.98 24.12 11.75
C PRO H 73 -17.00 23.21 12.98
N ASP H 74 -18.09 23.17 13.71
CA ASP H 74 -18.12 22.35 14.90
C ASP H 74 -18.82 21.00 14.72
N GLN H 75 -19.20 20.68 13.47
CA GLN H 75 -19.89 19.44 13.17
C GLN H 75 -19.62 18.94 11.76
N VAL H 76 -19.47 17.63 11.62
CA VAL H 76 -19.33 17.00 10.29
C VAL H 76 -20.13 15.71 10.21
N SER H 77 -20.48 15.31 8.99
CA SER H 77 -21.03 13.96 8.77
C SER H 77 -19.90 13.01 8.35
N VAL H 78 -19.83 11.85 9.01
CA VAL H 78 -18.71 10.89 8.83
C VAL H 78 -19.27 9.49 8.50
N PRO H 79 -18.71 8.78 7.52
CA PRO H 79 -19.12 7.38 7.28
C PRO H 79 -18.88 6.60 8.56
N ILE H 80 -19.82 5.76 8.99
CA ILE H 80 -19.63 5.00 10.25
C ILE H 80 -18.48 4.02 10.14
N SER H 81 -18.07 3.70 8.90
CA SER H 81 -16.92 2.84 8.67
C SER H 81 -15.63 3.49 9.20
N SER H 82 -15.64 4.82 9.37
CA SER H 82 -14.47 5.49 9.92
C SER H 82 -14.60 5.73 11.43
N LEU H 83 -15.67 5.24 12.04
CA LEU H 83 -15.91 5.50 13.46
C LEU H 83 -16.16 4.22 14.19
N TRP H 84 -15.82 4.20 15.49
CA TRP H 84 -16.27 3.14 16.35
C TRP H 84 -17.76 3.35 16.56
N VAL H 85 -18.55 2.29 16.41
CA VAL H 85 -19.97 2.31 16.77
C VAL H 85 -20.31 1.22 17.80
N PRO H 86 -21.24 1.51 18.70
CA PRO H 86 -21.65 0.49 19.68
C PRO H 86 -22.24 -0.78 19.02
N ASP H 87 -21.84 -1.95 19.52
CA ASP H 87 -22.29 -3.23 18.89
C ASP H 87 -23.71 -3.62 19.35
N LEU H 88 -24.65 -2.69 19.21
CA LEU H 88 -26.02 -2.89 19.69
C LEU H 88 -26.76 -3.93 18.87
N ALA H 89 -27.59 -4.74 19.55
CA ALA H 89 -28.42 -5.70 18.85
C ALA H 89 -29.75 -5.79 19.58
N ALA H 90 -30.85 -5.95 18.83
CA ALA H 90 -32.14 -6.25 19.42
C ALA H 90 -32.20 -7.75 19.73
N TYR H 91 -32.45 -8.06 20.99
CA TYR H 91 -32.38 -9.42 21.50
C TYR H 91 -33.45 -10.33 20.89
N ASN H 92 -34.61 -9.76 20.56
CA ASN H 92 -35.71 -10.53 20.01
C ASN H 92 -35.95 -10.32 18.52
N ALA H 93 -34.95 -9.78 17.81
CA ALA H 93 -35.02 -9.63 16.36
C ALA H 93 -34.94 -11.02 15.75
N ILE H 94 -35.74 -11.24 14.71
CA ILE H 94 -35.71 -12.50 13.96
C ILE H 94 -35.28 -12.28 12.51
N SER H 95 -34.84 -11.07 12.21
CA SER H 95 -34.22 -10.78 10.92
C SER H 95 -33.03 -9.87 11.19
N LYS H 96 -32.06 -9.87 10.27
CA LYS H 96 -30.95 -8.91 10.31
C LYS H 96 -31.55 -7.53 10.08
N PRO H 97 -31.04 -6.51 10.79
CA PRO H 97 -31.51 -5.13 10.61
C PRO H 97 -31.28 -4.62 9.19
N GLU H 98 -32.32 -4.21 8.48
CA GLU H 98 -32.19 -3.63 7.14
C GLU H 98 -32.06 -2.13 7.33
N VAL H 99 -30.87 -1.60 7.08
CA VAL H 99 -30.63 -0.17 7.20
C VAL H 99 -31.07 0.50 5.90
N LEU H 100 -31.98 1.46 6.02
CA LEU H 100 -32.62 2.04 4.86
C LEU H 100 -31.88 3.28 4.39
N THR H 101 -31.07 3.85 5.29
CA THR H 101 -30.50 5.19 5.08
C THR H 101 -28.98 5.20 4.86
N PRO H 102 -28.45 6.28 4.28
CA PRO H 102 -26.99 6.44 4.17
C PRO H 102 -26.31 6.24 5.52
N GLN H 103 -25.23 5.46 5.51
CA GLN H 103 -24.55 5.06 6.76
C GLN H 103 -23.56 6.14 7.19
N LEU H 104 -24.10 7.27 7.66
CA LEU H 104 -23.28 8.39 8.07
C LEU H 104 -23.74 8.78 9.44
N ALA H 105 -22.80 9.15 10.30
CA ALA H 105 -23.10 9.67 11.62
C ALA H 105 -22.68 11.12 11.66
N ARG H 106 -23.26 11.87 12.60
CA ARG H 106 -22.87 13.24 12.83
C ARG H 106 -21.89 13.30 14.03
N VAL H 107 -20.72 13.88 13.83
CA VAL H 107 -19.76 14.06 14.90
C VAL H 107 -19.61 15.56 15.22
N VAL H 108 -19.68 15.90 16.51
CA VAL H 108 -19.56 17.29 17.02
C VAL H 108 -18.14 17.46 17.52
N SER H 109 -17.63 18.68 17.45
CA SER H 109 -16.23 18.95 17.78
C SER H 109 -15.82 18.60 19.20
N ASP H 110 -16.78 18.33 20.10
CA ASP H 110 -16.42 17.89 21.45
C ASP H 110 -16.37 16.35 21.58
N GLY H 111 -16.49 15.64 20.48
CA GLY H 111 -16.48 14.19 20.47
C GLY H 111 -17.83 13.50 20.56
N GLU H 112 -18.93 14.22 20.78
CA GLU H 112 -20.28 13.65 20.63
C GLU H 112 -20.56 13.07 19.24
N VAL H 113 -21.03 11.83 19.25
CA VAL H 113 -21.47 11.18 18.03
C VAL H 113 -22.95 10.92 18.03
N LEU H 114 -23.55 11.01 16.85
CA LEU H 114 -24.98 10.82 16.77
C LEU H 114 -25.23 10.06 15.53
N TYR H 115 -25.84 8.90 15.70
CA TYR H 115 -26.07 8.02 14.58
C TYR H 115 -27.51 7.62 14.67
N MET H 116 -28.26 7.88 13.60
CA MET H 116 -29.68 7.57 13.54
C MET H 116 -30.10 6.85 12.25
N PRO H 117 -29.75 5.58 12.10
CA PRO H 117 -30.21 4.84 10.93
C PRO H 117 -31.70 4.57 11.00
N SER H 118 -32.34 4.56 9.84
CA SER H 118 -33.68 4.00 9.74
C SER H 118 -33.50 2.52 9.42
N ILE H 119 -34.04 1.67 10.28
CA ILE H 119 -33.94 0.23 10.18
C ILE H 119 -35.32 -0.42 10.01
N ARG H 120 -35.43 -1.34 9.05
CA ARG H 120 -36.59 -2.21 8.97
C ARG H 120 -36.18 -3.55 9.56
N GLN H 121 -36.97 -4.06 10.50
CA GLN H 121 -36.60 -5.29 11.18
C GLN H 121 -37.83 -6.04 11.68
N ARG H 122 -37.73 -7.37 11.71
CA ARG H 122 -38.81 -8.21 12.22
C ARG H 122 -38.51 -8.68 13.63
N PHE H 123 -39.56 -8.79 14.44
CA PHE H 123 -39.38 -9.10 15.84
C PHE H 123 -40.33 -10.19 16.28
N SER H 124 -39.88 -10.97 17.26
CA SER H 124 -40.73 -11.89 17.95
C SER H 124 -41.16 -11.25 19.26
N CYS H 125 -42.46 -10.99 19.39
CA CYS H 125 -42.97 -10.33 20.59
C CYS H 125 -44.49 -10.57 20.70
N ASP H 126 -45.07 -10.04 21.76
CA ASP H 126 -46.48 -10.29 22.09
C ASP H 126 -47.40 -9.42 21.23
N VAL H 127 -48.11 -10.08 20.33
CA VAL H 127 -48.99 -9.41 19.37
C VAL H 127 -50.47 -9.58 19.79
N SER H 128 -50.71 -10.36 20.86
CA SER H 128 -52.08 -10.60 21.33
C SER H 128 -52.75 -9.29 21.71
N GLY H 129 -54.03 -9.19 21.34
CA GLY H 129 -54.82 -7.99 21.60
C GLY H 129 -54.65 -6.86 20.61
N VAL H 130 -53.89 -7.10 19.53
CA VAL H 130 -53.63 -6.07 18.50
C VAL H 130 -54.92 -5.48 17.92
N ASP H 131 -55.94 -6.31 17.79
CA ASP H 131 -57.20 -5.86 17.23
C ASP H 131 -58.25 -5.53 18.30
N THR H 132 -57.79 -5.14 19.48
CA THR H 132 -58.67 -4.66 20.55
C THR H 132 -58.36 -3.19 20.85
N GLU H 133 -59.20 -2.54 21.65
CA GLU H 133 -59.01 -1.15 22.04
C GLU H 133 -57.76 -0.92 22.89
N SER H 134 -57.46 -1.88 23.76
CA SER H 134 -56.26 -1.85 24.59
C SER H 134 -55.00 -2.03 23.76
N GLY H 135 -55.13 -2.75 22.65
CA GLY H 135 -54.02 -3.00 21.74
C GLY H 135 -53.06 -4.06 22.23
N ALA H 136 -52.03 -4.32 21.43
CA ALA H 136 -50.95 -5.23 21.79
C ALA H 136 -49.79 -4.42 22.39
N THR H 137 -49.00 -5.07 23.23
CA THR H 137 -47.76 -4.47 23.70
C THR H 137 -46.56 -5.33 23.29
N CYS H 138 -45.82 -4.83 22.29
CA CYS H 138 -44.62 -5.46 21.79
C CYS H 138 -43.39 -4.85 22.44
N ARG H 139 -42.60 -5.67 23.12
CA ARG H 139 -41.36 -5.24 23.77
C ARG H 139 -40.13 -5.64 22.98
N ILE H 140 -39.28 -4.66 22.70
CA ILE H 140 -38.01 -4.84 21.99
C ILE H 140 -36.86 -4.48 22.92
N LYS H 141 -35.94 -5.43 23.08
CA LYS H 141 -34.76 -5.21 23.93
C LYS H 141 -33.52 -5.00 23.08
N ILE H 142 -32.82 -3.91 23.35
CA ILE H 142 -31.60 -3.53 22.64
C ILE H 142 -30.43 -3.31 23.60
N GLY H 143 -29.35 -4.05 23.38
CA GLY H 143 -28.17 -3.87 24.20
C GLY H 143 -26.95 -4.25 23.43
N SER H 144 -25.77 -3.98 24.00
CA SER H 144 -24.51 -4.42 23.42
C SER H 144 -24.38 -5.95 23.37
N TRP H 145 -23.99 -6.45 22.23
CA TRP H 145 -23.82 -7.88 22.09
C TRP H 145 -22.60 -8.45 22.85
N THR H 146 -21.51 -7.71 22.93
CA THR H 146 -20.29 -8.26 23.50
C THR H 146 -19.68 -7.39 24.60
N HIS H 147 -20.21 -6.20 24.87
CA HIS H 147 -19.63 -5.35 25.93
C HIS H 147 -20.51 -5.36 27.18
N HIS H 148 -19.95 -5.78 28.31
CA HIS H 148 -20.71 -5.76 29.55
C HIS H 148 -20.80 -4.35 30.17
N SER H 149 -21.44 -4.25 31.33
CA SER H 149 -21.83 -2.97 31.94
C SER H 149 -20.67 -2.04 32.34
N ARG H 150 -19.49 -2.58 32.59
CA ARG H 150 -18.30 -1.78 32.86
C ARG H 150 -17.67 -1.18 31.59
N GLU H 151 -18.16 -1.59 30.42
CA GLU H 151 -17.62 -1.06 29.16
C GLU H 151 -18.64 -0.26 28.40
N ILE H 152 -19.89 -0.72 28.36
CA ILE H 152 -20.97 0.04 27.75
C ILE H 152 -22.18 0.05 28.67
N SER H 153 -22.64 1.25 29.03
CA SER H 153 -23.90 1.39 29.73
C SER H 153 -24.90 1.85 28.68
N VAL H 154 -26.15 1.41 28.82
CA VAL H 154 -27.17 1.73 27.83
C VAL H 154 -28.34 2.42 28.51
N ASP H 155 -28.76 3.54 27.94
CA ASP H 155 -29.81 4.34 28.55
C ASP H 155 -30.84 4.88 27.55
N PRO H 156 -32.09 5.00 27.99
CA PRO H 156 -33.09 5.70 27.17
C PRO H 156 -32.80 7.20 27.14
N THR H 157 -32.80 7.77 25.94
CA THR H 157 -32.66 9.24 25.75
C THR H 157 -33.53 10.08 26.68
N THR H 158 -33.07 11.31 26.91
CA THR H 158 -33.79 12.35 27.67
C THR H 158 -35.20 12.65 27.13
N GLU H 159 -36.16 11.83 27.57
CA GLU H 159 -37.56 11.82 27.11
C GLU H 159 -38.21 13.22 26.99
N ASN H 160 -37.93 13.90 25.88
CA ASN H 160 -38.44 15.25 25.61
C ASN H 160 -39.72 15.27 24.74
N SER H 161 -39.75 14.47 23.67
CA SER H 161 -40.73 14.61 22.58
C SER H 161 -42.11 13.95 22.78
N ASP H 162 -42.56 13.20 21.76
CA ASP H 162 -43.88 12.57 21.71
C ASP H 162 -43.78 11.26 20.91
N ASP H 163 -44.80 10.43 21.05
CA ASP H 163 -44.78 9.06 20.50
C ASP H 163 -45.42 8.91 19.08
N SER H 164 -45.61 10.06 18.40
CA SER H 164 -46.28 10.08 17.10
C SER H 164 -45.82 11.21 16.16
N GLU H 165 -44.84 11.99 16.60
CA GLU H 165 -44.23 13.02 15.76
C GLU H 165 -43.58 12.44 14.50
N TYR H 166 -43.29 11.14 14.51
CA TYR H 166 -42.56 10.50 13.43
C TYR H 166 -43.36 9.44 12.66
N PHE H 167 -44.44 8.90 13.25
CA PHE H 167 -45.16 7.72 12.77
C PHE H 167 -46.04 7.99 11.53
N SER H 168 -45.99 7.09 10.55
CA SER H 168 -46.82 7.22 9.35
C SER H 168 -48.33 7.22 9.65
N GLN H 169 -49.01 8.24 9.16
CA GLN H 169 -50.46 8.32 9.24
C GLN H 169 -51.12 7.29 8.33
N TYR H 170 -50.33 6.71 7.42
CA TYR H 170 -50.87 5.78 6.42
C TYR H 170 -50.78 4.31 6.84
N SER H 171 -50.15 4.06 7.97
CA SER H 171 -50.11 2.73 8.55
C SER H 171 -51.51 2.21 8.85
N ARG H 172 -51.69 0.90 8.73
CA ARG H 172 -52.92 0.23 9.14
C ARG H 172 -53.08 0.28 10.67
N PHE H 173 -51.99 0.63 11.36
CA PHE H 173 -51.94 0.58 12.81
C PHE H 173 -51.73 1.96 13.37
N GLU H 174 -52.03 2.11 14.67
CA GLU H 174 -51.73 3.34 15.39
C GLU H 174 -51.01 3.06 16.70
N ILE H 175 -50.18 4.02 17.11
CA ILE H 175 -49.44 3.92 18.36
C ILE H 175 -50.23 4.55 19.50
N LEU H 176 -50.38 3.79 20.59
CA LEU H 176 -51.07 4.26 21.76
C LEU H 176 -50.09 4.83 22.78
N ASP H 177 -48.99 4.10 22.99
CA ASP H 177 -47.95 4.51 23.93
C ASP H 177 -46.65 3.79 23.64
N VAL H 178 -45.55 4.52 23.83
CA VAL H 178 -44.19 4.01 23.74
C VAL H 178 -43.45 4.35 25.03
N THR H 179 -43.24 3.36 25.90
CA THR H 179 -42.40 3.58 27.09
C THR H 179 -41.03 2.93 26.96
N GLN H 180 -40.02 3.61 27.50
CA GLN H 180 -38.63 3.16 27.44
C GLN H 180 -38.17 2.81 28.85
N LYS H 181 -37.60 1.62 29.02
CA LYS H 181 -37.14 1.15 30.33
C LYS H 181 -35.71 0.59 30.25
N LYS H 182 -34.99 0.67 31.36
CA LYS H 182 -33.61 0.27 31.46
C LYS H 182 -33.48 -1.03 32.30
N ASN H 183 -32.71 -2.00 31.82
CA ASN H 183 -32.39 -3.18 32.62
C ASN H 183 -30.86 -3.42 32.66
N SER H 184 -30.40 -4.08 33.73
CA SER H 184 -29.03 -4.54 33.83
C SER H 184 -29.02 -6.02 34.19
N VAL H 185 -28.59 -6.89 33.29
CA VAL H 185 -28.86 -8.31 33.49
C VAL H 185 -27.64 -9.19 33.41
N THR H 186 -27.53 -10.08 34.38
CA THR H 186 -26.52 -11.11 34.39
C THR H 186 -27.20 -12.41 34.05
N TYR H 187 -26.75 -13.00 32.94
CA TYR H 187 -27.31 -14.22 32.36
C TYR H 187 -26.40 -15.37 32.76
N SER H 188 -26.93 -16.59 32.66
CA SER H 188 -26.21 -17.82 32.96
C SER H 188 -25.01 -18.08 32.04
N CYS H 189 -25.15 -17.70 30.76
CA CYS H 189 -24.11 -17.83 29.74
C CYS H 189 -22.80 -17.15 30.11
N CYS H 190 -22.89 -16.02 30.80
CA CYS H 190 -21.77 -15.10 30.98
C CYS H 190 -21.75 -14.50 32.41
N PRO H 191 -20.58 -14.36 33.03
CA PRO H 191 -20.46 -13.84 34.41
C PRO H 191 -20.75 -12.34 34.67
N GLU H 192 -20.54 -11.47 33.67
CA GLU H 192 -20.76 -10.02 33.85
C GLU H 192 -22.22 -9.62 33.56
N ALA H 193 -22.60 -8.39 33.91
CA ALA H 193 -23.94 -7.88 33.63
C ALA H 193 -23.97 -7.16 32.28
N TYR H 194 -25.05 -7.35 31.52
CA TYR H 194 -25.25 -6.67 30.23
C TYR H 194 -26.47 -5.77 30.31
N GLU H 195 -26.29 -4.51 29.91
CA GLU H 195 -27.34 -3.51 29.96
C GLU H 195 -28.17 -3.54 28.70
N ASP H 196 -29.46 -3.25 28.85
CA ASP H 196 -30.30 -3.10 27.68
C ASP H 196 -31.33 -2.00 27.94
N VAL H 197 -31.82 -1.40 26.86
CA VAL H 197 -33.06 -0.64 26.89
C VAL H 197 -34.21 -1.51 26.36
N GLU H 198 -35.27 -1.58 27.14
CA GLU H 198 -36.48 -2.28 26.74
C GLU H 198 -37.54 -1.27 26.28
N VAL H 199 -37.91 -1.36 25.01
CA VAL H 199 -38.89 -0.45 24.43
C VAL H 199 -40.25 -1.18 24.34
N SER H 200 -41.27 -0.60 24.96
CA SER H 200 -42.59 -1.19 24.91
C SER H 200 -43.50 -0.42 23.96
N LEU H 201 -43.78 -1.03 22.83
CA LEU H 201 -44.65 -0.46 21.80
C LEU H 201 -46.08 -0.96 22.00
N ASN H 202 -46.94 -0.08 22.52
CA ASN H 202 -48.37 -0.32 22.67
C ASN H 202 -49.05 0.22 21.41
N PHE H 203 -49.67 -0.68 20.65
CA PHE H 203 -50.22 -0.33 19.36
C PHE H 203 -51.45 -1.15 19.06
N ARG H 204 -52.26 -0.67 18.13
CA ARG H 204 -53.47 -1.38 17.73
C ARG H 204 -53.80 -1.19 16.26
N LYS H 205 -54.57 -2.10 15.70
CA LYS H 205 -55.13 -1.94 14.37
C LYS H 205 -56.19 -0.83 14.41
N LYS H 206 -56.17 0.04 13.41
CA LYS H 206 -57.14 1.13 13.31
C LYS H 206 -58.53 0.60 13.05
N GLY H 207 -59.53 1.26 13.62
CA GLY H 207 -60.92 0.88 13.45
C GLY H 207 -61.55 1.62 12.30
N GLU I 2 -0.47 0.13 31.20
CA GLU I 2 0.51 -0.60 30.34
C GLU I 2 0.03 -0.67 28.89
N PHE I 3 -0.70 -1.72 28.49
CA PHE I 3 -1.38 -1.73 27.19
C PHE I 3 -2.82 -1.32 27.38
N ASP I 4 -3.24 -0.21 26.78
CA ASP I 4 -4.67 0.09 26.79
C ASP I 4 -5.37 -0.70 25.68
N ARG I 5 -6.67 -0.55 25.58
CA ARG I 5 -7.45 -1.31 24.61
C ARG I 5 -7.02 -0.99 23.18
N ALA I 6 -6.62 0.25 22.93
CA ALA I 6 -6.14 0.63 21.60
C ALA I 6 -4.89 -0.15 21.20
N ASP I 7 -3.98 -0.37 22.15
CA ASP I 7 -2.73 -1.10 21.92
C ASP I 7 -2.97 -2.59 21.70
N ILE I 8 -3.87 -3.18 22.47
CA ILE I 8 -4.21 -4.58 22.34
C ILE I 8 -4.82 -4.85 20.96
N LEU I 9 -5.78 -4.02 20.58
CA LEU I 9 -6.48 -4.19 19.32
C LEU I 9 -5.55 -3.95 18.15
N TYR I 10 -4.66 -2.95 18.29
CA TYR I 10 -3.64 -2.67 17.28
C TYR I 10 -2.74 -3.90 17.08
N ASN I 11 -2.22 -4.44 18.18
CA ASN I 11 -1.35 -5.62 18.12
C ASN I 11 -2.03 -6.83 17.49
N ILE I 12 -3.27 -7.09 17.86
CA ILE I 12 -4.08 -8.17 17.25
C ILE I 12 -4.28 -7.95 15.76
N ARG I 13 -4.65 -6.73 15.38
CA ARG I 13 -4.95 -6.38 13.99
C ARG I 13 -3.70 -6.57 13.12
N GLN I 14 -2.58 -6.07 13.63
CA GLN I 14 -1.31 -6.18 12.94
C GLN I 14 -0.72 -7.59 12.80
N THR I 15 -1.02 -8.50 13.73
CA THR I 15 -0.31 -9.80 13.78
C THR I 15 -1.21 -11.02 13.74
N SER I 16 -2.50 -10.82 13.89
CA SER I 16 -3.41 -11.96 13.80
C SER I 16 -3.45 -12.36 12.32
N ARG I 17 -3.27 -13.65 12.07
CA ARG I 17 -3.33 -14.20 10.75
C ARG I 17 -4.63 -15.01 10.63
N PRO I 18 -5.68 -14.38 10.12
CA PRO I 18 -7.02 -14.95 10.16
C PRO I 18 -7.19 -16.17 9.28
N ASP I 19 -6.23 -16.43 8.40
CA ASP I 19 -6.32 -17.58 7.54
C ASP I 19 -5.56 -18.77 8.14
N VAL I 20 -4.96 -18.56 9.32
CA VAL I 20 -4.07 -19.55 9.93
C VAL I 20 -4.68 -20.25 11.15
N ILE I 21 -4.97 -21.54 11.01
CA ILE I 21 -5.48 -22.34 12.13
C ILE I 21 -4.42 -22.33 13.22
N PRO I 22 -4.80 -21.92 14.41
CA PRO I 22 -3.87 -21.88 15.55
C PRO I 22 -3.56 -23.21 16.21
N THR I 23 -3.15 -24.20 15.42
CA THR I 23 -2.68 -25.47 15.92
C THR I 23 -1.38 -25.29 16.68
N GLN I 24 -1.34 -25.84 17.90
CA GLN I 24 -0.12 -25.86 18.71
C GLN I 24 0.35 -27.30 18.89
N ARG I 25 1.64 -27.54 18.62
CA ARG I 25 2.28 -28.84 18.90
C ARG I 25 1.56 -29.97 18.15
N ASP I 26 1.05 -29.64 16.96
CA ASP I 26 0.36 -30.58 16.07
C ASP I 26 -0.85 -31.33 16.69
N ARG I 27 -1.43 -30.71 17.72
CA ARG I 27 -2.66 -31.18 18.35
C ARG I 27 -3.79 -30.41 17.68
N PRO I 28 -4.99 -30.99 17.62
CA PRO I 28 -6.11 -30.29 17.02
C PRO I 28 -6.50 -29.07 17.84
N VAL I 29 -7.06 -28.04 17.19
CA VAL I 29 -7.68 -26.96 17.94
C VAL I 29 -8.98 -27.48 18.52
N ALA I 30 -9.13 -27.37 19.83
CA ALA I 30 -10.34 -27.83 20.47
C ALA I 30 -11.40 -26.74 20.41
N VAL I 31 -12.39 -26.95 19.54
CA VAL I 31 -13.50 -26.02 19.37
C VAL I 31 -14.71 -26.54 20.16
N SER I 32 -15.25 -25.68 21.02
CA SER I 32 -16.46 -26.01 21.76
C SER I 32 -17.64 -25.37 21.05
N VAL I 33 -18.67 -26.16 20.80
CA VAL I 33 -19.87 -25.68 20.11
C VAL I 33 -21.12 -25.97 20.95
N SER I 34 -21.96 -24.95 21.11
CA SER I 34 -23.20 -25.12 21.85
C SER I 34 -24.28 -24.26 21.22
N LEU I 35 -25.41 -24.88 20.89
CA LEU I 35 -26.52 -24.12 20.33
C LEU I 35 -27.48 -23.77 21.46
N LYS I 36 -27.86 -22.51 21.54
CA LYS I 36 -28.89 -22.07 22.47
C LYS I 36 -30.03 -21.59 21.60
N PHE I 37 -31.15 -22.31 21.63
CA PHE I 37 -32.27 -21.96 20.77
C PHE I 37 -33.06 -20.77 21.32
N ILE I 38 -33.41 -19.86 20.43
CA ILE I 38 -34.04 -18.60 20.77
C ILE I 38 -35.47 -18.62 20.22
N ASN I 39 -35.61 -19.14 19.00
CA ASN I 39 -36.94 -19.22 18.41
C ASN I 39 -37.07 -20.35 17.40
N ILE I 40 -38.29 -20.86 17.27
CA ILE I 40 -38.63 -21.76 16.19
C ILE I 40 -39.73 -21.04 15.45
N LEU I 41 -39.43 -20.63 14.22
CA LEU I 41 -40.24 -19.62 13.54
C LEU I 41 -41.25 -20.24 12.59
N GLU I 42 -40.85 -21.29 11.91
CA GLU I 42 -41.69 -21.89 10.91
C GLU I 42 -41.34 -23.37 10.83
N VAL I 43 -42.37 -24.20 10.75
CA VAL I 43 -42.19 -25.64 10.72
C VAL I 43 -43.13 -26.14 9.64
N ASN I 44 -42.69 -27.14 8.89
CA ASN I 44 -43.47 -27.76 7.84
C ASN I 44 -43.29 -29.27 7.90
N GLU I 45 -44.32 -29.98 8.32
CA GLU I 45 -44.25 -31.43 8.56
C GLU I 45 -44.29 -32.23 7.26
N ILE I 46 -44.82 -31.60 6.22
CA ILE I 46 -44.88 -32.21 4.88
C ILE I 46 -43.48 -32.21 4.23
N THR I 47 -42.81 -31.06 4.26
CA THR I 47 -41.50 -30.95 3.61
C THR I 47 -40.36 -31.32 4.55
N ASN I 48 -40.65 -31.47 5.85
CA ASN I 48 -39.62 -31.73 6.87
C ASN I 48 -38.55 -30.63 6.91
N GLU I 49 -39.01 -29.38 7.06
CA GLU I 49 -38.14 -28.23 7.10
C GLU I 49 -38.47 -27.34 8.30
N VAL I 50 -37.45 -26.85 8.99
CA VAL I 50 -37.64 -25.92 10.09
C VAL I 50 -36.85 -24.63 9.86
N ASP I 51 -37.38 -23.54 10.38
CA ASP I 51 -36.73 -22.25 10.34
C ASP I 51 -36.51 -21.88 11.80
N VAL I 52 -35.25 -21.68 12.17
CA VAL I 52 -34.90 -21.57 13.58
C VAL I 52 -33.99 -20.35 13.85
N VAL I 53 -33.99 -19.87 15.09
CA VAL I 53 -33.07 -18.83 15.54
C VAL I 53 -32.28 -19.37 16.72
N PHE I 54 -30.96 -19.35 16.63
CA PHE I 54 -30.14 -19.90 17.69
C PHE I 54 -28.84 -19.15 17.87
N TRP I 55 -28.38 -19.06 19.12
CA TRP I 55 -27.01 -18.62 19.36
C TRP I 55 -26.04 -19.78 19.12
N GLN I 56 -25.09 -19.57 18.22
CA GLN I 56 -24.07 -20.58 17.96
C GLN I 56 -22.84 -20.26 18.79
N GLN I 57 -22.87 -20.70 20.03
CA GLN I 57 -21.83 -20.41 21.00
C GLN I 57 -20.57 -21.19 20.70
N THR I 58 -19.51 -20.47 20.33
CA THR I 58 -18.28 -21.10 19.85
C THR I 58 -17.09 -20.56 20.64
N THR I 59 -16.32 -21.46 21.22
CA THR I 59 -15.09 -21.10 21.92
C THR I 59 -13.93 -21.96 21.44
N TRP I 60 -12.75 -21.33 21.37
CA TRP I 60 -11.51 -21.99 21.10
C TRP I 60 -10.39 -21.12 21.63
N SER I 61 -9.18 -21.68 21.65
CA SER I 61 -8.00 -20.99 22.08
C SER I 61 -7.16 -20.66 20.85
N ASP I 62 -6.61 -19.45 20.85
CA ASP I 62 -5.63 -19.05 19.88
C ASP I 62 -4.57 -18.25 20.62
N ARG I 63 -3.51 -18.93 21.02
CA ARG I 63 -2.47 -18.33 21.84
C ARG I 63 -1.61 -17.28 21.15
N THR I 64 -1.70 -17.14 19.82
CA THR I 64 -1.00 -16.05 19.13
C THR I 64 -1.68 -14.71 19.43
N LEU I 65 -2.88 -14.77 20.02
CA LEU I 65 -3.64 -13.57 20.39
C LEU I 65 -3.28 -13.09 21.80
N ALA I 66 -2.63 -13.94 22.58
CA ALA I 66 -2.40 -13.67 24.00
C ALA I 66 -1.54 -12.42 24.21
N TRP I 67 -1.80 -11.70 25.30
CA TRP I 67 -0.98 -10.58 25.72
C TRP I 67 -0.81 -10.62 27.23
N ASN I 68 0.22 -9.92 27.71
CA ASN I 68 0.48 -9.76 29.14
C ASN I 68 -0.53 -8.80 29.78
N SER I 69 -1.46 -9.32 30.57
CA SER I 69 -2.48 -8.44 31.15
C SER I 69 -2.32 -8.17 32.65
N SER I 70 -1.10 -8.29 33.17
CA SER I 70 -0.87 -8.05 34.59
C SER I 70 -1.22 -6.61 34.99
N HIS I 71 -1.05 -5.68 34.04
CA HIS I 71 -1.41 -4.28 34.25
C HIS I 71 -2.22 -3.71 33.08
N SER I 72 -3.00 -4.57 32.44
CA SER I 72 -3.81 -4.19 31.28
C SER I 72 -5.17 -4.87 31.32
N PRO I 73 -6.14 -4.35 30.58
CA PRO I 73 -7.44 -5.03 30.40
C PRO I 73 -7.23 -6.47 29.95
N ASP I 74 -8.01 -7.39 30.47
CA ASP I 74 -7.76 -8.78 30.15
C ASP I 74 -8.72 -9.32 29.09
N GLN I 75 -9.54 -8.44 28.52
CA GLN I 75 -10.52 -8.80 27.50
C GLN I 75 -10.79 -7.66 26.52
N VAL I 76 -10.97 -8.00 25.24
CA VAL I 76 -11.44 -7.04 24.26
C VAL I 76 -12.41 -7.70 23.30
N SER I 77 -13.25 -6.87 22.66
CA SER I 77 -14.08 -7.28 21.54
C SER I 77 -13.37 -6.96 20.23
N VAL I 78 -13.34 -7.93 19.32
CA VAL I 78 -12.52 -7.89 18.11
C VAL I 78 -13.40 -8.28 16.91
N PRO I 79 -13.36 -7.54 15.81
CA PRO I 79 -14.11 -7.98 14.61
C PRO I 79 -13.57 -9.32 14.17
N ILE I 80 -14.45 -10.28 13.87
CA ILE I 80 -14.02 -11.63 13.49
C ILE I 80 -13.16 -11.61 12.23
N SER I 81 -13.32 -10.55 11.46
CA SER I 81 -12.49 -10.36 10.26
C SER I 81 -11.02 -10.19 10.57
N SER I 82 -10.68 -9.88 11.83
CA SER I 82 -9.30 -9.83 12.28
C SER I 82 -8.80 -11.12 12.96
N LEU I 83 -9.66 -12.14 13.11
CA LEU I 83 -9.29 -13.39 13.78
C LEU I 83 -9.48 -14.59 12.86
N TRP I 84 -8.72 -15.65 13.13
CA TRP I 84 -9.07 -16.95 12.59
C TRP I 84 -10.33 -17.40 13.32
N VAL I 85 -11.29 -17.89 12.53
CA VAL I 85 -12.49 -18.50 13.08
C VAL I 85 -12.69 -19.90 12.49
N PRO I 86 -13.15 -20.87 13.28
CA PRO I 86 -13.37 -22.21 12.75
C PRO I 86 -14.40 -22.23 11.63
N ASP I 87 -14.17 -23.07 10.63
CA ASP I 87 -15.00 -23.13 9.42
C ASP I 87 -16.22 -24.06 9.62
N LEU I 88 -17.00 -23.77 10.66
CA LEU I 88 -18.10 -24.62 11.04
C LEU I 88 -19.25 -24.47 10.06
N ALA I 89 -19.98 -25.55 9.82
CA ALA I 89 -21.15 -25.52 8.95
C ALA I 89 -22.12 -26.58 9.45
N ALA I 90 -23.41 -26.25 9.39
CA ALA I 90 -24.44 -27.21 9.70
C ALA I 90 -24.68 -28.05 8.45
N TYR I 91 -24.46 -29.36 8.60
CA TYR I 91 -24.50 -30.32 7.51
C TYR I 91 -25.86 -30.39 6.81
N ASN I 92 -26.95 -30.24 7.58
CA ASN I 92 -28.32 -30.30 7.04
C ASN I 92 -29.00 -28.94 6.93
N ALA I 93 -28.22 -27.86 6.90
CA ALA I 93 -28.76 -26.54 6.63
C ALA I 93 -29.18 -26.46 5.15
N ILE I 94 -30.32 -25.81 4.89
CA ILE I 94 -30.77 -25.65 3.51
C ILE I 94 -30.82 -24.18 3.11
N SER I 95 -30.27 -23.32 3.96
CA SER I 95 -30.12 -21.90 3.66
C SER I 95 -28.79 -21.45 4.24
N LYS I 96 -28.22 -20.39 3.65
CA LYS I 96 -27.01 -19.71 4.19
C LYS I 96 -27.37 -19.22 5.56
N PRO I 97 -26.47 -19.33 6.55
CA PRO I 97 -26.70 -18.77 7.90
C PRO I 97 -26.86 -17.24 7.88
N GLU I 98 -28.02 -16.75 8.32
CA GLU I 98 -28.26 -15.32 8.44
C GLU I 98 -27.82 -14.89 9.84
N VAL I 99 -26.70 -14.20 9.92
CA VAL I 99 -26.15 -13.70 11.18
C VAL I 99 -26.87 -12.40 11.57
N LEU I 100 -27.53 -12.42 12.73
CA LEU I 100 -28.39 -11.31 13.13
C LEU I 100 -27.65 -10.25 13.93
N THR I 101 -26.50 -10.62 14.48
CA THR I 101 -25.79 -9.78 15.44
C THR I 101 -24.47 -9.23 14.90
N PRO I 102 -23.91 -8.18 15.55
CA PRO I 102 -22.59 -7.64 15.18
C PRO I 102 -21.54 -8.75 15.15
N GLN I 103 -20.66 -8.74 14.13
CA GLN I 103 -19.73 -9.87 13.91
C GLN I 103 -18.46 -9.60 14.69
N LEU I 104 -18.58 -9.58 16.05
CA LEU I 104 -17.46 -9.36 16.96
C LEU I 104 -17.30 -10.57 17.87
N ALA I 105 -16.07 -10.90 18.19
CA ALA I 105 -15.82 -11.94 19.18
C ALA I 105 -15.15 -11.33 20.39
N ARG I 106 -15.20 -12.05 21.49
CA ARG I 106 -14.55 -11.63 22.70
C ARG I 106 -13.28 -12.42 22.87
N VAL I 107 -12.17 -11.71 23.07
CA VAL I 107 -10.85 -12.32 23.22
C VAL I 107 -10.29 -12.00 24.60
N VAL I 108 -9.89 -13.04 25.32
CA VAL I 108 -9.30 -12.93 26.65
C VAL I 108 -7.78 -12.94 26.51
N SER I 109 -7.09 -12.30 27.45
CA SER I 109 -5.63 -12.15 27.37
C SER I 109 -4.83 -13.47 27.33
N ASP I 110 -5.45 -14.59 27.68
CA ASP I 110 -4.77 -15.87 27.52
C ASP I 110 -5.01 -16.50 26.13
N GLY I 111 -5.72 -15.80 25.26
CA GLY I 111 -5.88 -16.29 23.90
C GLY I 111 -7.19 -16.99 23.73
N GLU I 112 -8.03 -16.97 24.77
CA GLU I 112 -9.37 -17.56 24.62
C GLU I 112 -10.30 -16.66 23.79
N VAL I 113 -11.07 -17.30 22.91
CA VAL I 113 -12.00 -16.58 22.05
C VAL I 113 -13.42 -17.07 22.29
N LEU I 114 -14.34 -16.12 22.50
CA LEU I 114 -15.77 -16.44 22.55
C LEU I 114 -16.48 -15.77 21.41
N TYR I 115 -17.04 -16.56 20.50
CA TYR I 115 -17.83 -16.01 19.42
C TYR I 115 -19.23 -16.59 19.50
N MET I 116 -20.23 -15.72 19.72
CA MET I 116 -21.62 -16.18 19.82
C MET I 116 -22.58 -15.42 18.92
N PRO I 117 -22.55 -15.66 17.61
CA PRO I 117 -23.51 -15.00 16.73
C PRO I 117 -24.92 -15.57 16.95
N SER I 118 -25.92 -14.72 16.79
CA SER I 118 -27.29 -15.20 16.68
C SER I 118 -27.58 -15.46 15.21
N ILE I 119 -28.06 -16.66 14.92
CA ILE I 119 -28.18 -17.09 13.53
C ILE I 119 -29.63 -17.53 13.25
N ARG I 120 -30.18 -17.05 12.14
CA ARG I 120 -31.41 -17.59 11.63
C ARG I 120 -31.04 -18.50 10.45
N GLN I 121 -31.51 -19.73 10.50
CA GLN I 121 -31.18 -20.68 9.45
C GLN I 121 -32.30 -21.73 9.27
N ARG I 122 -32.46 -22.23 8.04
CA ARG I 122 -33.42 -23.29 7.76
C ARG I 122 -32.76 -24.66 7.66
N PHE I 123 -33.44 -25.67 8.16
CA PHE I 123 -32.85 -27.00 8.26
C PHE I 123 -33.76 -28.05 7.68
N SER I 124 -33.17 -29.09 7.12
CA SER I 124 -33.91 -30.28 6.74
C SER I 124 -33.73 -31.28 7.87
N CYS I 125 -34.83 -31.67 8.50
CA CYS I 125 -34.76 -32.62 9.61
C CYS I 125 -36.14 -33.20 9.93
N ASP I 126 -36.20 -34.13 10.86
CA ASP I 126 -37.44 -34.84 11.20
C ASP I 126 -38.43 -33.96 11.97
N VAL I 127 -39.53 -33.60 11.30
CA VAL I 127 -40.55 -32.75 11.88
C VAL I 127 -41.78 -33.57 12.28
N SER I 128 -41.77 -34.87 11.96
CA SER I 128 -42.90 -35.75 12.31
C SER I 128 -43.15 -35.79 13.82
N GLY I 129 -44.43 -35.71 14.19
CA GLY I 129 -44.84 -35.70 15.58
C GLY I 129 -44.84 -34.34 16.26
N VAL I 130 -44.55 -33.27 15.51
CA VAL I 130 -44.49 -31.90 16.06
C VAL I 130 -45.77 -31.49 16.81
N ASP I 131 -46.91 -31.97 16.32
CA ASP I 131 -48.17 -31.62 16.93
C ASP I 131 -48.70 -32.72 17.87
N THR I 132 -47.78 -33.52 18.42
CA THR I 132 -48.12 -34.52 19.43
C THR I 132 -47.46 -34.14 20.77
N GLU I 133 -47.83 -34.85 21.84
CA GLU I 133 -47.28 -34.59 23.16
C GLU I 133 -45.79 -34.93 23.27
N SER I 134 -45.38 -35.97 22.54
CA SER I 134 -43.98 -36.39 22.47
C SER I 134 -43.14 -35.41 21.68
N GLY I 135 -43.76 -34.75 20.71
CA GLY I 135 -43.12 -33.73 19.91
C GLY I 135 -42.26 -34.31 18.81
N ALA I 136 -41.61 -33.42 18.05
CA ALA I 136 -40.69 -33.79 16.99
C ALA I 136 -39.28 -33.73 17.53
N THR I 137 -38.36 -34.51 16.96
CA THR I 137 -36.95 -34.38 17.28
C THR I 137 -36.14 -34.03 16.04
N CYS I 138 -35.76 -32.77 15.95
CA CYS I 138 -34.95 -32.25 14.85
C CYS I 138 -33.46 -32.28 15.23
N ARG I 139 -32.66 -32.97 14.42
CA ARG I 139 -31.22 -33.08 14.66
C ARG I 139 -30.42 -32.20 13.71
N ILE I 140 -29.59 -31.33 14.28
CA ILE I 140 -28.69 -30.46 13.51
C ILE I 140 -27.25 -30.86 13.78
N LYS I 141 -26.51 -31.16 12.72
CA LYS I 141 -25.10 -31.52 12.79
C LYS I 141 -24.19 -30.35 12.39
N ILE I 142 -23.30 -29.97 13.29
CA ILE I 142 -22.32 -28.93 13.04
C ILE I 142 -20.89 -29.43 13.17
N GLY I 143 -20.10 -29.18 12.15
CA GLY I 143 -18.69 -29.53 12.17
C GLY I 143 -17.89 -28.67 11.20
N SER I 144 -16.57 -28.78 11.28
CA SER I 144 -15.68 -28.09 10.36
C SER I 144 -15.88 -28.62 8.93
N TRP I 145 -16.00 -27.71 7.98
CA TRP I 145 -16.17 -28.09 6.60
C TRP I 145 -14.92 -28.71 6.00
N THR I 146 -13.75 -28.20 6.35
CA THR I 146 -12.53 -28.59 5.64
C THR I 146 -11.41 -29.12 6.55
N HIS I 147 -11.58 -29.07 7.87
CA HIS I 147 -10.52 -29.54 8.78
C HIS I 147 -10.90 -30.88 9.42
N HIS I 148 -10.06 -31.89 9.24
CA HIS I 148 -10.34 -33.18 9.86
C HIS I 148 -9.94 -33.22 11.34
N SER I 149 -10.15 -34.39 11.96
CA SER I 149 -10.03 -34.52 13.43
C SER I 149 -8.66 -34.20 14.01
N ARG I 150 -7.61 -34.26 13.21
CA ARG I 150 -6.26 -33.92 13.69
C ARG I 150 -6.03 -32.40 13.73
N GLU I 151 -6.91 -31.65 13.08
CA GLU I 151 -6.76 -30.19 13.02
C GLU I 151 -7.82 -29.47 13.84
N ILE I 152 -9.06 -29.92 13.74
CA ILE I 152 -10.15 -29.42 14.57
C ILE I 152 -10.88 -30.58 15.25
N SER I 153 -10.94 -30.52 16.57
CA SER I 153 -11.87 -31.36 17.31
C SER I 153 -13.05 -30.52 17.75
N VAL I 154 -14.24 -31.08 17.66
CA VAL I 154 -15.44 -30.35 18.01
C VAL I 154 -16.14 -31.06 19.16
N ASP I 155 -16.41 -30.32 20.23
CA ASP I 155 -17.01 -30.92 21.42
C ASP I 155 -18.17 -30.10 21.95
N PRO I 156 -19.23 -30.78 22.41
CA PRO I 156 -20.30 -30.10 23.14
C PRO I 156 -19.80 -29.56 24.48
N THR I 157 -20.31 -28.38 24.84
CA THR I 157 -20.01 -27.72 26.10
C THR I 157 -20.74 -28.41 27.26
N THR I 158 -21.23 -27.61 28.19
CA THR I 158 -21.96 -28.11 29.37
C THR I 158 -23.31 -27.37 29.53
N GLU I 159 -24.14 -27.89 30.44
CA GLU I 159 -25.49 -27.38 30.67
C GLU I 159 -25.51 -26.34 31.81
N ASN I 160 -24.97 -25.16 31.50
CA ASN I 160 -24.98 -24.02 32.43
C ASN I 160 -26.41 -23.56 32.73
N SER I 161 -27.35 -23.94 31.85
CA SER I 161 -28.73 -23.45 31.87
C SER I 161 -29.69 -24.49 31.30
N ASP I 162 -30.97 -24.43 31.72
CA ASP I 162 -32.00 -25.23 31.06
C ASP I 162 -32.14 -24.79 29.59
N ASP I 163 -32.64 -25.71 28.76
CA ASP I 163 -32.64 -25.52 27.30
C ASP I 163 -33.48 -24.32 26.81
N SER I 164 -34.51 -23.95 27.59
CA SER I 164 -35.40 -22.86 27.22
C SER I 164 -34.97 -21.52 27.84
N GLU I 165 -33.78 -21.49 28.42
CA GLU I 165 -33.31 -20.33 29.16
C GLU I 165 -33.42 -19.03 28.37
N TYR I 166 -33.17 -19.12 27.07
CA TYR I 166 -33.20 -17.94 26.24
C TYR I 166 -34.26 -18.06 25.17
N PHE I 167 -35.08 -19.11 25.27
CA PHE I 167 -36.10 -19.39 24.26
C PHE I 167 -37.30 -18.44 24.39
N SER I 168 -37.79 -17.95 23.26
CA SER I 168 -38.93 -17.04 23.25
C SER I 168 -40.20 -17.66 23.82
N GLN I 169 -40.80 -16.97 24.79
CA GLN I 169 -42.07 -17.37 25.34
C GLN I 169 -43.20 -17.14 24.35
N TYR I 170 -42.90 -16.42 23.26
CA TYR I 170 -43.91 -16.00 22.29
C TYR I 170 -43.91 -16.90 21.04
N SER I 171 -42.98 -17.82 20.97
CA SER I 171 -42.99 -18.85 19.94
C SER I 171 -44.29 -19.68 19.98
N ARG I 172 -44.73 -20.12 18.81
CA ARG I 172 -45.86 -21.03 18.70
C ARG I 172 -45.48 -22.40 19.27
N PHE I 173 -44.18 -22.62 19.45
CA PHE I 173 -43.63 -23.91 19.84
C PHE I 173 -42.99 -23.82 21.22
N GLU I 174 -42.76 -24.98 21.83
CA GLU I 174 -42.03 -25.06 23.08
C GLU I 174 -40.96 -26.16 22.99
N ILE I 175 -39.88 -25.97 23.75
CA ILE I 175 -38.79 -26.92 23.80
C ILE I 175 -38.98 -27.90 24.94
N LEU I 176 -38.88 -29.18 24.61
CA LEU I 176 -39.02 -30.25 25.60
C LEU I 176 -37.65 -30.69 26.13
N ASP I 177 -36.67 -30.80 25.23
CA ASP I 177 -35.33 -31.25 25.57
C ASP I 177 -34.36 -30.92 24.42
N VAL I 178 -33.11 -30.63 24.78
CA VAL I 178 -32.04 -30.42 23.81
C VAL I 178 -30.82 -31.18 24.27
N THR I 179 -30.38 -32.15 23.47
CA THR I 179 -29.13 -32.85 23.77
C THR I 179 -28.07 -32.66 22.69
N GLN I 180 -26.82 -32.51 23.12
CA GLN I 180 -25.69 -32.25 22.22
C GLN I 180 -24.63 -33.35 22.35
N LYS I 181 -24.50 -34.16 21.31
CA LYS I 181 -23.56 -35.27 21.32
C LYS I 181 -22.54 -35.17 20.18
N LYS I 182 -21.52 -36.01 20.27
CA LYS I 182 -20.39 -35.99 19.35
C LYS I 182 -20.46 -37.09 18.29
N ASN I 183 -20.05 -36.75 17.08
CA ASN I 183 -19.83 -37.72 16.04
C ASN I 183 -18.42 -37.53 15.52
N SER I 184 -17.83 -38.60 15.02
CA SER I 184 -16.54 -38.53 14.32
C SER I 184 -16.70 -39.36 13.06
N VAL I 185 -16.83 -38.72 11.91
CA VAL I 185 -17.16 -39.47 10.70
C VAL I 185 -16.07 -39.66 9.64
N THR I 186 -15.88 -40.90 9.23
CA THR I 186 -15.08 -41.17 8.05
C THR I 186 -16.05 -41.24 6.87
N TYR I 187 -16.07 -40.16 6.09
CA TYR I 187 -16.82 -40.11 4.84
C TYR I 187 -16.06 -40.80 3.68
N SER I 188 -16.76 -41.04 2.57
CA SER I 188 -16.17 -41.75 1.43
C SER I 188 -15.34 -40.81 0.54
N CYS I 189 -15.72 -39.53 0.54
CA CYS I 189 -14.99 -38.48 -0.17
C CYS I 189 -13.52 -38.44 0.22
N CYS I 190 -13.27 -38.54 1.52
CA CYS I 190 -12.01 -38.14 2.11
C CYS I 190 -11.53 -39.21 3.13
N PRO I 191 -10.22 -39.39 3.28
CA PRO I 191 -9.69 -40.53 4.07
C PRO I 191 -9.61 -40.29 5.60
N GLU I 192 -9.83 -39.05 6.00
CA GLU I 192 -9.71 -38.67 7.40
C GLU I 192 -11.10 -38.60 8.04
N ALA I 193 -11.12 -38.54 9.36
CA ALA I 193 -12.36 -38.41 10.11
C ALA I 193 -12.68 -36.95 10.37
N TYR I 194 -13.96 -36.60 10.22
CA TYR I 194 -14.46 -35.25 10.52
C TYR I 194 -15.40 -35.30 11.72
N GLU I 195 -15.13 -34.44 12.68
CA GLU I 195 -15.90 -34.39 13.91
C GLU I 195 -17.09 -33.47 13.74
N ASP I 196 -18.19 -33.84 14.38
CA ASP I 196 -19.32 -32.91 14.49
C ASP I 196 -19.99 -33.05 15.84
N VAL I 197 -20.73 -32.02 16.21
CA VAL I 197 -21.66 -32.06 17.32
C VAL I 197 -23.05 -32.14 16.70
N GLU I 198 -23.79 -33.13 17.16
CA GLU I 198 -25.17 -33.35 16.76
C GLU I 198 -26.11 -32.83 17.85
N VAL I 199 -26.84 -31.76 17.52
CA VAL I 199 -27.80 -31.19 18.46
C VAL I 199 -29.19 -31.79 18.19
N SER I 200 -29.79 -32.42 19.21
CA SER I 200 -31.16 -32.90 19.06
C SER I 200 -32.16 -31.98 19.74
N LEU I 201 -32.99 -31.33 18.94
CA LEU I 201 -33.98 -30.41 19.42
C LEU I 201 -35.33 -31.14 19.47
N ASN I 202 -35.77 -31.48 20.69
CA ASN I 202 -37.09 -32.08 20.90
C ASN I 202 -38.06 -30.95 21.23
N PHE I 203 -39.03 -30.75 20.35
CA PHE I 203 -39.94 -29.61 20.46
C PHE I 203 -41.34 -29.99 19.97
N ARG I 204 -42.33 -29.21 20.41
CA ARG I 204 -43.71 -29.44 19.99
C ARG I 204 -44.51 -28.15 19.87
N LYS I 205 -45.58 -28.20 19.10
CA LYS I 205 -46.52 -27.10 19.02
C LYS I 205 -47.21 -26.96 20.37
N LYS I 206 -47.36 -25.73 20.84
CA LYS I 206 -48.10 -25.46 22.08
C LYS I 206 -49.58 -25.80 21.94
N GLY I 207 -50.17 -26.32 23.00
CA GLY I 207 -51.58 -26.66 23.03
C GLY I 207 -52.41 -25.48 23.49
N GLU J 2 10.16 -27.50 9.24
CA GLU J 2 10.68 -26.51 8.25
C GLU J 2 9.65 -25.43 7.92
N PHE J 3 8.49 -25.81 7.37
CA PHE J 3 7.42 -24.85 7.15
C PHE J 3 6.22 -25.20 8.04
N ASP J 4 5.81 -24.31 8.93
CA ASP J 4 4.56 -24.55 9.62
C ASP J 4 3.39 -24.02 8.79
N ARG J 5 2.17 -24.25 9.27
CA ARG J 5 1.00 -23.85 8.50
C ARG J 5 0.97 -22.37 8.20
N ALA J 6 1.49 -21.56 9.12
CA ALA J 6 1.56 -20.12 8.87
C ALA J 6 2.44 -19.77 7.67
N ASP J 7 3.60 -20.43 7.53
CA ASP J 7 4.54 -20.23 6.42
C ASP J 7 3.94 -20.65 5.09
N ILE J 8 3.29 -21.82 5.06
CA ILE J 8 2.66 -22.36 3.87
C ILE J 8 1.55 -21.40 3.40
N LEU J 9 0.70 -20.94 4.31
CA LEU J 9 -0.37 -20.05 3.96
C LEU J 9 0.14 -18.68 3.54
N TYR J 10 1.18 -18.19 4.23
CA TYR J 10 1.87 -16.98 3.83
C TYR J 10 2.40 -17.07 2.40
N ASN J 11 3.18 -18.11 2.10
CA ASN J 11 3.72 -18.30 0.77
C ASN J 11 2.62 -18.38 -0.28
N ILE J 12 1.56 -19.14 -0.01
CA ILE J 12 0.46 -19.26 -0.95
C ILE J 12 -0.21 -17.89 -1.19
N ARG J 13 -0.47 -17.13 -0.11
CA ARG J 13 -1.16 -15.84 -0.23
C ARG J 13 -0.32 -14.77 -0.96
N GLN J 14 1.01 -14.87 -0.82
CA GLN J 14 1.94 -13.96 -1.48
C GLN J 14 2.21 -14.25 -2.96
N THR J 15 2.04 -15.50 -3.41
CA THR J 15 2.50 -15.90 -4.73
C THR J 15 1.46 -16.60 -5.59
N SER J 16 0.35 -16.99 -4.97
CA SER J 16 -0.76 -17.55 -5.73
C SER J 16 -1.33 -16.41 -6.57
N ARG J 17 -1.52 -16.69 -7.84
CA ARG J 17 -2.07 -15.72 -8.77
C ARG J 17 -3.46 -16.22 -9.15
N PRO J 18 -4.49 -15.75 -8.46
CA PRO J 18 -5.84 -16.30 -8.60
C PRO J 18 -6.52 -16.01 -9.95
N ASP J 19 -6.03 -15.03 -10.71
CA ASP J 19 -6.50 -14.78 -12.09
C ASP J 19 -5.87 -15.68 -13.14
N VAL J 20 -4.88 -16.49 -12.74
CA VAL J 20 -4.04 -17.22 -13.70
C VAL J 20 -4.34 -18.73 -13.75
N ILE J 21 -4.91 -19.18 -14.86
CA ILE J 21 -5.13 -20.61 -15.05
C ILE J 21 -3.79 -21.34 -15.01
N PRO J 22 -3.66 -22.41 -14.21
CA PRO J 22 -2.41 -23.20 -14.17
C PRO J 22 -2.24 -24.13 -15.37
N THR J 23 -2.02 -23.58 -16.56
CA THR J 23 -1.76 -24.44 -17.70
C THR J 23 -0.30 -24.78 -17.66
N GLN J 24 -0.06 -26.08 -17.82
CA GLN J 24 1.27 -26.66 -17.68
C GLN J 24 1.59 -27.31 -19.02
N ARG J 25 2.65 -26.81 -19.63
CA ARG J 25 3.12 -27.21 -20.95
C ARG J 25 2.03 -27.28 -22.02
N ASP J 26 1.15 -26.26 -21.98
CA ASP J 26 0.06 -26.03 -22.94
C ASP J 26 -0.98 -27.17 -23.06
N ARG J 27 -1.06 -27.97 -21.99
CA ARG J 27 -2.11 -28.98 -21.83
C ARG J 27 -3.23 -28.32 -21.04
N PRO J 28 -4.47 -28.80 -21.21
CA PRO J 28 -5.58 -28.26 -20.43
C PRO J 28 -5.46 -28.61 -18.95
N VAL J 29 -5.99 -27.76 -18.07
CA VAL J 29 -6.13 -28.13 -16.69
C VAL J 29 -7.28 -29.16 -16.64
N ALA J 30 -6.99 -30.28 -16.02
CA ALA J 30 -7.98 -31.33 -15.87
C ALA J 30 -8.76 -31.11 -14.59
N VAL J 31 -10.01 -30.72 -14.73
CA VAL J 31 -10.90 -30.39 -13.62
C VAL J 31 -11.90 -31.52 -13.45
N SER J 32 -11.89 -32.14 -12.27
CA SER J 32 -12.81 -33.22 -11.98
C SER J 32 -14.05 -32.59 -11.31
N VAL J 33 -15.23 -32.96 -11.81
CA VAL J 33 -16.46 -32.39 -11.26
C VAL J 33 -17.40 -33.51 -10.90
N SER J 34 -17.89 -33.50 -9.67
CA SER J 34 -18.82 -34.54 -9.24
C SER J 34 -19.89 -33.98 -8.32
N LEU J 35 -21.17 -34.15 -8.65
CA LEU J 35 -22.24 -33.62 -7.79
C LEU J 35 -22.72 -34.69 -6.82
N LYS J 36 -22.79 -34.30 -5.55
CA LYS J 36 -23.36 -35.16 -4.54
C LYS J 36 -24.63 -34.48 -4.04
N PHE J 37 -25.77 -35.05 -4.40
CA PHE J 37 -27.05 -34.47 -4.05
C PHE J 37 -27.39 -34.67 -2.57
N ILE J 38 -27.82 -33.57 -1.93
CA ILE J 38 -28.07 -33.55 -0.49
C ILE J 38 -29.57 -33.41 -0.25
N ASN J 39 -30.21 -32.60 -1.09
CA ASN J 39 -31.62 -32.38 -0.98
C ASN J 39 -32.26 -31.96 -2.26
N ILE J 40 -33.54 -32.30 -2.40
CA ILE J 40 -34.39 -31.76 -3.44
C ILE J 40 -35.52 -31.09 -2.68
N LEU J 41 -35.60 -29.77 -2.81
CA LEU J 41 -36.39 -28.93 -1.92
C LEU J 41 -37.75 -28.56 -2.49
N GLU J 42 -37.79 -28.33 -3.80
CA GLU J 42 -39.01 -27.87 -4.45
C GLU J 42 -38.95 -28.30 -5.89
N VAL J 43 -40.06 -28.83 -6.35
CA VAL J 43 -40.18 -29.35 -7.68
C VAL J 43 -41.48 -28.77 -8.24
N ASN J 44 -41.48 -28.40 -9.52
CA ASN J 44 -42.68 -27.89 -10.17
C ASN J 44 -42.80 -28.48 -11.56
N GLU J 45 -43.74 -29.42 -11.72
CA GLU J 45 -43.88 -30.17 -12.97
C GLU J 45 -44.49 -29.33 -14.09
N ILE J 46 -45.26 -28.31 -13.72
CA ILE J 46 -45.85 -27.37 -14.68
C ILE J 46 -44.78 -26.48 -15.33
N THR J 47 -43.91 -25.87 -14.50
CA THR J 47 -42.88 -24.96 -14.98
C THR J 47 -41.56 -25.64 -15.33
N ASN J 48 -41.43 -26.92 -14.99
CA ASN J 48 -40.19 -27.68 -15.20
C ASN J 48 -38.98 -27.07 -14.47
N GLU J 49 -39.14 -26.80 -13.18
CA GLU J 49 -38.10 -26.16 -12.38
C GLU J 49 -37.86 -26.94 -11.10
N VAL J 50 -36.59 -27.08 -10.72
CA VAL J 50 -36.24 -27.75 -9.47
C VAL J 50 -35.34 -26.87 -8.59
N ASP J 51 -35.52 -26.98 -7.28
CA ASP J 51 -34.67 -26.33 -6.31
C ASP J 51 -33.92 -27.42 -5.55
N VAL J 52 -32.60 -27.40 -5.63
CA VAL J 52 -31.78 -28.54 -5.21
C VAL J 52 -30.61 -28.09 -4.31
N VAL J 53 -30.13 -29.00 -3.46
CA VAL J 53 -28.92 -28.75 -2.66
C VAL J 53 -27.92 -29.84 -3.02
N PHE J 54 -26.71 -29.43 -3.39
CA PHE J 54 -25.70 -30.40 -3.77
C PHE J 54 -24.30 -29.95 -3.36
N TRP J 55 -23.42 -30.91 -3.09
CA TRP J 55 -21.99 -30.65 -3.00
C TRP J 55 -21.38 -30.71 -4.38
N GLN J 56 -20.76 -29.61 -4.83
CA GLN J 56 -20.10 -29.54 -6.14
C GLN J 56 -18.63 -29.82 -5.90
N GLN J 57 -18.31 -31.11 -5.90
CA GLN J 57 -16.98 -31.58 -5.62
C GLN J 57 -16.07 -31.36 -6.82
N THR J 58 -15.12 -30.43 -6.64
CA THR J 58 -14.23 -29.97 -7.70
C THR J 58 -12.79 -30.21 -7.28
N THR J 59 -12.04 -30.92 -8.12
CA THR J 59 -10.60 -31.07 -7.93
C THR J 59 -9.84 -30.74 -9.18
N TRP J 60 -8.62 -30.25 -8.98
CA TRP J 60 -7.68 -29.94 -10.05
C TRP J 60 -6.29 -29.77 -9.46
N SER J 61 -5.28 -29.80 -10.32
CA SER J 61 -3.92 -29.57 -9.88
C SER J 61 -3.45 -28.16 -10.23
N ASP J 62 -2.76 -27.52 -9.28
CA ASP J 62 -2.10 -26.23 -9.52
C ASP J 62 -0.71 -26.31 -8.91
N ARG J 63 0.29 -26.56 -9.74
CA ARG J 63 1.68 -26.81 -9.33
C ARG J 63 2.38 -25.57 -8.77
N THR J 64 1.82 -24.40 -9.01
CA THR J 64 2.41 -23.21 -8.44
C THR J 64 2.13 -23.12 -6.94
N LEU J 65 1.30 -24.02 -6.43
CA LEU J 65 0.93 -24.05 -5.02
C LEU J 65 1.78 -25.02 -4.22
N ALA J 66 2.47 -25.92 -4.91
CA ALA J 66 3.22 -27.01 -4.27
C ALA J 66 4.32 -26.49 -3.34
N TRP J 67 4.60 -27.25 -2.29
CA TRP J 67 5.70 -26.97 -1.38
C TRP J 67 6.33 -28.28 -0.96
N ASN J 68 7.56 -28.20 -0.49
CA ASN J 68 8.30 -29.34 0.01
C ASN J 68 7.77 -29.73 1.38
N SER J 69 7.07 -30.86 1.45
CA SER J 69 6.47 -31.28 2.72
C SER J 69 7.16 -32.46 3.40
N SER J 70 8.46 -32.65 3.14
CA SER J 70 9.18 -33.80 3.73
C SER J 70 9.23 -33.69 5.26
N HIS J 71 9.27 -32.44 5.75
CA HIS J 71 9.24 -32.16 7.18
C HIS J 71 8.21 -31.08 7.54
N SER J 72 7.11 -31.01 6.79
CA SER J 72 6.08 -30.01 7.01
C SER J 72 4.71 -30.65 6.80
N PRO J 73 3.65 -30.03 7.31
CA PRO J 73 2.28 -30.45 6.99
C PRO J 73 2.09 -30.57 5.49
N ASP J 74 1.37 -31.58 5.06
CA ASP J 74 1.22 -31.78 3.62
C ASP J 74 -0.13 -31.25 3.08
N GLN J 75 -0.93 -30.63 3.96
CA GLN J 75 -2.23 -30.11 3.57
C GLN J 75 -2.59 -28.85 4.37
N VAL J 76 -3.21 -27.88 3.71
CA VAL J 76 -3.79 -26.73 4.40
C VAL J 76 -5.14 -26.39 3.80
N SER J 77 -5.97 -25.67 4.57
CA SER J 77 -7.19 -25.03 4.06
C SER J 77 -6.91 -23.56 3.69
N VAL J 78 -7.34 -23.15 2.50
CA VAL J 78 -7.00 -21.84 1.94
C VAL J 78 -8.28 -21.18 1.46
N PRO J 79 -8.50 -19.89 1.75
CA PRO J 79 -9.66 -19.21 1.19
C PRO J 79 -9.55 -19.26 -0.33
N ILE J 80 -10.65 -19.52 -1.00
CA ILE J 80 -10.65 -19.61 -2.45
C ILE J 80 -10.27 -18.28 -3.11
N SER J 81 -10.41 -17.18 -2.37
CA SER J 81 -10.02 -15.86 -2.84
C SER J 81 -8.52 -15.80 -3.07
N SER J 82 -7.77 -16.67 -2.40
CA SER J 82 -6.32 -16.71 -2.60
C SER J 82 -5.87 -17.69 -3.71
N LEU J 83 -6.81 -18.36 -4.39
CA LEU J 83 -6.48 -19.46 -5.32
C LEU J 83 -7.17 -19.23 -6.64
N TRP J 84 -6.58 -19.70 -7.72
CA TRP J 84 -7.32 -19.75 -8.99
C TRP J 84 -8.32 -20.86 -8.80
N VAL J 85 -9.55 -20.61 -9.23
CA VAL J 85 -10.59 -21.61 -9.21
C VAL J 85 -11.21 -21.68 -10.62
N PRO J 86 -11.57 -22.88 -11.07
CA PRO J 86 -12.22 -22.98 -12.38
C PRO J 86 -13.55 -22.21 -12.46
N ASP J 87 -13.73 -21.50 -13.56
CA ASP J 87 -14.94 -20.73 -13.84
C ASP J 87 -16.16 -21.58 -14.26
N LEU J 88 -16.54 -22.53 -13.41
CA LEU J 88 -17.57 -23.50 -13.76
C LEU J 88 -18.94 -22.84 -13.61
N ALA J 89 -19.85 -23.21 -14.51
CA ALA J 89 -21.22 -22.74 -14.43
C ALA J 89 -22.15 -23.82 -14.88
N ALA J 90 -23.27 -23.94 -14.19
CA ALA J 90 -24.34 -24.83 -14.66
C ALA J 90 -25.12 -24.11 -15.75
N TYR J 91 -25.13 -24.73 -16.93
CA TYR J 91 -25.72 -24.14 -18.12
C TYR J 91 -27.22 -23.88 -17.99
N ASN J 92 -27.92 -24.77 -17.28
CA ASN J 92 -29.36 -24.67 -17.12
C ASN J 92 -29.83 -24.10 -15.78
N ALA J 93 -28.92 -23.48 -15.04
CA ALA J 93 -29.24 -22.86 -13.78
C ALA J 93 -30.07 -21.62 -14.08
N ILE J 94 -31.10 -21.36 -13.26
CA ILE J 94 -31.97 -20.19 -13.40
C ILE J 94 -31.89 -19.31 -12.16
N SER J 95 -30.97 -19.64 -11.26
CA SER J 95 -30.64 -18.77 -10.15
C SER J 95 -29.15 -18.81 -9.93
N LYS J 96 -28.64 -17.84 -9.20
CA LYS J 96 -27.22 -17.79 -8.87
C LYS J 96 -26.93 -18.86 -7.85
N PRO J 97 -25.77 -19.46 -7.92
CA PRO J 97 -25.44 -20.49 -6.94
C PRO J 97 -25.35 -19.86 -5.54
N GLU J 98 -26.15 -20.37 -4.60
CA GLU J 98 -26.11 -19.90 -3.21
C GLU J 98 -25.19 -20.90 -2.52
N VAL J 99 -23.99 -20.43 -2.18
CA VAL J 99 -23.00 -21.26 -1.52
C VAL J 99 -23.28 -21.23 -0.02
N LEU J 100 -23.51 -22.41 0.55
CA LEU J 100 -23.97 -22.52 1.94
C LEU J 100 -22.82 -22.65 2.96
N THR J 101 -21.65 -23.00 2.45
CA THR J 101 -20.52 -23.39 3.28
C THR J 101 -19.37 -22.38 3.23
N PRO J 102 -18.47 -22.42 4.22
CA PRO J 102 -17.26 -21.55 4.21
C PRO J 102 -16.49 -21.76 2.93
N GLN J 103 -16.02 -20.68 2.34
CA GLN J 103 -15.37 -20.73 1.04
C GLN J 103 -13.90 -21.02 1.16
N LEU J 104 -13.58 -22.23 1.59
CA LEU J 104 -12.20 -22.64 1.75
C LEU J 104 -11.98 -23.84 0.88
N ALA J 105 -10.81 -23.92 0.26
CA ALA J 105 -10.43 -25.14 -0.43
C ALA J 105 -9.34 -25.84 0.34
N ARG J 106 -9.14 -27.12 0.03
CA ARG J 106 -8.07 -27.87 0.64
C ARG J 106 -6.95 -28.05 -0.40
N VAL J 107 -5.74 -27.70 -0.03
CA VAL J 107 -4.60 -27.75 -0.91
C VAL J 107 -3.57 -28.72 -0.32
N VAL J 108 -3.14 -29.67 -1.14
CA VAL J 108 -2.14 -30.69 -0.81
C VAL J 108 -0.79 -30.20 -1.30
N SER J 109 0.28 -30.57 -0.61
CA SER J 109 1.62 -30.09 -0.93
C SER J 109 2.08 -30.38 -2.36
N ASP J 110 1.40 -31.27 -3.08
CA ASP J 110 1.79 -31.54 -4.47
C ASP J 110 1.02 -30.67 -5.45
N GLY J 111 0.22 -29.74 -4.91
CA GLY J 111 -0.52 -28.79 -5.72
C GLY J 111 -1.92 -29.21 -6.05
N GLU J 112 -2.42 -30.26 -5.41
CA GLU J 112 -3.75 -30.74 -5.73
C GLU J 112 -4.71 -29.90 -4.90
N VAL J 113 -5.77 -29.40 -5.56
CA VAL J 113 -6.77 -28.58 -4.89
C VAL J 113 -8.10 -29.30 -4.86
N LEU J 114 -8.75 -29.25 -3.70
CA LEU J 114 -10.01 -29.92 -3.48
C LEU J 114 -11.02 -28.87 -2.93
N TYR J 115 -11.98 -28.48 -3.77
CA TYR J 115 -12.99 -27.53 -3.39
C TYR J 115 -14.39 -28.14 -3.48
N MET J 116 -15.07 -28.26 -2.33
CA MET J 116 -16.40 -28.84 -2.32
C MET J 116 -17.46 -27.97 -1.61
N PRO J 117 -17.93 -26.89 -2.25
CA PRO J 117 -18.97 -26.07 -1.65
C PRO J 117 -20.30 -26.83 -1.63
N SER J 118 -21.11 -26.58 -0.60
CA SER J 118 -22.52 -26.98 -0.68
C SER J 118 -23.30 -25.81 -1.27
N ILE J 119 -24.09 -26.10 -2.30
CA ILE J 119 -24.74 -25.05 -3.09
C ILE J 119 -26.22 -25.34 -3.16
N ARG J 120 -27.04 -24.31 -2.99
CA ARG J 120 -28.43 -24.40 -3.31
C ARG J 120 -28.66 -23.62 -4.59
N GLN J 121 -29.32 -24.24 -5.55
CA GLN J 121 -29.53 -23.64 -6.86
C GLN J 121 -30.78 -24.18 -7.55
N ARG J 122 -31.44 -23.34 -8.33
CA ARG J 122 -32.60 -23.73 -9.08
C ARG J 122 -32.23 -24.01 -10.52
N PHE J 123 -32.92 -24.97 -11.11
CA PHE J 123 -32.61 -25.42 -12.45
C PHE J 123 -33.85 -25.57 -13.30
N SER J 124 -33.68 -25.33 -14.59
CA SER J 124 -34.71 -25.64 -15.57
C SER J 124 -34.32 -27.00 -16.17
N CYS J 125 -35.16 -27.99 -15.96
CA CYS J 125 -34.93 -29.32 -16.51
C CYS J 125 -36.24 -30.11 -16.53
N ASP J 126 -36.18 -31.31 -17.11
CA ASP J 126 -37.34 -32.19 -17.23
C ASP J 126 -37.84 -32.76 -15.89
N VAL J 127 -39.00 -32.31 -15.45
CA VAL J 127 -39.60 -32.73 -14.20
C VAL J 127 -40.76 -33.72 -14.42
N SER J 128 -41.11 -33.96 -15.68
CA SER J 128 -42.20 -34.87 -16.03
C SER J 128 -41.95 -36.29 -15.52
N GLY J 129 -42.99 -36.90 -14.96
CA GLY J 129 -42.86 -38.22 -14.39
C GLY J 129 -42.41 -38.26 -12.93
N VAL J 130 -42.20 -37.09 -12.31
CA VAL J 130 -41.73 -37.03 -10.92
C VAL J 130 -42.59 -37.84 -9.95
N ASP J 131 -43.90 -37.88 -10.20
CA ASP J 131 -44.82 -38.58 -9.31
C ASP J 131 -45.21 -39.96 -9.86
N THR J 132 -44.31 -40.57 -10.63
CA THR J 132 -44.48 -41.95 -11.10
C THR J 132 -43.36 -42.83 -10.53
N GLU J 133 -43.49 -44.14 -10.70
CA GLU J 133 -42.49 -45.09 -10.21
C GLU J 133 -41.15 -44.93 -10.92
N SER J 134 -41.21 -44.62 -12.22
CA SER J 134 -40.01 -44.41 -13.03
C SER J 134 -39.29 -43.14 -12.63
N GLY J 135 -40.05 -42.15 -12.17
CA GLY J 135 -39.50 -40.89 -11.71
C GLY J 135 -39.21 -39.95 -12.86
N ALA J 136 -38.73 -38.75 -12.51
CA ALA J 136 -38.27 -37.75 -13.45
C ALA J 136 -36.76 -37.87 -13.61
N THR J 137 -36.25 -37.44 -14.76
CA THR J 137 -34.81 -37.34 -14.97
C THR J 137 -34.38 -35.90 -15.28
N CYS J 138 -33.79 -35.27 -14.28
CA CYS J 138 -33.33 -33.90 -14.41
C CYS J 138 -31.85 -33.86 -14.72
N ARG J 139 -31.50 -33.28 -15.87
CA ARG J 139 -30.11 -33.18 -16.32
C ARG J 139 -29.53 -31.78 -16.07
N ILE J 140 -28.38 -31.76 -15.39
CA ILE J 140 -27.65 -30.53 -15.10
C ILE J 140 -26.29 -30.54 -15.79
N LYS J 141 -26.04 -29.53 -16.64
CA LYS J 141 -24.77 -29.44 -17.37
C LYS J 141 -23.85 -28.41 -16.76
N ILE J 142 -22.65 -28.83 -16.37
CA ILE J 142 -21.65 -27.92 -15.77
C ILE J 142 -20.36 -27.92 -16.57
N GLY J 143 -19.94 -26.73 -16.98
CA GLY J 143 -18.67 -26.56 -17.66
C GLY J 143 -18.07 -25.20 -17.40
N SER J 144 -16.85 -25.02 -17.91
CA SER J 144 -16.19 -23.72 -17.86
C SER J 144 -16.92 -22.69 -18.71
N TRP J 145 -17.16 -21.52 -18.14
CA TRP J 145 -17.87 -20.46 -18.86
C TRP J 145 -17.02 -19.86 -20.00
N THR J 146 -15.70 -19.77 -19.79
CA THR J 146 -14.89 -19.02 -20.71
C THR J 146 -13.65 -19.75 -21.24
N HIS J 147 -13.37 -20.95 -20.73
CA HIS J 147 -12.17 -21.68 -21.14
C HIS J 147 -12.57 -22.89 -21.96
N HIS J 148 -12.04 -22.98 -23.17
CA HIS J 148 -12.36 -24.05 -24.07
C HIS J 148 -11.52 -25.31 -23.78
N SER J 149 -11.69 -26.33 -24.62
CA SER J 149 -11.15 -27.67 -24.32
C SER J 149 -9.63 -27.77 -24.23
N ARG J 150 -8.91 -26.85 -24.87
CA ARG J 150 -7.45 -26.81 -24.78
C ARG J 150 -6.96 -26.19 -23.48
N GLU J 151 -7.85 -25.56 -22.74
CA GLU J 151 -7.48 -24.87 -21.48
C GLU J 151 -8.08 -25.52 -20.24
N ILE J 152 -9.35 -25.90 -20.33
CA ILE J 152 -9.95 -26.71 -19.27
C ILE J 152 -10.64 -27.91 -19.86
N SER J 153 -10.24 -29.10 -19.41
CA SER J 153 -11.01 -30.31 -19.70
C SER J 153 -11.77 -30.68 -18.44
N VAL J 154 -12.98 -31.24 -18.61
CA VAL J 154 -13.85 -31.47 -17.45
C VAL J 154 -14.13 -32.96 -17.45
N ASP J 155 -13.64 -33.63 -16.40
CA ASP J 155 -13.69 -35.08 -16.15
C ASP J 155 -14.89 -35.52 -15.25
N PRO J 156 -15.78 -36.37 -15.76
CA PRO J 156 -16.94 -36.84 -14.97
C PRO J 156 -16.54 -37.99 -14.06
N THR J 157 -16.90 -37.87 -12.79
CA THR J 157 -16.20 -38.64 -11.77
C THR J 157 -17.20 -39.25 -10.84
N THR J 158 -17.17 -40.58 -10.75
CA THR J 158 -17.89 -41.23 -9.69
C THR J 158 -16.91 -41.54 -8.55
N GLU J 159 -17.26 -41.08 -7.35
CA GLU J 159 -16.56 -41.44 -6.11
C GLU J 159 -16.92 -42.89 -5.71
N ASN J 160 -17.34 -43.09 -4.46
CA ASN J 160 -17.88 -44.40 -4.07
C ASN J 160 -19.32 -44.56 -4.57
N SER J 161 -19.88 -45.75 -4.42
CA SER J 161 -21.29 -46.00 -4.74
C SER J 161 -22.20 -45.10 -3.89
N ASP J 162 -23.46 -45.52 -3.74
CA ASP J 162 -24.47 -44.79 -2.97
C ASP J 162 -24.74 -43.34 -3.45
N ASP J 163 -25.65 -43.26 -4.41
CA ASP J 163 -26.19 -42.00 -4.90
C ASP J 163 -27.01 -41.33 -3.78
N SER J 164 -27.28 -42.11 -2.74
CA SER J 164 -28.09 -41.65 -1.62
C SER J 164 -27.28 -41.49 -0.34
N GLU J 165 -25.96 -41.68 -0.44
CA GLU J 165 -25.06 -41.57 0.71
C GLU J 165 -25.28 -40.32 1.57
N TYR J 166 -25.32 -39.16 0.94
CA TYR J 166 -25.42 -37.91 1.68
C TYR J 166 -26.78 -37.26 1.51
N PHE J 167 -27.67 -37.94 0.80
CA PHE J 167 -28.99 -37.41 0.54
C PHE J 167 -29.88 -37.46 1.78
N SER J 168 -30.61 -36.38 2.01
CA SER J 168 -31.49 -36.29 3.17
C SER J 168 -32.60 -37.34 3.16
N GLN J 169 -32.71 -38.07 4.26
CA GLN J 169 -33.78 -39.03 4.45
C GLN J 169 -35.12 -38.32 4.67
N TYR J 170 -35.07 -37.00 4.90
CA TYR J 170 -36.27 -36.23 5.26
C TYR J 170 -36.86 -35.47 4.07
N SER J 171 -36.17 -35.53 2.94
CA SER J 171 -36.71 -34.98 1.70
C SER J 171 -38.04 -35.66 1.34
N ARG J 172 -38.92 -34.90 0.70
CA ARG J 172 -40.15 -35.43 0.11
C ARG J 172 -39.85 -36.38 -1.05
N PHE J 173 -38.62 -36.29 -1.56
CA PHE J 173 -38.20 -37.04 -2.75
C PHE J 173 -37.14 -38.08 -2.43
N GLU J 174 -37.00 -39.06 -3.32
CA GLU J 174 -35.92 -40.00 -3.22
C GLU J 174 -35.13 -40.10 -4.54
N ILE J 175 -33.84 -40.41 -4.45
CA ILE J 175 -33.00 -40.61 -5.62
C ILE J 175 -33.01 -42.05 -6.07
N LEU J 176 -33.29 -42.24 -7.35
CA LEU J 176 -33.26 -43.55 -7.94
C LEU J 176 -31.89 -43.87 -8.53
N ASP J 177 -31.24 -42.89 -9.13
CA ASP J 177 -29.98 -43.10 -9.84
C ASP J 177 -29.34 -41.75 -10.16
N VAL J 178 -28.02 -41.69 -10.06
CA VAL J 178 -27.26 -40.48 -10.44
C VAL J 178 -26.11 -40.90 -11.35
N THR J 179 -26.10 -40.36 -12.57
CA THR J 179 -25.05 -40.68 -13.51
C THR J 179 -24.41 -39.42 -14.06
N GLN J 180 -23.17 -39.57 -14.50
CA GLN J 180 -22.45 -38.44 -15.07
C GLN J 180 -21.82 -38.80 -16.39
N LYS J 181 -21.88 -37.88 -17.35
CA LYS J 181 -21.28 -38.12 -18.68
C LYS J 181 -20.58 -36.86 -19.20
N LYS J 182 -19.67 -37.04 -20.15
CA LYS J 182 -18.86 -35.94 -20.68
C LYS J 182 -19.33 -35.54 -22.06
N ASN J 183 -19.72 -34.28 -22.22
CA ASN J 183 -19.92 -33.73 -23.56
C ASN J 183 -18.85 -32.73 -23.91
N SER J 184 -18.57 -32.64 -25.20
CA SER J 184 -17.61 -31.70 -25.74
C SER J 184 -18.19 -31.08 -27.01
N VAL J 185 -18.60 -29.82 -26.91
CA VAL J 185 -19.44 -29.16 -27.93
C VAL J 185 -18.84 -27.91 -28.58
N THR J 186 -19.07 -27.78 -29.90
CA THR J 186 -18.77 -26.56 -30.65
C THR J 186 -20.06 -25.80 -30.96
N TYR J 187 -20.22 -24.63 -30.35
CA TYR J 187 -21.41 -23.81 -30.56
C TYR J 187 -21.19 -22.72 -31.60
N SER J 188 -22.29 -22.06 -32.01
CA SER J 188 -22.29 -21.08 -33.11
C SER J 188 -21.42 -19.83 -32.85
N CYS J 189 -21.44 -19.37 -31.60
CA CYS J 189 -20.74 -18.16 -31.13
C CYS J 189 -19.23 -18.21 -31.33
N CYS J 190 -18.66 -19.39 -31.10
CA CYS J 190 -17.24 -19.51 -30.81
C CYS J 190 -16.59 -20.60 -31.68
N PRO J 191 -15.35 -20.40 -32.13
CA PRO J 191 -14.64 -21.39 -32.98
C PRO J 191 -13.98 -22.60 -32.27
N GLU J 192 -14.13 -22.74 -30.95
CA GLU J 192 -13.54 -23.88 -30.22
C GLU J 192 -14.61 -24.70 -29.48
N ALA J 193 -14.21 -25.84 -28.89
CA ALA J 193 -15.09 -26.76 -28.18
C ALA J 193 -15.03 -26.55 -26.68
N TYR J 194 -16.19 -26.61 -26.02
CA TYR J 194 -16.31 -26.43 -24.58
C TYR J 194 -16.77 -27.73 -23.97
N GLU J 195 -16.05 -28.17 -22.94
CA GLU J 195 -16.40 -29.40 -22.25
C GLU J 195 -17.39 -29.17 -21.14
N ASP J 196 -18.29 -30.13 -20.94
CA ASP J 196 -19.13 -30.12 -19.76
C ASP J 196 -19.34 -31.53 -19.21
N VAL J 197 -19.68 -31.62 -17.93
CA VAL J 197 -20.20 -32.84 -17.34
C VAL J 197 -21.70 -32.67 -17.22
N GLU J 198 -22.43 -33.63 -17.79
CA GLU J 198 -23.88 -33.69 -17.67
C GLU J 198 -24.23 -34.69 -16.58
N VAL J 199 -24.88 -34.18 -15.52
CA VAL J 199 -25.35 -35.00 -14.41
C VAL J 199 -26.83 -35.30 -14.57
N SER J 200 -27.17 -36.59 -14.69
CA SER J 200 -28.56 -36.99 -14.74
C SER J 200 -29.06 -37.44 -13.38
N LEU J 201 -30.01 -36.69 -12.85
CA LEU J 201 -30.63 -36.99 -11.57
C LEU J 201 -31.99 -37.64 -11.83
N ASN J 202 -32.07 -38.96 -11.60
CA ASN J 202 -33.32 -39.70 -11.66
C ASN J 202 -33.89 -39.75 -10.25
N PHE J 203 -35.04 -39.12 -10.06
CA PHE J 203 -35.65 -38.98 -8.75
C PHE J 203 -37.15 -39.05 -8.84
N ARG J 204 -37.80 -39.30 -7.70
CA ARG J 204 -39.26 -39.37 -7.64
C ARG J 204 -39.78 -38.92 -6.27
N LYS J 205 -41.04 -38.50 -6.24
CA LYS J 205 -41.74 -38.24 -4.98
C LYS J 205 -41.95 -39.56 -4.25
N LYS J 206 -41.73 -39.55 -2.95
CA LYS J 206 -41.95 -40.73 -2.12
C LYS J 206 -43.43 -41.06 -2.05
N GLY J 207 -43.73 -42.36 -1.99
CA GLY J 207 -45.09 -42.83 -1.85
C GLY J 207 -45.49 -43.02 -0.40
N1 EPE K . 19.45 34.47 -1.85
C2 EPE K . 19.29 33.06 -2.19
C3 EPE K . 17.81 32.67 -2.26
N4 EPE K . 16.95 33.67 -2.87
C5 EPE K . 17.40 35.05 -3.06
C6 EPE K . 18.92 35.26 -2.97
C7 EPE K . 15.55 33.40 -3.03
C8 EPE K . 15.23 32.65 -4.32
O8 EPE K . 15.55 31.28 -4.19
C9 EPE K . 20.86 34.73 -1.49
C10 EPE K . 21.49 35.90 -2.24
S EPE K . 23.15 36.38 -1.68
O1S EPE K . 24.03 35.20 -1.63
O2S EPE K . 23.05 36.98 -0.33
O3S EPE K . 23.70 37.38 -2.61
C1 NAG L . -9.53 19.42 26.42
C2 NAG L . -10.74 20.25 25.97
C3 NAG L . -11.60 20.54 27.21
C4 NAG L . -11.93 19.28 28.00
C5 NAG L . -10.74 18.31 28.19
C6 NAG L . -11.25 16.94 28.64
C7 NAG L . -11.07 22.07 24.26
C8 NAG L . -11.94 23.26 24.61
N2 NAG L . -10.38 21.49 25.27
O3 NAG L . -12.81 21.15 26.85
O4 NAG L . -12.47 19.70 29.24
O5 NAG L . -9.97 18.19 27.00
O6 NAG L . -10.25 15.93 28.67
O7 NAG L . -11.01 21.71 23.08
S SO4 M . 24.41 13.23 -24.81
O1 SO4 M . 25.63 13.56 -25.56
O2 SO4 M . 24.77 12.35 -23.69
O3 SO4 M . 23.81 14.46 -24.35
O4 SO4 M . 23.48 12.51 -25.67
N NH4 N . 26.88 15.24 -23.68
N NH4 O . 22.79 10.12 -24.38
C1 NAG P . -11.45 29.47 -12.43
C2 NAG P . -11.99 28.87 -13.74
C3 NAG P . -13.09 29.75 -14.35
C4 NAG P . -13.98 30.50 -13.34
C5 NAG P . -13.35 30.81 -11.99
C6 NAG P . -14.45 31.07 -10.96
C7 NAG P . -10.72 29.06 -15.94
C8 NAG P . -11.20 28.18 -17.07
N2 NAG P . -10.89 28.58 -14.68
O3 NAG P . -13.94 28.93 -15.15
O4 NAG P . -14.42 31.71 -13.94
O5 NAG P . -12.54 29.73 -11.56
O6 NAG P . -13.94 30.98 -9.63
O7 NAG P . -10.14 30.14 -16.23
N1 EPE Q . 36.06 -11.71 -12.40
C2 EPE Q . 35.15 -11.18 -11.38
C3 EPE Q . 33.73 -11.75 -11.50
N4 EPE Q . 33.66 -13.09 -12.01
C5 EPE Q . 34.83 -13.81 -12.49
C6 EPE Q . 36.17 -13.17 -12.19
C7 EPE Q . 32.36 -13.72 -12.16
C8 EPE Q . 31.88 -14.38 -10.87
O8 EPE Q . 31.39 -13.37 -10.02
C9 EPE Q . 37.33 -10.96 -12.40
C10 EPE Q . 38.59 -11.82 -12.31
S EPE Q . 40.13 -10.90 -12.48
O1S EPE Q . 40.20 -9.84 -11.47
O2S EPE Q . 40.23 -10.34 -13.83
O3S EPE Q . 41.26 -11.82 -12.28
C1 NAG R . -0.54 -1.29 -33.64
C2 NAG R . -0.99 -2.56 -34.34
C3 NAG R . -1.85 -2.28 -35.57
C4 NAG R . -2.85 -1.13 -35.42
C5 NAG R . -2.45 -0.02 -34.44
C6 NAG R . -3.70 0.67 -33.91
C7 NAG R . 0.38 -4.56 -34.14
C8 NAG R . -0.71 -5.12 -33.28
N2 NAG R . 0.16 -3.38 -34.72
O3 NAG R . -2.55 -3.50 -35.80
O4 NAG R . -3.00 -0.53 -36.68
O5 NAG R . -1.66 -0.47 -33.34
O6 NAG R . -3.42 2.03 -33.66
O7 NAG R . 1.44 -5.17 -34.30
N1 EPE S . 29.18 -8.83 19.59
C2 EPE S . 30.01 -9.84 20.26
C3 EPE S . 31.18 -10.24 19.36
N4 EPE S . 31.88 -9.09 18.82
C5 EPE S . 31.13 -7.89 18.48
C6 EPE S . 29.97 -7.60 19.41
C7 EPE S . 33.09 -9.36 18.07
C8 EPE S . 34.38 -8.92 18.74
O8 EPE S . 34.33 -9.23 20.12
C9 EPE S . 28.02 -8.59 20.45
C10 EPE S . 26.99 -7.68 19.77
S EPE S . 25.40 -7.67 20.62
O1S EPE S . 25.53 -7.23 22.03
O2S EPE S . 24.87 -9.03 20.60
O3S EPE S . 24.50 -6.74 19.90
C1 NAG T . 8.90 -31.08 -8.87
C2 NAG T . 8.39 -32.09 -7.86
C3 NAG T . 8.05 -33.44 -8.52
C4 NAG T . 7.08 -33.21 -9.69
C5 NAG T . 7.61 -32.09 -10.59
C6 NAG T . 6.58 -31.72 -11.65
C7 NAG T . 9.02 -32.31 -5.54
C8 NAG T . 7.76 -31.65 -5.09
N2 NAG T . 9.37 -32.25 -6.82
O3 NAG T . 7.41 -34.27 -7.58
O4 NAG T . 6.90 -34.41 -10.42
O5 NAG T . 7.91 -30.92 -9.85
O6 NAG T . 7.13 -30.66 -12.39
O7 NAG T . 9.69 -32.92 -4.74
N1 EPE U . 23.85 19.80 25.56
C2 EPE U . 23.32 19.46 24.22
C3 EPE U . 21.93 18.87 24.31
N4 EPE U . 21.07 19.66 25.16
C5 EPE U . 21.59 20.21 26.40
C6 EPE U . 22.99 20.81 26.20
C7 EPE U . 19.64 19.61 24.94
C8 EPE U . 19.13 20.84 24.20
O8 EPE U . 18.32 20.44 23.13
C9 EPE U . 25.27 20.18 25.39
C10 EPE U . 25.80 21.25 26.34
S EPE U . 27.56 21.03 26.71
O1S EPE U . 28.34 20.97 25.47
O2S EPE U . 27.73 19.79 27.47
O3S EPE U . 28.05 22.16 27.52
C1 NAG V . 3.43 -17.98 28.45
C2 NAG V . 2.34 -17.53 29.45
C3 NAG V . 1.80 -18.67 30.33
C4 NAG V . 1.73 -20.05 29.66
C5 NAG V . 2.86 -20.27 28.64
C6 NAG V . 2.67 -21.57 27.87
C7 NAG V . 1.99 -15.62 30.96
C8 NAG V . 1.45 -14.46 30.19
N2 NAG V . 2.82 -16.44 30.30
O3 NAG V . 0.48 -18.39 30.71
O4 NAG V . 1.79 -21.02 30.69
O5 NAG V . 2.96 -19.14 27.76
O6 NAG V . 1.68 -21.46 26.89
O7 NAG V . 1.66 -15.81 32.15
N1 EPE W . -29.29 8.14 -19.72
C2 EPE W . -29.46 8.16 -18.26
C3 EPE W . -28.34 9.00 -17.66
N4 EPE W . -27.90 10.15 -18.46
C5 EPE W . -28.39 10.37 -19.81
C6 EPE W . -29.52 9.46 -20.29
C7 EPE W . -26.62 10.79 -18.15
C8 EPE W . -26.59 11.48 -16.78
O8 EPE W . -26.21 10.52 -15.81
C9 EPE W . -30.18 7.14 -20.33
C10 EPE W . -31.63 7.58 -20.23
S EPE W . -32.68 6.37 -21.06
O1S EPE W . -32.84 5.20 -20.19
O2S EPE W . -32.01 5.95 -22.30
O3S EPE W . -34.00 6.92 -21.32
C1 NAG X . 6.14 -8.59 -32.17
C2 NAG X . 6.81 -7.29 -32.63
C3 NAG X . 7.62 -7.55 -33.90
C4 NAG X . 8.70 -8.57 -33.57
C5 NAG X . 8.06 -9.83 -32.96
C6 NAG X . 9.14 -10.80 -32.52
C7 NAG X . 6.17 -5.05 -31.92
C8 NAG X . 5.02 -4.56 -31.07
N2 NAG X . 5.92 -6.13 -32.70
O3 NAG X . 8.25 -6.38 -34.40
O4 NAG X . 9.41 -8.90 -34.74
O5 NAG X . 7.18 -9.51 -31.87
O6 NAG X . 9.73 -10.33 -31.33
O7 NAG X . 7.27 -4.47 -31.87
S SO4 Y . -32.87 13.26 10.12
O1 SO4 Y . -31.89 12.22 10.48
O2 SO4 Y . -34.19 12.81 10.54
O3 SO4 Y . -32.56 14.51 10.82
O4 SO4 Y . -32.90 13.50 8.68
N NH4 Z . -35.43 13.37 8.12
N NH4 AA . -30.05 13.51 12.31
C1 NAG BA . -6.72 26.85 -19.32
C2 NAG BA . -6.15 27.93 -18.38
C3 NAG BA . -5.70 29.13 -19.19
C4 NAG BA . -4.76 28.71 -20.31
C5 NAG BA . -5.38 27.57 -21.11
C6 NAG BA . -4.41 27.05 -22.19
C7 NAG BA . -6.84 28.56 -16.17
C8 NAG BA . -7.38 27.59 -15.16
N2 NAG BA . -7.17 28.34 -17.43
O3 NAG BA . -5.05 30.06 -18.35
O4 NAG BA . -4.55 29.83 -21.12
O5 NAG BA . -5.75 26.48 -20.26
O6 NAG BA . -4.01 25.73 -21.85
O7 NAG BA . -6.14 29.51 -15.83
N1 EPE CA . -28.61 -11.55 25.68
C2 EPE CA . -27.81 -11.71 24.46
C3 EPE CA . -26.38 -11.21 24.63
N4 EPE CA . -25.81 -11.36 25.95
C5 EPE CA . -26.64 -11.71 27.10
C6 EPE CA . -27.98 -12.35 26.74
C7 EPE CA . -24.47 -10.87 26.20
C8 EPE CA . -23.40 -11.88 25.82
O8 EPE CA . -23.21 -11.84 24.42
C9 EPE CA . -30.02 -11.87 25.39
C10 EPE CA . -30.67 -12.89 26.33
S EPE CA . -32.46 -13.06 26.10
O1S EPE CA . -32.74 -13.37 24.69
O2S EPE CA . -33.15 -11.83 26.50
O3S EPE CA . -32.96 -14.14 26.94
C1 NAG DA . -7.84 26.21 20.13
C2 NAG DA . -6.97 26.29 21.39
C3 NAG DA . -6.40 27.69 21.67
C4 NAG DA . -6.15 28.53 20.40
C5 NAG DA . -7.16 28.27 19.30
C6 NAG DA . -6.81 29.02 18.01
C7 NAG DA . -7.50 24.69 23.21
C8 NAG DA . -6.18 23.96 23.09
N2 NAG DA . -7.71 25.84 22.55
O3 NAG DA . -5.20 27.50 22.40
O4 NAG DA . -6.16 29.93 20.66
O5 NAG DA . -7.25 26.87 19.04
O6 NAG DA . -5.39 29.18 17.92
O7 NAG DA . -8.38 24.20 23.94
N1 EPE EA . -15.49 -32.06 4.07
C2 EPE EA . -15.53 -33.27 4.90
C3 EPE EA . -16.64 -33.15 5.93
N4 EPE EA . -17.89 -32.83 5.29
C5 EPE EA . -17.91 -31.94 4.14
C6 EPE EA . -16.70 -32.03 3.24
C7 EPE EA . -19.08 -32.85 6.12
C8 EPE EA . -20.10 -33.91 5.73
O8 EPE EA . -19.42 -35.10 5.40
C9 EPE EA . -14.31 -32.17 3.21
C10 EPE EA . -14.08 -30.89 2.40
S EPE EA . -12.42 -30.79 1.69
O1S EPE EA . -12.18 -31.88 0.73
O2S EPE EA . -11.43 -30.88 2.79
O3S EPE EA . -12.32 -29.51 0.96
C1 NAG FA . 4.40 -9.52 32.11
C2 NAG FA . 5.74 -10.28 32.18
C3 NAG FA . 6.62 -9.88 33.37
C4 NAG FA . 6.75 -8.37 33.41
C5 NAG FA . 5.35 -7.77 33.46
C6 NAG FA . 5.38 -6.24 33.59
C7 NAG FA . 6.01 -12.55 31.35
C8 NAG FA . 7.46 -12.96 31.40
N2 NAG FA . 5.55 -11.72 32.29
O3 NAG FA . 7.90 -10.46 33.30
O4 NAG FA . 7.55 -8.04 34.53
O5 NAG FA . 4.62 -8.13 32.29
O6 NAG FA . 6.73 -5.82 33.54
O7 NAG FA . 5.28 -12.95 30.44
N1 EPE GA . -22.41 -22.87 -23.25
C2 EPE GA . -22.30 -21.61 -22.50
C3 EPE GA . -20.89 -21.03 -22.54
N4 EPE GA . -20.15 -21.30 -23.77
C5 EPE GA . -20.63 -22.22 -24.77
C6 EPE GA . -22.11 -22.59 -24.66
C7 EPE GA . -18.80 -20.82 -23.87
C8 EPE GA . -18.71 -19.37 -24.36
O8 EPE GA . -19.02 -18.49 -23.31
C9 EPE GA . -23.72 -23.49 -22.98
C10 EPE GA . -24.54 -23.83 -24.23
S EPE GA . -26.09 -24.73 -23.92
O1S EPE GA . -26.91 -23.97 -22.97
O2S EPE GA . -25.81 -26.07 -23.36
O3S EPE GA . -26.81 -24.88 -25.19
C1 NAG HA . 12.88 -31.00 0.15
C2 NAG HA . 13.89 -31.19 -0.99
C3 NAG HA . 14.92 -32.21 -0.51
C4 NAG HA . 15.66 -31.58 0.64
C5 NAG HA . 14.71 -31.17 1.77
C6 NAG HA . 15.42 -30.27 2.79
C7 NAG HA . 13.25 -30.87 -3.34
C8 NAG HA . 12.66 -29.49 -3.25
N2 NAG HA . 13.28 -31.63 -2.22
O3 NAG HA . 15.85 -32.52 -1.53
O4 NAG HA . 16.67 -32.48 1.08
O5 NAG HA . 13.54 -30.48 1.31
O6 NAG HA . 16.60 -30.86 3.37
O7 NAG HA . 13.69 -31.26 -4.43
#